data_6KFC
# 
_entry.id   6KFC 
# 
_audit_conform.dict_name       mmcif_pdbx.dic 
_audit_conform.dict_version    5.397 
_audit_conform.dict_location   http://mmcif.pdb.org/dictionaries/ascii/mmcif_pdbx.dic 
# 
loop_
_database_2.database_id 
_database_2.database_code 
_database_2.pdbx_database_accession 
_database_2.pdbx_DOI 
PDB   6KFC         pdb_00006kfc 10.2210/pdb6kfc/pdb 
WWPDB D_1300012463 ?            ?                   
# 
loop_
_pdbx_audit_revision_history.ordinal 
_pdbx_audit_revision_history.data_content_type 
_pdbx_audit_revision_history.major_revision 
_pdbx_audit_revision_history.minor_revision 
_pdbx_audit_revision_history.revision_date 
1 'Structure model' 1 0 2020-07-08 
2 'Structure model' 2 0 2020-07-29 
3 'Structure model' 2 1 2021-06-23 
4 'Structure model' 2 2 2023-11-22 
5 'Structure model' 2 3 2024-10-23 
# 
loop_
_pdbx_audit_revision_details.ordinal 
_pdbx_audit_revision_details.revision_ordinal 
_pdbx_audit_revision_details.data_content_type 
_pdbx_audit_revision_details.provider 
_pdbx_audit_revision_details.type 
_pdbx_audit_revision_details.description 
_pdbx_audit_revision_details.details 
1 1 'Structure model' repository 'Initial release' ?                          ? 
2 2 'Structure model' repository Remediation       'Carbohydrate remediation' ? 
# 
loop_
_pdbx_audit_revision_group.ordinal 
_pdbx_audit_revision_group.revision_ordinal 
_pdbx_audit_revision_group.data_content_type 
_pdbx_audit_revision_group.group 
1  2 'Structure model' 'Atomic model'           
2  2 'Structure model' 'Data collection'        
3  2 'Structure model' 'Derived calculations'   
4  2 'Structure model' 'Structure summary'      
5  3 'Structure model' 'Database references'    
6  3 'Structure model' 'Derived calculations'   
7  3 'Structure model' 'Structure summary'      
8  4 'Structure model' 'Data collection'        
9  4 'Structure model' 'Database references'    
10 4 'Structure model' 'Refinement description' 
11 5 'Structure model' 'Structure summary'      
# 
loop_
_pdbx_audit_revision_category.ordinal 
_pdbx_audit_revision_category.revision_ordinal 
_pdbx_audit_revision_category.data_content_type 
_pdbx_audit_revision_category.category 
1  2 'Structure model' atom_site                     
2  2 'Structure model' chem_comp                     
3  2 'Structure model' entity                        
4  2 'Structure model' pdbx_branch_scheme            
5  2 'Structure model' pdbx_chem_comp_identifier     
6  2 'Structure model' pdbx_entity_branch            
7  2 'Structure model' pdbx_entity_branch_descriptor 
8  2 'Structure model' pdbx_entity_branch_link       
9  2 'Structure model' pdbx_entity_branch_list       
10 2 'Structure model' pdbx_entity_nonpoly           
11 2 'Structure model' pdbx_nonpoly_scheme           
12 2 'Structure model' pdbx_struct_assembly_gen      
13 2 'Structure model' struct_asym                   
14 2 'Structure model' struct_conn                   
15 2 'Structure model' struct_site                   
16 2 'Structure model' struct_site_gen               
17 3 'Structure model' chem_comp                     
18 3 'Structure model' citation                      
19 3 'Structure model' citation_author               
20 3 'Structure model' struct_conn                   
21 4 'Structure model' chem_comp_atom                
22 4 'Structure model' chem_comp_bond                
23 4 'Structure model' database_2                    
24 4 'Structure model' pdbx_initial_refinement_model 
25 5 'Structure model' pdbx_entry_details            
26 5 'Structure model' pdbx_modification_feature     
# 
loop_
_pdbx_audit_revision_item.ordinal 
_pdbx_audit_revision_item.revision_ordinal 
_pdbx_audit_revision_item.data_content_type 
_pdbx_audit_revision_item.item 
1  2 'Structure model' '_atom_site.B_iso_or_equiv'                    
2  2 'Structure model' '_atom_site.Cartn_x'                           
3  2 'Structure model' '_atom_site.Cartn_y'                           
4  2 'Structure model' '_atom_site.Cartn_z'                           
5  2 'Structure model' '_atom_site.auth_asym_id'                      
6  2 'Structure model' '_atom_site.auth_atom_id'                      
7  2 'Structure model' '_atom_site.auth_comp_id'                      
8  2 'Structure model' '_atom_site.auth_seq_id'                       
9  2 'Structure model' '_atom_site.label_asym_id'                     
10 2 'Structure model' '_atom_site.label_atom_id'                     
11 2 'Structure model' '_atom_site.label_comp_id'                     
12 2 'Structure model' '_atom_site.label_entity_id'                   
13 2 'Structure model' '_atom_site.type_symbol'                       
14 2 'Structure model' '_chem_comp.name'                              
15 2 'Structure model' '_entity.formula_weight'                       
16 2 'Structure model' '_entity.pdbx_description'                     
17 2 'Structure model' '_entity.pdbx_number_of_molecules'             
18 2 'Structure model' '_entity.src_method'                           
19 2 'Structure model' '_entity.type'                                 
20 2 'Structure model' '_pdbx_struct_assembly_gen.asym_id_list'       
21 2 'Structure model' '_struct_conn.pdbx_dist_value'                 
22 2 'Structure model' '_struct_conn.pdbx_role'                       
23 2 'Structure model' '_struct_conn.ptnr1_auth_asym_id'              
24 2 'Structure model' '_struct_conn.ptnr1_auth_seq_id'               
25 2 'Structure model' '_struct_conn.ptnr1_label_asym_id'             
26 2 'Structure model' '_struct_conn.ptnr1_label_seq_id'              
27 2 'Structure model' '_struct_conn.ptnr2_auth_asym_id'              
28 2 'Structure model' '_struct_conn.ptnr2_auth_seq_id'               
29 2 'Structure model' '_struct_conn.ptnr2_label_asym_id'             
30 2 'Structure model' '_struct_conn.ptnr2_label_seq_id'              
31 2 'Structure model' '_struct_conn.ptnr2_symmetry'                  
32 3 'Structure model' '_chem_comp.pdbx_synonyms'                     
33 3 'Structure model' '_citation.country'                            
34 3 'Structure model' '_citation.journal_abbrev'                     
35 3 'Structure model' '_citation.journal_id_CSD'                     
36 3 'Structure model' '_citation.journal_id_ISSN'                    
37 3 'Structure model' '_citation.journal_volume'                     
38 3 'Structure model' '_citation.page_first'                         
39 3 'Structure model' '_citation.page_last'                          
40 3 'Structure model' '_citation.pdbx_database_id_DOI'               
41 3 'Structure model' '_citation.pdbx_database_id_PubMed'            
42 3 'Structure model' '_citation.title'                              
43 3 'Structure model' '_citation.year'                               
44 3 'Structure model' '_struct_conn.pdbx_leaving_atom_flag'          
45 4 'Structure model' '_database_2.pdbx_DOI'                         
46 4 'Structure model' '_database_2.pdbx_database_accession'          
47 5 'Structure model' '_pdbx_entry_details.has_protein_modification' 
# 
_pdbx_database_status.status_code                     REL 
_pdbx_database_status.status_code_sf                  REL 
_pdbx_database_status.status_code_mr                  ? 
_pdbx_database_status.entry_id                        6KFC 
_pdbx_database_status.recvd_initial_deposition_date   2019-07-07 
_pdbx_database_status.SG_entry                        N 
_pdbx_database_status.deposit_site                    PDBJ 
_pdbx_database_status.process_site                    PDBJ 
_pdbx_database_status.status_code_cs                  ? 
_pdbx_database_status.methods_development_category    ? 
_pdbx_database_status.pdb_format_compatible           Y 
_pdbx_database_status.status_code_nmr_data            ? 
# 
loop_
_audit_author.name 
_audit_author.pdbx_ordinal 
_audit_author.identifier_ORCID 
'Motojima, F.' 1 0000-0003-4461-8673 
'Izumi, A.'    2 ?                   
'Asano, Y.'    3 0000-0003-3645-3952 
# 
_citation.abstract                  ? 
_citation.abstract_id_CAS           ? 
_citation.book_id_ISBN              ? 
_citation.book_publisher            ? 
_citation.book_publisher_city       ? 
_citation.book_title                ? 
_citation.coordinate_linkage        ? 
_citation.country                   UK 
_citation.database_id_Medline       ? 
_citation.details                   ? 
_citation.id                        primary 
_citation.journal_abbrev            'Febs J.' 
_citation.journal_id_ASTM           ? 
_citation.journal_id_CSD            ? 
_citation.journal_id_ISSN           1742-464X 
_citation.journal_full              ? 
_citation.journal_issue             ? 
_citation.journal_volume            288 
_citation.language                  ? 
_citation.page_first                1679 
_citation.page_last                 1695 
_citation.title                     
;R-hydroxynitrile lyase from the cyanogenic millipede, Chamberlinius hualienensis-A new entry to the carrier protein family Lipocalines.
;
_citation.year                      2021 
_citation.database_id_CSD           ? 
_citation.pdbx_database_id_DOI      10.1111/febs.15490 
_citation.pdbx_database_id_PubMed   32679618 
_citation.unpublished_flag          ? 
# 
loop_
_citation_author.citation_id 
_citation_author.name 
_citation_author.ordinal 
_citation_author.identifier_ORCID 
primary 'Motojima, F.'    1 0000-0003-4461-8673 
primary 'Izumi, A.'       2 ?                   
primary 'Nuylert, A.'     3 0000-0002-8312-9592 
primary 'Zhai, Z.'        4 0000-0003-1691-5945 
primary 'Dadashipour, M.' 5 0000-0002-4842-9282 
primary 'Shichida, S.'    6 ?                   
primary 'Yamaguchi, T.'   7 0000-0002-7533-430X 
primary 'Nakano, S.'      8 0000-0002-6614-7158 
primary 'Asano, Y.'       9 0000-0003-3645-3952 
# 
loop_
_entity.id 
_entity.type 
_entity.src_method 
_entity.pdbx_description 
_entity.formula_weight 
_entity.pdbx_number_of_molecules 
_entity.pdbx_ec 
_entity.pdbx_mutation 
_entity.pdbx_fragment 
_entity.details 
1 polymer     nat 'Hydroxynitrile lyase'                                                18241.252 1   ? ? ? ? 
2 branched    man 'alpha-L-fucopyranose-(1-6)-2-acetamido-2-deoxy-beta-D-glucopyranose' 367.349   1   ? ? ? ? 
3 non-polymer syn 'CYANIDE ION'                                                         26.017    1   ? ? ? ? 
4 non-polymer man 2-acetamido-2-deoxy-beta-D-glucopyranose                              221.208   1   ? ? ? ? 
5 water       nat water                                                                 18.015    141 ? ? ? ? 
# 
_entity_poly.entity_id                      1 
_entity_poly.type                           'polypeptide(L)' 
_entity_poly.nstd_linkage                   no 
_entity_poly.nstd_monomer                   no 
_entity_poly.pdbx_seq_one_letter_code       
;LTCDQLPKAAINPIQEFIDSNPLEFEYVLTETFECTTRIYVQPARWSTTKAPTALDIKGTQIMAYDFVGGPENSAHLNEC
HTGDKQVWYFQYTNLLTDNGSSYCAYRCNGTEIIEYKCASNNNGTDPLQHQAMEVAKTVPNGDKIHYAKSNCPETHGCFA
FY
;
_entity_poly.pdbx_seq_one_letter_code_can   
;LTCDQLPKAAINPIQEFIDSNPLEFEYVLTETFECTTRIYVQPARWSTTKAPTALDIKGTQIMAYDFVGGPENSAHLNEC
HTGDKQVWYFQYTNLLTDNGSSYCAYRCNGTEIIEYKCASNNNGTDPLQHQAMEVAKTVPNGDKIHYAKSNCPETHGCFA
FY
;
_entity_poly.pdbx_strand_id                 A 
_entity_poly.pdbx_target_identifier         ? 
# 
loop_
_pdbx_entity_nonpoly.entity_id 
_pdbx_entity_nonpoly.name 
_pdbx_entity_nonpoly.comp_id 
3 'CYANIDE ION'                            CYN 
4 2-acetamido-2-deoxy-beta-D-glucopyranose NAG 
5 water                                    HOH 
# 
loop_
_entity_poly_seq.entity_id 
_entity_poly_seq.num 
_entity_poly_seq.mon_id 
_entity_poly_seq.hetero 
1 1   LEU n 
1 2   THR n 
1 3   CYS n 
1 4   ASP n 
1 5   GLN n 
1 6   LEU n 
1 7   PRO n 
1 8   LYS n 
1 9   ALA n 
1 10  ALA n 
1 11  ILE n 
1 12  ASN n 
1 13  PRO n 
1 14  ILE n 
1 15  GLN n 
1 16  GLU n 
1 17  PHE n 
1 18  ILE n 
1 19  ASP n 
1 20  SER n 
1 21  ASN n 
1 22  PRO n 
1 23  LEU n 
1 24  GLU n 
1 25  PHE n 
1 26  GLU n 
1 27  TYR n 
1 28  VAL n 
1 29  LEU n 
1 30  THR n 
1 31  GLU n 
1 32  THR n 
1 33  PHE n 
1 34  GLU n 
1 35  CYS n 
1 36  THR n 
1 37  THR n 
1 38  ARG n 
1 39  ILE n 
1 40  TYR n 
1 41  VAL n 
1 42  GLN n 
1 43  PRO n 
1 44  ALA n 
1 45  ARG n 
1 46  TRP n 
1 47  SER n 
1 48  THR n 
1 49  THR n 
1 50  LYS n 
1 51  ALA n 
1 52  PRO n 
1 53  THR n 
1 54  ALA n 
1 55  LEU n 
1 56  ASP n 
1 57  ILE n 
1 58  LYS n 
1 59  GLY n 
1 60  THR n 
1 61  GLN n 
1 62  ILE n 
1 63  MET n 
1 64  ALA n 
1 65  TYR n 
1 66  ASP n 
1 67  PHE n 
1 68  VAL n 
1 69  GLY n 
1 70  GLY n 
1 71  PRO n 
1 72  GLU n 
1 73  ASN n 
1 74  SER n 
1 75  ALA n 
1 76  HIS n 
1 77  LEU n 
1 78  ASN n 
1 79  GLU n 
1 80  CYS n 
1 81  HIS n 
1 82  THR n 
1 83  GLY n 
1 84  ASP n 
1 85  LYS n 
1 86  GLN n 
1 87  VAL n 
1 88  TRP n 
1 89  TYR n 
1 90  PHE n 
1 91  GLN n 
1 92  TYR n 
1 93  THR n 
1 94  ASN n 
1 95  LEU n 
1 96  LEU n 
1 97  THR n 
1 98  ASP n 
1 99  ASN n 
1 100 GLY n 
1 101 SER n 
1 102 SER n 
1 103 TYR n 
1 104 CYS n 
1 105 ALA n 
1 106 TYR n 
1 107 ARG n 
1 108 CYS n 
1 109 ASN n 
1 110 GLY n 
1 111 THR n 
1 112 GLU n 
1 113 ILE n 
1 114 ILE n 
1 115 GLU n 
1 116 TYR n 
1 117 LYS n 
1 118 CYS n 
1 119 ALA n 
1 120 SER n 
1 121 ASN n 
1 122 ASN n 
1 123 ASN n 
1 124 GLY n 
1 125 THR n 
1 126 ASP n 
1 127 PRO n 
1 128 LEU n 
1 129 GLN n 
1 130 HIS n 
1 131 GLN n 
1 132 ALA n 
1 133 MET n 
1 134 GLU n 
1 135 VAL n 
1 136 ALA n 
1 137 LYS n 
1 138 THR n 
1 139 VAL n 
1 140 PRO n 
1 141 ASN n 
1 142 GLY n 
1 143 ASP n 
1 144 LYS n 
1 145 ILE n 
1 146 HIS n 
1 147 TYR n 
1 148 ALA n 
1 149 LYS n 
1 150 SER n 
1 151 ASN n 
1 152 CYS n 
1 153 PRO n 
1 154 GLU n 
1 155 THR n 
1 156 HIS n 
1 157 GLY n 
1 158 CYS n 
1 159 PHE n 
1 160 ALA n 
1 161 PHE n 
1 162 TYR n 
# 
_entity_src_nat.entity_id                  1 
_entity_src_nat.pdbx_src_id                1 
_entity_src_nat.pdbx_alt_source_flag       sample 
_entity_src_nat.pdbx_beg_seq_num           1 
_entity_src_nat.pdbx_end_seq_num           162 
_entity_src_nat.common_name                ? 
_entity_src_nat.pdbx_organism_scientific   'Chamberlinius hualienensis' 
_entity_src_nat.pdbx_ncbi_taxonomy_id      1551368 
_entity_src_nat.genus                      ? 
_entity_src_nat.species                    ? 
_entity_src_nat.strain                     ? 
_entity_src_nat.tissue                     ? 
_entity_src_nat.tissue_fraction            ? 
_entity_src_nat.pdbx_secretion             ? 
_entity_src_nat.pdbx_fragment              ? 
_entity_src_nat.pdbx_variant               ? 
_entity_src_nat.pdbx_cell_line             ? 
_entity_src_nat.pdbx_atcc                  ? 
_entity_src_nat.pdbx_cellular_location     ? 
_entity_src_nat.pdbx_organ                 ? 
_entity_src_nat.pdbx_organelle             ? 
_entity_src_nat.pdbx_cell                  ? 
_entity_src_nat.pdbx_plasmid_name          ? 
_entity_src_nat.pdbx_plasmid_details       ? 
_entity_src_nat.details                    ? 
# 
_pdbx_entity_branch.entity_id   2 
_pdbx_entity_branch.type        oligosaccharide 
# 
loop_
_pdbx_entity_branch_descriptor.ordinal 
_pdbx_entity_branch_descriptor.entity_id 
_pdbx_entity_branch_descriptor.descriptor 
_pdbx_entity_branch_descriptor.type 
_pdbx_entity_branch_descriptor.program 
_pdbx_entity_branch_descriptor.program_version 
1 2 LFucpa1-6DGlcpNAcb1-                                                 'Glycam Condensed Sequence' GMML       1.0   
2 2 'WURCS=2.0/2,2,1/[a2122h-1b_1-5_2*NCC/3=O][a1221m-1a_1-5]/1-2/a6-b1' WURCS                       PDB2Glycan 1.1.0 
3 2 '[]{[(4+1)][b-D-GlcpNAc]{[(6+1)][a-L-Fucp]{}}}'                      LINUCS                      PDB-CARE   ?     
# 
_pdbx_entity_branch_link.link_id                    1 
_pdbx_entity_branch_link.entity_id                  2 
_pdbx_entity_branch_link.entity_branch_list_num_1   2 
_pdbx_entity_branch_link.comp_id_1                  FUC 
_pdbx_entity_branch_link.atom_id_1                  C1 
_pdbx_entity_branch_link.leaving_atom_id_1          O1 
_pdbx_entity_branch_link.entity_branch_list_num_2   1 
_pdbx_entity_branch_link.comp_id_2                  NAG 
_pdbx_entity_branch_link.atom_id_2                  O6 
_pdbx_entity_branch_link.leaving_atom_id_2          HO6 
_pdbx_entity_branch_link.value_order                sing 
_pdbx_entity_branch_link.details                    ? 
# 
loop_
_chem_comp.id 
_chem_comp.type 
_chem_comp.mon_nstd_flag 
_chem_comp.name 
_chem_comp.pdbx_synonyms 
_chem_comp.formula 
_chem_comp.formula_weight 
ALA 'L-peptide linking'           y ALANINE                                  ? 'C3 H7 N O2'     89.093  
ARG 'L-peptide linking'           y ARGININE                                 ? 'C6 H15 N4 O2 1' 175.209 
ASN 'L-peptide linking'           y ASPARAGINE                               ? 'C4 H8 N2 O3'    132.118 
ASP 'L-peptide linking'           y 'ASPARTIC ACID'                          ? 'C4 H7 N O4'     133.103 
CYN non-polymer                   . 'CYANIDE ION'                            ? 'C N -1'         26.017  
CYS 'L-peptide linking'           y CYSTEINE                                 ? 'C3 H7 N O2 S'   121.158 
FUC 'L-saccharide, alpha linking' . alpha-L-fucopyranose                     
'alpha-L-fucose; 6-deoxy-alpha-L-galactopyranose; L-fucose; fucose' 'C6 H12 O5'      164.156 
GLN 'L-peptide linking'           y GLUTAMINE                                ? 'C5 H10 N2 O3'   146.144 
GLU 'L-peptide linking'           y 'GLUTAMIC ACID'                          ? 'C5 H9 N O4'     147.129 
GLY 'peptide linking'             y GLYCINE                                  ? 'C2 H5 N O2'     75.067  
HIS 'L-peptide linking'           y HISTIDINE                                ? 'C6 H10 N3 O2 1' 156.162 
HOH non-polymer                   . WATER                                    ? 'H2 O'           18.015  
ILE 'L-peptide linking'           y ISOLEUCINE                               ? 'C6 H13 N O2'    131.173 
LEU 'L-peptide linking'           y LEUCINE                                  ? 'C6 H13 N O2'    131.173 
LYS 'L-peptide linking'           y LYSINE                                   ? 'C6 H15 N2 O2 1' 147.195 
MET 'L-peptide linking'           y METHIONINE                               ? 'C5 H11 N O2 S'  149.211 
NAG 'D-saccharide, beta linking'  . 2-acetamido-2-deoxy-beta-D-glucopyranose 
;N-acetyl-beta-D-glucosamine; 2-acetamido-2-deoxy-beta-D-glucose; 2-acetamido-2-deoxy-D-glucose; 2-acetamido-2-deoxy-glucose; N-ACETYL-D-GLUCOSAMINE
;
'C8 H15 N O6'    221.208 
PHE 'L-peptide linking'           y PHENYLALANINE                            ? 'C9 H11 N O2'    165.189 
PRO 'L-peptide linking'           y PROLINE                                  ? 'C5 H9 N O2'     115.130 
SER 'L-peptide linking'           y SERINE                                   ? 'C3 H7 N O3'     105.093 
THR 'L-peptide linking'           y THREONINE                                ? 'C4 H9 N O3'     119.119 
TRP 'L-peptide linking'           y TRYPTOPHAN                               ? 'C11 H12 N2 O2'  204.225 
TYR 'L-peptide linking'           y TYROSINE                                 ? 'C9 H11 N O3'    181.189 
VAL 'L-peptide linking'           y VALINE                                   ? 'C5 H11 N O2'    117.146 
# 
loop_
_pdbx_chem_comp_identifier.comp_id 
_pdbx_chem_comp_identifier.type 
_pdbx_chem_comp_identifier.program 
_pdbx_chem_comp_identifier.program_version 
_pdbx_chem_comp_identifier.identifier 
FUC 'CONDENSED IUPAC CARBOHYDRATE SYMBOL' GMML     1.0 LFucpa                         
FUC 'COMMON NAME'                         GMML     1.0 a-L-fucopyranose               
FUC 'IUPAC CARBOHYDRATE SYMBOL'           PDB-CARE 1.0 a-L-Fucp                       
FUC 'SNFG CARBOHYDRATE SYMBOL'            GMML     1.0 Fuc                            
NAG 'CONDENSED IUPAC CARBOHYDRATE SYMBOL' GMML     1.0 DGlcpNAcb                      
NAG 'COMMON NAME'                         GMML     1.0 N-acetyl-b-D-glucopyranosamine 
NAG 'IUPAC CARBOHYDRATE SYMBOL'           PDB-CARE 1.0 b-D-GlcpNAc                    
NAG 'SNFG CARBOHYDRATE SYMBOL'            GMML     1.0 GlcNAc                         
# 
loop_
_pdbx_poly_seq_scheme.asym_id 
_pdbx_poly_seq_scheme.entity_id 
_pdbx_poly_seq_scheme.seq_id 
_pdbx_poly_seq_scheme.mon_id 
_pdbx_poly_seq_scheme.ndb_seq_num 
_pdbx_poly_seq_scheme.pdb_seq_num 
_pdbx_poly_seq_scheme.auth_seq_num 
_pdbx_poly_seq_scheme.pdb_mon_id 
_pdbx_poly_seq_scheme.auth_mon_id 
_pdbx_poly_seq_scheme.pdb_strand_id 
_pdbx_poly_seq_scheme.pdb_ins_code 
_pdbx_poly_seq_scheme.hetero 
A 1 1   LEU 1   1   1   LEU LEU A . n 
A 1 2   THR 2   2   2   THR THR A . n 
A 1 3   CYS 3   3   3   CYS CYS A . n 
A 1 4   ASP 4   4   4   ASP ASP A . n 
A 1 5   GLN 5   5   5   GLN GLN A . n 
A 1 6   LEU 6   6   6   LEU LEU A . n 
A 1 7   PRO 7   7   7   PRO PRO A . n 
A 1 8   LYS 8   8   8   LYS LYS A . n 
A 1 9   ALA 9   9   9   ALA ALA A . n 
A 1 10  ALA 10  10  10  ALA ALA A . n 
A 1 11  ILE 11  11  11  ILE ILE A . n 
A 1 12  ASN 12  12  12  ASN ASN A . n 
A 1 13  PRO 13  13  13  PRO PRO A . n 
A 1 14  ILE 14  14  14  ILE ILE A . n 
A 1 15  GLN 15  15  15  GLN GLN A . n 
A 1 16  GLU 16  16  16  GLU GLU A . n 
A 1 17  PHE 17  17  17  PHE PHE A . n 
A 1 18  ILE 18  18  18  ILE ILE A . n 
A 1 19  ASP 19  19  19  ASP ASP A . n 
A 1 20  SER 20  20  20  SER SER A . n 
A 1 21  ASN 21  21  21  ASN ASN A . n 
A 1 22  PRO 22  22  22  PRO PRO A . n 
A 1 23  LEU 23  23  23  LEU LEU A . n 
A 1 24  GLU 24  24  24  GLU GLU A . n 
A 1 25  PHE 25  25  25  PHE PHE A . n 
A 1 26  GLU 26  26  26  GLU GLU A . n 
A 1 27  TYR 27  27  27  TYR TYR A . n 
A 1 28  VAL 28  28  28  VAL VAL A . n 
A 1 29  LEU 29  29  29  LEU LEU A . n 
A 1 30  THR 30  30  30  THR THR A . n 
A 1 31  GLU 31  31  31  GLU GLU A . n 
A 1 32  THR 32  32  32  THR THR A . n 
A 1 33  PHE 33  33  33  PHE PHE A . n 
A 1 34  GLU 34  34  34  GLU GLU A . n 
A 1 35  CYS 35  35  35  CYS CYS A . n 
A 1 36  THR 36  36  36  THR THR A . n 
A 1 37  THR 37  37  37  THR THR A . n 
A 1 38  ARG 38  38  38  ARG ARG A . n 
A 1 39  ILE 39  39  39  ILE ILE A . n 
A 1 40  TYR 40  40  40  TYR TYR A . n 
A 1 41  VAL 41  41  41  VAL VAL A . n 
A 1 42  GLN 42  42  42  GLN GLN A . n 
A 1 43  PRO 43  43  43  PRO PRO A . n 
A 1 44  ALA 44  44  44  ALA ALA A . n 
A 1 45  ARG 45  45  45  ARG ARG A . n 
A 1 46  TRP 46  46  46  TRP TRP A . n 
A 1 47  SER 47  47  47  SER SER A . n 
A 1 48  THR 48  48  48  THR THR A . n 
A 1 49  THR 49  49  49  THR THR A . n 
A 1 50  LYS 50  50  50  LYS LYS A . n 
A 1 51  ALA 51  51  51  ALA ALA A . n 
A 1 52  PRO 52  52  52  PRO PRO A . n 
A 1 53  THR 53  53  53  THR THR A . n 
A 1 54  ALA 54  54  54  ALA ALA A . n 
A 1 55  LEU 55  55  55  LEU LEU A . n 
A 1 56  ASP 56  56  56  ASP ASP A . n 
A 1 57  ILE 57  57  57  ILE ILE A . n 
A 1 58  LYS 58  58  58  LYS LYS A . n 
A 1 59  GLY 59  59  59  GLY GLY A . n 
A 1 60  THR 60  60  60  THR THR A . n 
A 1 61  GLN 61  61  61  GLN GLN A . n 
A 1 62  ILE 62  62  62  ILE ILE A . n 
A 1 63  MET 63  63  63  MET MET A . n 
A 1 64  ALA 64  64  64  ALA ALA A . n 
A 1 65  TYR 65  65  65  TYR TYR A . n 
A 1 66  ASP 66  66  66  ASP ASP A . n 
A 1 67  PHE 67  67  67  PHE PHE A . n 
A 1 68  VAL 68  68  68  VAL VAL A . n 
A 1 69  GLY 69  69  69  GLY GLY A . n 
A 1 70  GLY 70  70  70  GLY GLY A . n 
A 1 71  PRO 71  71  71  PRO PRO A . n 
A 1 72  GLU 72  72  72  GLU GLU A . n 
A 1 73  ASN 73  73  73  ASN ASN A . n 
A 1 74  SER 74  74  74  SER SER A . n 
A 1 75  ALA 75  75  75  ALA ALA A . n 
A 1 76  HIS 76  76  76  HIS HIS A . n 
A 1 77  LEU 77  77  77  LEU LEU A . n 
A 1 78  ASN 78  78  78  ASN ASN A . n 
A 1 79  GLU 79  79  79  GLU GLU A . n 
A 1 80  CYS 80  80  80  CYS CYS A . n 
A 1 81  HIS 81  81  81  HIS HIS A . n 
A 1 82  THR 82  82  82  THR THR A . n 
A 1 83  GLY 83  83  83  GLY GLY A . n 
A 1 84  ASP 84  84  84  ASP ASP A . n 
A 1 85  LYS 85  85  85  LYS LYS A . n 
A 1 86  GLN 86  86  86  GLN GLN A . n 
A 1 87  VAL 87  87  87  VAL VAL A . n 
A 1 88  TRP 88  88  88  TRP TRP A . n 
A 1 89  TYR 89  89  89  TYR TYR A . n 
A 1 90  PHE 90  90  90  PHE PHE A . n 
A 1 91  GLN 91  91  91  GLN GLN A . n 
A 1 92  TYR 92  92  92  TYR TYR A . n 
A 1 93  THR 93  93  93  THR THR A . n 
A 1 94  ASN 94  94  94  ASN ASN A . n 
A 1 95  LEU 95  95  95  LEU LEU A . n 
A 1 96  LEU 96  96  96  LEU LEU A . n 
A 1 97  THR 97  97  97  THR THR A . n 
A 1 98  ASP 98  98  98  ASP ASP A . n 
A 1 99  ASN 99  99  99  ASN ASN A . n 
A 1 100 GLY 100 100 100 GLY GLY A . n 
A 1 101 SER 101 101 101 SER SER A . n 
A 1 102 SER 102 102 102 SER SER A . n 
A 1 103 TYR 103 103 103 TYR TYR A . n 
A 1 104 CYS 104 104 104 CYS CYS A . n 
A 1 105 ALA 105 105 105 ALA ALA A . n 
A 1 106 TYR 106 106 106 TYR TYR A . n 
A 1 107 ARG 107 107 107 ARG ARG A . n 
A 1 108 CYS 108 108 108 CYS CYS A . n 
A 1 109 ASN 109 109 109 ASN ASN A . n 
A 1 110 GLY 110 110 110 GLY GLY A . n 
A 1 111 THR 111 111 111 THR THR A . n 
A 1 112 GLU 112 112 112 GLU GLU A . n 
A 1 113 ILE 113 113 113 ILE ILE A . n 
A 1 114 ILE 114 114 114 ILE ILE A . n 
A 1 115 GLU 115 115 115 GLU GLU A . n 
A 1 116 TYR 116 116 116 TYR TYR A . n 
A 1 117 LYS 117 117 117 LYS LYS A . n 
A 1 118 CYS 118 118 118 CYS CYS A . n 
A 1 119 ALA 119 119 119 ALA ALA A . n 
A 1 120 SER 120 120 120 SER SER A . n 
A 1 121 ASN 121 121 121 ASN ASN A . n 
A 1 122 ASN 122 122 122 ASN ASN A . n 
A 1 123 ASN 123 123 123 ASN ASN A . n 
A 1 124 GLY 124 124 124 GLY GLY A . n 
A 1 125 THR 125 125 125 THR THR A . n 
A 1 126 ASP 126 126 126 ASP ASP A . n 
A 1 127 PRO 127 127 127 PRO PRO A . n 
A 1 128 LEU 128 128 128 LEU LEU A . n 
A 1 129 GLN 129 129 129 GLN GLN A . n 
A 1 130 HIS 130 130 130 HIS HIS A . n 
A 1 131 GLN 131 131 131 GLN GLN A . n 
A 1 132 ALA 132 132 132 ALA ALA A . n 
A 1 133 MET 133 133 133 MET MET A . n 
A 1 134 GLU 134 134 134 GLU GLU A . n 
A 1 135 VAL 135 135 135 VAL VAL A . n 
A 1 136 ALA 136 136 136 ALA ALA A . n 
A 1 137 LYS 137 137 137 LYS LYS A . n 
A 1 138 THR 138 138 138 THR THR A . n 
A 1 139 VAL 139 139 139 VAL VAL A . n 
A 1 140 PRO 140 140 140 PRO PRO A . n 
A 1 141 ASN 141 141 141 ASN ASN A . n 
A 1 142 GLY 142 142 142 GLY GLY A . n 
A 1 143 ASP 143 143 143 ASP ASP A . n 
A 1 144 LYS 144 144 144 LYS LYS A . n 
A 1 145 ILE 145 145 145 ILE ILE A . n 
A 1 146 HIS 146 146 146 HIS HIS A . n 
A 1 147 TYR 147 147 147 TYR TYR A . n 
A 1 148 ALA 148 148 148 ALA ALA A . n 
A 1 149 LYS 149 149 149 LYS LYS A . n 
A 1 150 SER 150 150 150 SER SER A . n 
A 1 151 ASN 151 151 151 ASN ASN A . n 
A 1 152 CYS 152 152 152 CYS CYS A . n 
A 1 153 PRO 153 153 153 PRO PRO A . n 
A 1 154 GLU 154 154 154 GLU GLU A . n 
A 1 155 THR 155 155 155 THR THR A . n 
A 1 156 HIS 156 156 156 HIS HIS A . n 
A 1 157 GLY 157 157 157 GLY GLY A . n 
A 1 158 CYS 158 158 158 CYS CYS A . n 
A 1 159 PHE 159 159 159 PHE PHE A . n 
A 1 160 ALA 160 160 160 ALA ALA A . n 
A 1 161 PHE 161 161 161 PHE PHE A . n 
A 1 162 TYR 162 162 162 TYR TYR A . n 
# 
loop_
_pdbx_branch_scheme.asym_id 
_pdbx_branch_scheme.entity_id 
_pdbx_branch_scheme.mon_id 
_pdbx_branch_scheme.num 
_pdbx_branch_scheme.pdb_asym_id 
_pdbx_branch_scheme.pdb_mon_id 
_pdbx_branch_scheme.pdb_seq_num 
_pdbx_branch_scheme.auth_asym_id 
_pdbx_branch_scheme.auth_mon_id 
_pdbx_branch_scheme.auth_seq_num 
_pdbx_branch_scheme.hetero 
B 2 NAG 1 B NAG 1 A NAG 202 n 
B 2 FUC 2 B FUC 2 A FUC 203 n 
# 
loop_
_pdbx_nonpoly_scheme.asym_id 
_pdbx_nonpoly_scheme.entity_id 
_pdbx_nonpoly_scheme.mon_id 
_pdbx_nonpoly_scheme.ndb_seq_num 
_pdbx_nonpoly_scheme.pdb_seq_num 
_pdbx_nonpoly_scheme.auth_seq_num 
_pdbx_nonpoly_scheme.pdb_mon_id 
_pdbx_nonpoly_scheme.auth_mon_id 
_pdbx_nonpoly_scheme.pdb_strand_id 
_pdbx_nonpoly_scheme.pdb_ins_code 
C 3 CYN 1   201 201 CYN CYN A . 
D 4 NAG 1   204 204 NAG NAG A . 
E 5 HOH 1   301 301 HOH HOH A . 
E 5 HOH 2   302 302 HOH HOH A . 
E 5 HOH 3   303 303 HOH HOH A . 
E 5 HOH 4   304 304 HOH HOH A . 
E 5 HOH 5   305 305 HOH HOH A . 
E 5 HOH 6   306 306 HOH HOH A . 
E 5 HOH 7   307 307 HOH HOH A . 
E 5 HOH 8   308 308 HOH HOH A . 
E 5 HOH 9   309 309 HOH HOH A . 
E 5 HOH 10  310 310 HOH HOH A . 
E 5 HOH 11  311 311 HOH HOH A . 
E 5 HOH 12  312 312 HOH HOH A . 
E 5 HOH 13  313 313 HOH HOH A . 
E 5 HOH 14  314 314 HOH HOH A . 
E 5 HOH 15  315 315 HOH HOH A . 
E 5 HOH 16  316 316 HOH HOH A . 
E 5 HOH 17  317 317 HOH HOH A . 
E 5 HOH 18  318 318 HOH HOH A . 
E 5 HOH 19  319 319 HOH HOH A . 
E 5 HOH 20  320 320 HOH HOH A . 
E 5 HOH 21  321 321 HOH HOH A . 
E 5 HOH 22  322 322 HOH HOH A . 
E 5 HOH 23  323 323 HOH HOH A . 
E 5 HOH 24  324 324 HOH HOH A . 
E 5 HOH 25  325 325 HOH HOH A . 
E 5 HOH 26  326 326 HOH HOH A . 
E 5 HOH 27  327 327 HOH HOH A . 
E 5 HOH 28  328 328 HOH HOH A . 
E 5 HOH 29  329 329 HOH HOH A . 
E 5 HOH 30  330 330 HOH HOH A . 
E 5 HOH 31  331 331 HOH HOH A . 
E 5 HOH 32  332 332 HOH HOH A . 
E 5 HOH 33  333 333 HOH HOH A . 
E 5 HOH 34  334 334 HOH HOH A . 
E 5 HOH 35  335 335 HOH HOH A . 
E 5 HOH 36  336 336 HOH HOH A . 
E 5 HOH 37  337 337 HOH HOH A . 
E 5 HOH 38  338 338 HOH HOH A . 
E 5 HOH 39  339 339 HOH HOH A . 
E 5 HOH 40  340 340 HOH HOH A . 
E 5 HOH 41  341 341 HOH HOH A . 
E 5 HOH 42  342 342 HOH HOH A . 
E 5 HOH 43  343 343 HOH HOH A . 
E 5 HOH 44  344 344 HOH HOH A . 
E 5 HOH 45  345 345 HOH HOH A . 
E 5 HOH 46  346 346 HOH HOH A . 
E 5 HOH 47  347 347 HOH HOH A . 
E 5 HOH 48  348 348 HOH HOH A . 
E 5 HOH 49  349 349 HOH HOH A . 
E 5 HOH 50  350 350 HOH HOH A . 
E 5 HOH 51  351 351 HOH HOH A . 
E 5 HOH 52  352 352 HOH HOH A . 
E 5 HOH 53  353 353 HOH HOH A . 
E 5 HOH 54  354 354 HOH HOH A . 
E 5 HOH 55  355 355 HOH HOH A . 
E 5 HOH 56  356 356 HOH HOH A . 
E 5 HOH 57  357 357 HOH HOH A . 
E 5 HOH 58  358 358 HOH HOH A . 
E 5 HOH 59  359 359 HOH HOH A . 
E 5 HOH 60  360 360 HOH HOH A . 
E 5 HOH 61  361 361 HOH HOH A . 
E 5 HOH 62  362 362 HOH HOH A . 
E 5 HOH 63  363 363 HOH HOH A . 
E 5 HOH 64  364 364 HOH HOH A . 
E 5 HOH 65  365 365 HOH HOH A . 
E 5 HOH 66  366 366 HOH HOH A . 
E 5 HOH 67  367 367 HOH HOH A . 
E 5 HOH 68  368 368 HOH HOH A . 
E 5 HOH 69  369 369 HOH HOH A . 
E 5 HOH 70  370 370 HOH HOH A . 
E 5 HOH 71  371 371 HOH HOH A . 
E 5 HOH 72  372 372 HOH HOH A . 
E 5 HOH 73  373 373 HOH HOH A . 
E 5 HOH 74  374 374 HOH HOH A . 
E 5 HOH 75  375 375 HOH HOH A . 
E 5 HOH 76  376 376 HOH HOH A . 
E 5 HOH 77  377 377 HOH HOH A . 
E 5 HOH 78  378 378 HOH HOH A . 
E 5 HOH 79  379 379 HOH HOH A . 
E 5 HOH 80  380 380 HOH HOH A . 
E 5 HOH 81  381 381 HOH HOH A . 
E 5 HOH 82  382 382 HOH HOH A . 
E 5 HOH 83  383 383 HOH HOH A . 
E 5 HOH 84  384 384 HOH HOH A . 
E 5 HOH 85  385 385 HOH HOH A . 
E 5 HOH 86  386 386 HOH HOH A . 
E 5 HOH 87  387 387 HOH HOH A . 
E 5 HOH 88  388 388 HOH HOH A . 
E 5 HOH 89  389 389 HOH HOH A . 
E 5 HOH 90  390 390 HOH HOH A . 
E 5 HOH 91  391 391 HOH HOH A . 
E 5 HOH 92  392 392 HOH HOH A . 
E 5 HOH 93  393 393 HOH HOH A . 
E 5 HOH 94  394 394 HOH HOH A . 
E 5 HOH 95  395 395 HOH HOH A . 
E 5 HOH 96  396 396 HOH HOH A . 
E 5 HOH 97  397 397 HOH HOH A . 
E 5 HOH 98  398 398 HOH HOH A . 
E 5 HOH 99  399 399 HOH HOH A . 
E 5 HOH 100 400 400 HOH HOH A . 
E 5 HOH 101 401 401 HOH HOH A . 
E 5 HOH 102 402 402 HOH HOH A . 
E 5 HOH 103 403 403 HOH HOH A . 
E 5 HOH 104 404 404 HOH HOH A . 
E 5 HOH 105 405 405 HOH HOH A . 
E 5 HOH 106 406 406 HOH HOH A . 
E 5 HOH 107 407 407 HOH HOH A . 
E 5 HOH 108 408 408 HOH HOH A . 
E 5 HOH 109 409 409 HOH HOH A . 
E 5 HOH 110 410 410 HOH HOH A . 
E 5 HOH 111 411 411 HOH HOH A . 
E 5 HOH 112 412 412 HOH HOH A . 
E 5 HOH 113 413 413 HOH HOH A . 
E 5 HOH 114 414 414 HOH HOH A . 
E 5 HOH 115 415 415 HOH HOH A . 
E 5 HOH 116 416 416 HOH HOH A . 
E 5 HOH 117 417 417 HOH HOH A . 
E 5 HOH 118 418 418 HOH HOH A . 
E 5 HOH 119 419 419 HOH HOH A . 
E 5 HOH 120 420 420 HOH HOH A . 
E 5 HOH 121 421 421 HOH HOH A . 
E 5 HOH 122 422 422 HOH HOH A . 
E 5 HOH 123 423 423 HOH HOH A . 
E 5 HOH 124 424 424 HOH HOH A . 
E 5 HOH 125 425 425 HOH HOH A . 
E 5 HOH 126 426 426 HOH HOH A . 
E 5 HOH 127 427 427 HOH HOH A . 
E 5 HOH 128 428 428 HOH HOH A . 
E 5 HOH 129 429 429 HOH HOH A . 
E 5 HOH 130 430 430 HOH HOH A . 
E 5 HOH 131 431 431 HOH HOH A . 
E 5 HOH 132 432 432 HOH HOH A . 
E 5 HOH 133 433 433 HOH HOH A . 
E 5 HOH 134 434 434 HOH HOH A . 
E 5 HOH 135 435 435 HOH HOH A . 
E 5 HOH 136 436 436 HOH HOH A . 
E 5 HOH 137 437 437 HOH HOH A . 
E 5 HOH 138 438 438 HOH HOH A . 
E 5 HOH 139 439 439 HOH HOH A . 
E 5 HOH 140 440 440 HOH HOH A . 
E 5 HOH 141 441 441 HOH HOH A . 
# 
loop_
_software.citation_id 
_software.classification 
_software.compiler_name 
_software.compiler_version 
_software.contact_author 
_software.contact_author_email 
_software.date 
_software.description 
_software.dependencies 
_software.hardware 
_software.language 
_software.location 
_software.mods 
_software.name 
_software.os 
_software.os_version 
_software.type 
_software.version 
_software.pdbx_ordinal 
? refinement       ? ? ? ? ? ? ? ? ? ? ? REFMAC ? ? ? 5.8.0158 1 
? 'data reduction' ? ? ? ? ? ? ? ? ? ? ? XDS    ? ? ? 0.48     2 
? 'data scaling'   ? ? ? ? ? ? ? ? ? ? ? SCALA  ? ? ? 3.3.22   3 
? phasing          ? ? ? ? ? ? ? ? ? ? ? MOLREP ? ? ? 11.2.08  4 
# 
_cell.angle_alpha                  90.00 
_cell.angle_alpha_esd              ? 
_cell.angle_beta                   90.00 
_cell.angle_beta_esd               ? 
_cell.angle_gamma                  120.00 
_cell.angle_gamma_esd              ? 
_cell.entry_id                     6KFC 
_cell.details                      ? 
_cell.formula_units_Z              ? 
_cell.length_a                     58.590 
_cell.length_a_esd                 ? 
_cell.length_b                     58.590 
_cell.length_b_esd                 ? 
_cell.length_c                     226.233 
_cell.length_c_esd                 ? 
_cell.volume                       ? 
_cell.volume_esd                   ? 
_cell.Z_PDB                        12 
_cell.reciprocal_angle_alpha       ? 
_cell.reciprocal_angle_beta        ? 
_cell.reciprocal_angle_gamma       ? 
_cell.reciprocal_angle_alpha_esd   ? 
_cell.reciprocal_angle_beta_esd    ? 
_cell.reciprocal_angle_gamma_esd   ? 
_cell.reciprocal_length_a          ? 
_cell.reciprocal_length_b          ? 
_cell.reciprocal_length_c          ? 
_cell.reciprocal_length_a_esd      ? 
_cell.reciprocal_length_b_esd      ? 
_cell.reciprocal_length_c_esd      ? 
_cell.pdbx_unique_axis             ? 
# 
_symmetry.entry_id                         6KFC 
_symmetry.cell_setting                     ? 
_symmetry.Int_Tables_number                178 
_symmetry.space_group_name_Hall            ? 
_symmetry.space_group_name_H-M             'P 61 2 2' 
_symmetry.pdbx_full_space_group_name_H-M   ? 
# 
_exptl.absorpt_coefficient_mu     ? 
_exptl.absorpt_correction_T_max   ? 
_exptl.absorpt_correction_T_min   ? 
_exptl.absorpt_correction_type    ? 
_exptl.absorpt_process_details    ? 
_exptl.entry_id                   6KFC 
_exptl.crystals_number            1 
_exptl.details                    ? 
_exptl.method                     'X-RAY DIFFRACTION' 
_exptl.method_details             ? 
# 
_exptl_crystal.colour                      ? 
_exptl_crystal.density_diffrn              ? 
_exptl_crystal.density_Matthews            3.06 
_exptl_crystal.density_method              ? 
_exptl_crystal.density_percent_sol         59.83 
_exptl_crystal.description                 bipyramid 
_exptl_crystal.F_000                       ? 
_exptl_crystal.id                          1 
_exptl_crystal.preparation                 ? 
_exptl_crystal.size_max                    ? 
_exptl_crystal.size_mid                    ? 
_exptl_crystal.size_min                    ? 
_exptl_crystal.size_rad                    ? 
_exptl_crystal.colour_lustre               ? 
_exptl_crystal.colour_modifier             ? 
_exptl_crystal.colour_primary              ? 
_exptl_crystal.density_meas                ? 
_exptl_crystal.density_meas_esd            ? 
_exptl_crystal.density_meas_gt             ? 
_exptl_crystal.density_meas_lt             ? 
_exptl_crystal.density_meas_temp           ? 
_exptl_crystal.density_meas_temp_esd       ? 
_exptl_crystal.density_meas_temp_gt        ? 
_exptl_crystal.density_meas_temp_lt        ? 
_exptl_crystal.pdbx_crystal_image_url      ? 
_exptl_crystal.pdbx_crystal_image_format   ? 
_exptl_crystal.pdbx_mosaicity              ? 
_exptl_crystal.pdbx_mosaicity_esd          ? 
# 
_exptl_crystal_grow.apparatus       ? 
_exptl_crystal_grow.atmosphere      ? 
_exptl_crystal_grow.crystal_id      1 
_exptl_crystal_grow.details         ? 
_exptl_crystal_grow.method          'VAPOR DIFFUSION, HANGING DROP' 
_exptl_crystal_grow.method_ref      ? 
_exptl_crystal_grow.pH              5.0 
_exptl_crystal_grow.pressure        ? 
_exptl_crystal_grow.pressure_esd    ? 
_exptl_crystal_grow.seeding         ? 
_exptl_crystal_grow.seeding_ref     ? 
_exptl_crystal_grow.temp            293 
_exptl_crystal_grow.temp_details    ? 
_exptl_crystal_grow.temp_esd        ? 
_exptl_crystal_grow.time            ? 
_exptl_crystal_grow.pdbx_details    
'0.2 M ammonium sulfate, 0.1 M sodium acetate (pH 5.0), 28-32% (w/v) PEG monomethyl ether 2000, 0.3 M NDSB-195' 
_exptl_crystal_grow.pdbx_pH_range   ? 
# 
_diffrn.ambient_environment              ? 
_diffrn.ambient_temp                     100 
_diffrn.ambient_temp_details             N2 
_diffrn.ambient_temp_esd                 ? 
_diffrn.crystal_id                       1 
_diffrn.crystal_support                  ? 
_diffrn.crystal_treatment                ? 
_diffrn.details                          ? 
_diffrn.id                               1 
_diffrn.ambient_pressure                 ? 
_diffrn.ambient_pressure_esd             ? 
_diffrn.ambient_pressure_gt              ? 
_diffrn.ambient_pressure_lt              ? 
_diffrn.ambient_temp_gt                  ? 
_diffrn.ambient_temp_lt                  ? 
_diffrn.pdbx_serial_crystal_experiment   N 
# 
_diffrn_detector.details                      ? 
_diffrn_detector.detector                     PIXEL 
_diffrn_detector.diffrn_id                    1 
_diffrn_detector.type                         'DECTRIS PILATUS 2M' 
_diffrn_detector.area_resol_mean              ? 
_diffrn_detector.dtime                        ? 
_diffrn_detector.pdbx_frames_total            ? 
_diffrn_detector.pdbx_collection_time_total   ? 
_diffrn_detector.pdbx_collection_date         2016-05-20 
_diffrn_detector.pdbx_frequency               ? 
# 
_diffrn_radiation.collimation                      ? 
_diffrn_radiation.diffrn_id                        1 
_diffrn_radiation.filter_edge                      ? 
_diffrn_radiation.inhomogeneity                    ? 
_diffrn_radiation.monochromator                    'Si(111)' 
_diffrn_radiation.polarisn_norm                    ? 
_diffrn_radiation.polarisn_ratio                   ? 
_diffrn_radiation.probe                            ? 
_diffrn_radiation.type                             ? 
_diffrn_radiation.xray_symbol                      ? 
_diffrn_radiation.wavelength_id                    1 
_diffrn_radiation.pdbx_monochromatic_or_laue_m_l   M 
_diffrn_radiation.pdbx_wavelength_list             ? 
_diffrn_radiation.pdbx_wavelength                  ? 
_diffrn_radiation.pdbx_diffrn_protocol             'SINGLE WAVELENGTH' 
_diffrn_radiation.pdbx_analyzer                    ? 
_diffrn_radiation.pdbx_scattering_type             x-ray 
# 
_diffrn_radiation_wavelength.id           1 
_diffrn_radiation_wavelength.wavelength   1.0 
_diffrn_radiation_wavelength.wt           1.0 
# 
_diffrn_source.current                     ? 
_diffrn_source.details                     ? 
_diffrn_source.diffrn_id                   1 
_diffrn_source.power                       ? 
_diffrn_source.size                        ? 
_diffrn_source.source                      SYNCHROTRON 
_diffrn_source.target                      ? 
_diffrn_source.type                        'PHOTON FACTORY BEAMLINE BL-5A' 
_diffrn_source.voltage                     ? 
_diffrn_source.take-off_angle              ? 
_diffrn_source.pdbx_wavelength_list        1.0 
_diffrn_source.pdbx_wavelength             ? 
_diffrn_source.pdbx_synchrotron_beamline   BL-5A 
_diffrn_source.pdbx_synchrotron_site       'Photon Factory' 
# 
_reflns.B_iso_Wilson_estimate            28.0 
_reflns.entry_id                         6KFC 
_reflns.data_reduction_details           ? 
_reflns.data_reduction_method            ? 
_reflns.d_resolution_high                2.10 
_reflns.d_resolution_low                 50.74 
_reflns.details                          ? 
_reflns.limit_h_max                      ? 
_reflns.limit_h_min                      ? 
_reflns.limit_k_max                      ? 
_reflns.limit_k_min                      ? 
_reflns.limit_l_max                      ? 
_reflns.limit_l_min                      ? 
_reflns.number_all                       ? 
_reflns.number_obs                       14405 
_reflns.observed_criterion               ? 
_reflns.observed_criterion_F_max         ? 
_reflns.observed_criterion_F_min         ? 
_reflns.observed_criterion_I_max         ? 
_reflns.observed_criterion_I_min         ? 
_reflns.observed_criterion_sigma_F       ? 
_reflns.observed_criterion_sigma_I       ? 
_reflns.percent_possible_obs             100 
_reflns.R_free_details                   ? 
_reflns.Rmerge_F_all                     ? 
_reflns.Rmerge_F_obs                     ? 
_reflns.Friedel_coverage                 ? 
_reflns.number_gt                        ? 
_reflns.threshold_expression             ? 
_reflns.pdbx_redundancy                  19.5 
_reflns.pdbx_Rmerge_I_obs                0.116 
_reflns.pdbx_Rmerge_I_all                ? 
_reflns.pdbx_Rsym_value                  0.116 
_reflns.pdbx_netI_over_av_sigmaI         19.3 
_reflns.pdbx_netI_over_sigmaI            3 
_reflns.pdbx_res_netI_over_av_sigmaI_2   ? 
_reflns.pdbx_res_netI_over_sigmaI_2      ? 
_reflns.pdbx_chi_squared                 ? 
_reflns.pdbx_scaling_rejects             ? 
_reflns.pdbx_d_res_high_opt              ? 
_reflns.pdbx_d_res_low_opt               ? 
_reflns.pdbx_d_res_opt_method            ? 
_reflns.phase_calculation_details        ? 
_reflns.pdbx_Rrim_I_all                  0.122 
_reflns.pdbx_Rpim_I_all                  0.037 
_reflns.pdbx_d_opt                       ? 
_reflns.pdbx_number_measured_all         ? 
_reflns.pdbx_diffrn_id                   1 
_reflns.pdbx_ordinal                     1 
_reflns.pdbx_CC_half                     0.999 
_reflns.pdbx_R_split                     ? 
# 
_reflns_shell.d_res_high                  2.10 
_reflns_shell.d_res_low                   2.21 
_reflns_shell.meanI_over_sigI_all         ? 
_reflns_shell.meanI_over_sigI_obs         5.3 
_reflns_shell.number_measured_all         ? 
_reflns_shell.number_measured_obs         ? 
_reflns_shell.number_possible             ? 
_reflns_shell.number_unique_all           ? 
_reflns_shell.number_unique_obs           2022 
_reflns_shell.percent_possible_all        100 
_reflns_shell.percent_possible_obs        ? 
_reflns_shell.Rmerge_F_all                ? 
_reflns_shell.Rmerge_F_obs                ? 
_reflns_shell.Rmerge_I_all                ? 
_reflns_shell.Rmerge_I_obs                0.598 
_reflns_shell.meanI_over_sigI_gt          ? 
_reflns_shell.meanI_over_uI_all           ? 
_reflns_shell.meanI_over_uI_gt            ? 
_reflns_shell.number_measured_gt          ? 
_reflns_shell.number_unique_gt            ? 
_reflns_shell.percent_possible_gt         ? 
_reflns_shell.Rmerge_F_gt                 ? 
_reflns_shell.Rmerge_I_gt                 ? 
_reflns_shell.pdbx_redundancy             20.5 
_reflns_shell.pdbx_Rsym_value             0.598 
_reflns_shell.pdbx_chi_squared            ? 
_reflns_shell.pdbx_netI_over_sigmaI_all   ? 
_reflns_shell.pdbx_netI_over_sigmaI_obs   ? 
_reflns_shell.pdbx_Rrim_I_all             0.627 
_reflns_shell.pdbx_Rpim_I_all             0.187 
_reflns_shell.pdbx_rejects                ? 
_reflns_shell.pdbx_ordinal                1 
_reflns_shell.pdbx_diffrn_id              1 
_reflns_shell.pdbx_CC_half                0.971 
_reflns_shell.pdbx_R_split                ? 
# 
_refine.aniso_B[1][1]                            1.01 
_refine.aniso_B[1][2]                            0.50 
_refine.aniso_B[1][3]                            0.00 
_refine.aniso_B[2][2]                            1.01 
_refine.aniso_B[2][3]                            0.00 
_refine.aniso_B[3][3]                            -3.28 
_refine.B_iso_max                                ? 
_refine.B_iso_mean                               32.195 
_refine.B_iso_min                                ? 
_refine.correlation_coeff_Fo_to_Fc               0.954 
_refine.correlation_coeff_Fo_to_Fc_free          0.923 
_refine.details                                  'HYDROGENS HAVE BEEN ADDED IN THE RIDING POSITIONS' 
_refine.diff_density_max                         ? 
_refine.diff_density_max_esd                     ? 
_refine.diff_density_min                         ? 
_refine.diff_density_min_esd                     ? 
_refine.diff_density_rms                         ? 
_refine.diff_density_rms_esd                     ? 
_refine.entry_id                                 6KFC 
_refine.pdbx_refine_id                           'X-RAY DIFFRACTION' 
_refine.ls_abs_structure_details                 ? 
_refine.ls_abs_structure_Flack                   ? 
_refine.ls_abs_structure_Flack_esd               ? 
_refine.ls_abs_structure_Rogers                  ? 
_refine.ls_abs_structure_Rogers_esd              ? 
_refine.ls_d_res_high                            2.10 
_refine.ls_d_res_low                             50.74 
_refine.ls_extinction_coef                       ? 
_refine.ls_extinction_coef_esd                   ? 
_refine.ls_extinction_expression                 ? 
_refine.ls_extinction_method                     ? 
_refine.ls_goodness_of_fit_all                   ? 
_refine.ls_goodness_of_fit_all_esd               ? 
_refine.ls_goodness_of_fit_obs                   ? 
_refine.ls_goodness_of_fit_obs_esd               ? 
_refine.ls_hydrogen_treatment                    ? 
_refine.ls_matrix_type                           ? 
_refine.ls_number_constraints                    ? 
_refine.ls_number_parameters                     ? 
_refine.ls_number_reflns_all                     ? 
_refine.ls_number_reflns_obs                     13571 
_refine.ls_number_reflns_R_free                  751 
_refine.ls_number_reflns_R_work                  ? 
_refine.ls_number_restraints                     ? 
_refine.ls_percent_reflns_obs                    99.92 
_refine.ls_percent_reflns_R_free                 5.2 
_refine.ls_R_factor_all                          ? 
_refine.ls_R_factor_obs                          0.18961 
_refine.ls_R_factor_R_free                       0.23171 
_refine.ls_R_factor_R_free_error                 ? 
_refine.ls_R_factor_R_free_error_details         ? 
_refine.ls_R_factor_R_work                       0.18733 
_refine.ls_R_Fsqd_factor_obs                     ? 
_refine.ls_R_I_factor_obs                        ? 
_refine.ls_redundancy_reflns_all                 ? 
_refine.ls_redundancy_reflns_obs                 ? 
_refine.ls_restrained_S_all                      ? 
_refine.ls_restrained_S_obs                      ? 
_refine.ls_shift_over_esd_max                    ? 
_refine.ls_shift_over_esd_mean                   ? 
_refine.ls_structure_factor_coef                 ? 
_refine.ls_weighting_details                     ? 
_refine.ls_weighting_scheme                      ? 
_refine.ls_wR_factor_all                         ? 
_refine.ls_wR_factor_obs                         ? 
_refine.ls_wR_factor_R_free                      ? 
_refine.ls_wR_factor_R_work                      ? 
_refine.occupancy_max                            ? 
_refine.occupancy_min                            ? 
_refine.solvent_model_details                    ? 
_refine.solvent_model_param_bsol                 ? 
_refine.solvent_model_param_ksol                 ? 
_refine.ls_R_factor_gt                           ? 
_refine.ls_goodness_of_fit_gt                    ? 
_refine.ls_goodness_of_fit_ref                   ? 
_refine.ls_shift_over_su_max                     ? 
_refine.ls_shift_over_su_max_lt                  ? 
_refine.ls_shift_over_su_mean                    ? 
_refine.ls_shift_over_su_mean_lt                 ? 
_refine.pdbx_ls_sigma_I                          ? 
_refine.pdbx_ls_sigma_F                          ? 
_refine.pdbx_ls_sigma_Fsqd                       ? 
_refine.pdbx_data_cutoff_high_absF               ? 
_refine.pdbx_data_cutoff_high_rms_absF           ? 
_refine.pdbx_data_cutoff_low_absF                ? 
_refine.pdbx_isotropic_thermal_model             ? 
_refine.pdbx_ls_cross_valid_method               THROUGHOUT 
_refine.pdbx_method_to_determine_struct          'MOLECULAR REPLACEMENT' 
_refine.pdbx_starting_model                      6KFA 
_refine.pdbx_stereochemistry_target_values       ? 
_refine.pdbx_R_Free_selection_details            RANDOM 
_refine.pdbx_stereochem_target_val_spec_case     ? 
_refine.pdbx_overall_ESU_R                       0.176 
_refine.pdbx_overall_ESU_R_Free                  0.163 
_refine.pdbx_solvent_vdw_probe_radii             1.20 
_refine.pdbx_solvent_ion_probe_radii             0.80 
_refine.pdbx_solvent_shrinkage_radii             0.80 
_refine.pdbx_real_space_R                        ? 
_refine.pdbx_density_correlation                 ? 
_refine.pdbx_pd_number_of_powder_patterns        ? 
_refine.pdbx_pd_number_of_points                 ? 
_refine.pdbx_pd_meas_number_of_points            ? 
_refine.pdbx_pd_proc_ls_prof_R_factor            ? 
_refine.pdbx_pd_proc_ls_prof_wR_factor           ? 
_refine.pdbx_pd_Marquardt_correlation_coeff      ? 
_refine.pdbx_pd_Fsqrd_R_factor                   ? 
_refine.pdbx_pd_ls_matrix_band_width             ? 
_refine.pdbx_overall_phase_error                 ? 
_refine.pdbx_overall_SU_R_free_Cruickshank_DPI   ? 
_refine.pdbx_overall_SU_R_free_Blow_DPI          ? 
_refine.pdbx_overall_SU_R_Blow_DPI               ? 
_refine.pdbx_TLS_residual_ADP_flag               ? 
_refine.pdbx_diffrn_id                           1 
_refine.overall_SU_B                             4.051 
_refine.overall_SU_ML                            0.104 
_refine.overall_SU_R_Cruickshank_DPI             ? 
_refine.overall_SU_R_free                        ? 
_refine.overall_FOM_free_R_set                   ? 
_refine.overall_FOM_work_R_set                   ? 
_refine.pdbx_average_fsc_overall                 ? 
_refine.pdbx_average_fsc_work                    ? 
_refine.pdbx_average_fsc_free                    ? 
# 
_refine_hist.pdbx_refine_id                   'X-RAY DIFFRACTION' 
_refine_hist.cycle_id                         1 
_refine_hist.details                          ? 
_refine_hist.d_res_high                       2.10 
_refine_hist.d_res_low                        50.74 
_refine_hist.number_atoms_solvent             141 
_refine_hist.number_atoms_total               1461 
_refine_hist.number_reflns_all                ? 
_refine_hist.number_reflns_obs                ? 
_refine_hist.number_reflns_R_free             ? 
_refine_hist.number_reflns_R_work             ? 
_refine_hist.R_factor_all                     ? 
_refine_hist.R_factor_obs                     ? 
_refine_hist.R_factor_R_free                  ? 
_refine_hist.R_factor_R_work                  ? 
_refine_hist.pdbx_number_residues_total       ? 
_refine_hist.pdbx_B_iso_mean_ligand           ? 
_refine_hist.pdbx_B_iso_mean_solvent          ? 
_refine_hist.pdbx_number_atoms_protein        1280 
_refine_hist.pdbx_number_atoms_nucleic_acid   0 
_refine_hist.pdbx_number_atoms_ligand         40 
_refine_hist.pdbx_number_atoms_lipid          ? 
_refine_hist.pdbx_number_atoms_carb           ? 
_refine_hist.pdbx_pseudo_atom_details         ? 
# 
loop_
_refine_ls_restr.pdbx_refine_id 
_refine_ls_restr.criterion 
_refine_ls_restr.dev_ideal 
_refine_ls_restr.dev_ideal_target 
_refine_ls_restr.number 
_refine_ls_restr.rejects 
_refine_ls_restr.type 
_refine_ls_restr.weight 
_refine_ls_restr.pdbx_restraint_function 
'X-RAY DIFFRACTION' ? 0.014  0.019  1376 ? r_bond_refined_d             ? ? 
'X-RAY DIFFRACTION' ? 0.002  0.020  1154 ? r_bond_other_d               ? ? 
'X-RAY DIFFRACTION' ? 1.660  1.967  1885 ? r_angle_refined_deg          ? ? 
'X-RAY DIFFRACTION' ? 0.989  3.000  2713 ? r_angle_other_deg            ? ? 
'X-RAY DIFFRACTION' ? 6.908  5.000  165  ? r_dihedral_angle_1_deg       ? ? 
'X-RAY DIFFRACTION' ? 38.551 25.588 68   ? r_dihedral_angle_2_deg       ? ? 
'X-RAY DIFFRACTION' ? 13.464 15.000 206  ? r_dihedral_angle_3_deg       ? ? 
'X-RAY DIFFRACTION' ? 9.697  15.000 3    ? r_dihedral_angle_4_deg       ? ? 
'X-RAY DIFFRACTION' ? 0.098  0.200  208  ? r_chiral_restr               ? ? 
'X-RAY DIFFRACTION' ? 0.008  0.021  1536 ? r_gen_planes_refined         ? ? 
'X-RAY DIFFRACTION' ? 0.002  0.020  265  ? r_gen_planes_other           ? ? 
'X-RAY DIFFRACTION' ? ?      ?      ?    ? r_nbd_refined                ? ? 
'X-RAY DIFFRACTION' ? ?      ?      ?    ? r_nbd_other                  ? ? 
'X-RAY DIFFRACTION' ? ?      ?      ?    ? r_nbtor_refined              ? ? 
'X-RAY DIFFRACTION' ? ?      ?      ?    ? r_nbtor_other                ? ? 
'X-RAY DIFFRACTION' ? ?      ?      ?    ? r_xyhbond_nbd_refined        ? ? 
'X-RAY DIFFRACTION' ? ?      ?      ?    ? r_xyhbond_nbd_other          ? ? 
'X-RAY DIFFRACTION' ? ?      ?      ?    ? r_metal_ion_refined          ? ? 
'X-RAY DIFFRACTION' ? ?      ?      ?    ? r_metal_ion_other            ? ? 
'X-RAY DIFFRACTION' ? ?      ?      ?    ? r_symmetry_vdw_refined       ? ? 
'X-RAY DIFFRACTION' ? ?      ?      ?    ? r_symmetry_vdw_other         ? ? 
'X-RAY DIFFRACTION' ? ?      ?      ?    ? r_symmetry_hbond_refined     ? ? 
'X-RAY DIFFRACTION' ? ?      ?      ?    ? r_symmetry_hbond_other       ? ? 
'X-RAY DIFFRACTION' ? ?      ?      ?    ? r_symmetry_metal_ion_refined ? ? 
'X-RAY DIFFRACTION' ? ?      ?      ?    ? r_symmetry_metal_ion_other   ? ? 
'X-RAY DIFFRACTION' ? 1.917  2.957  655  ? r_mcbond_it                  ? ? 
'X-RAY DIFFRACTION' ? 1.917  2.954  653  ? r_mcbond_other               ? ? 
'X-RAY DIFFRACTION' ? 2.632  4.422  818  ? r_mcangle_it                 ? ? 
'X-RAY DIFFRACTION' ? 2.631  4.422  819  ? r_mcangle_other              ? ? 
'X-RAY DIFFRACTION' ? 3.395  3.562  721  ? r_scbond_it                  ? ? 
'X-RAY DIFFRACTION' ? 3.356  3.561  721  ? r_scbond_other               ? ? 
'X-RAY DIFFRACTION' ? ?      ?      ?    ? r_scangle_it                 ? ? 
'X-RAY DIFFRACTION' ? 5.299  5.232  1067 ? r_scangle_other              ? ? 
'X-RAY DIFFRACTION' ? 6.668  37.913 1558 ? r_long_range_B_refined       ? ? 
'X-RAY DIFFRACTION' ? 6.469  37.481 1529 ? r_long_range_B_other         ? ? 
'X-RAY DIFFRACTION' ? ?      ?      ?    ? r_rigid_bond_restr           ? ? 
'X-RAY DIFFRACTION' ? ?      ?      ?    ? r_sphericity_free            ? ? 
'X-RAY DIFFRACTION' ? ?      ?      ?    ? r_sphericity_bonded          ? ? 
# 
_refine_ls_shell.pdbx_refine_id                   'X-RAY DIFFRACTION' 
_refine_ls_shell.d_res_high                       2.100 
_refine_ls_shell.d_res_low                        2.154 
_refine_ls_shell.number_reflns_all                ? 
_refine_ls_shell.number_reflns_obs                ? 
_refine_ls_shell.number_reflns_R_free             37 
_refine_ls_shell.number_reflns_R_work             981 
_refine_ls_shell.percent_reflns_obs               100.00 
_refine_ls_shell.percent_reflns_R_free            ? 
_refine_ls_shell.R_factor_all                     ? 
_refine_ls_shell.R_factor_obs                     ? 
_refine_ls_shell.R_factor_R_free                  0.250 
_refine_ls_shell.R_factor_R_free_error            ? 
_refine_ls_shell.R_factor_R_work                  0.229 
_refine_ls_shell.redundancy_reflns_all            ? 
_refine_ls_shell.redundancy_reflns_obs            ? 
_refine_ls_shell.wR_factor_all                    ? 
_refine_ls_shell.wR_factor_obs                    ? 
_refine_ls_shell.wR_factor_R_free                 ? 
_refine_ls_shell.wR_factor_R_work                 ? 
_refine_ls_shell.pdbx_total_number_of_bins_used   20 
_refine_ls_shell.pdbx_phase_error                 ? 
_refine_ls_shell.pdbx_fsc_work                    ? 
_refine_ls_shell.pdbx_fsc_free                    ? 
# 
_struct.entry_id                     6KFC 
_struct.title                        
'Hydroxynitrile lyase from the millipede, Chamberlinius hualienensis, complexed with cyanide ion' 
_struct.pdbx_model_details           ? 
_struct.pdbx_formula_weight          ? 
_struct.pdbx_formula_weight_method   ? 
_struct.pdbx_model_type_details      ? 
_struct.pdbx_CASP_flag               N 
# 
_struct_keywords.entry_id        6KFC 
_struct_keywords.text            'Hydroxynitrile lyase, lipocalin fold, four disulfide bonds, dimer, LYASE' 
_struct_keywords.pdbx_keywords   LYASE 
# 
loop_
_struct_asym.id 
_struct_asym.pdbx_blank_PDB_chainid_flag 
_struct_asym.pdbx_modified 
_struct_asym.entity_id 
_struct_asym.details 
A N N 1 ? 
B N N 2 ? 
C N N 3 ? 
D N N 4 ? 
E N N 5 ? 
# 
_struct_ref.id                         1 
_struct_ref.db_name                    UNP 
_struct_ref.db_code                    A0A0H5BR52_9MYRI 
_struct_ref.pdbx_db_accession          A0A0H5BR52 
_struct_ref.pdbx_db_isoform            ? 
_struct_ref.entity_id                  1 
_struct_ref.pdbx_seq_one_letter_code   
;LTCDQLPKAAINPIQEFIDSNPLEFEYVLTETFECTTRIYVQPARWSTTKAPTALDIKGTQIMAYDFVGGPENSAHLNEC
HTGDKQVWYFQYTNLLTDNGSSYCAYRCNGTEIIEYKCASNNNGTDPLQHQAMEVAKTVPNGDKIHYAKSNCPETHGCFA
FY
;
_struct_ref.pdbx_align_begin           22 
# 
_struct_ref_seq.align_id                      1 
_struct_ref_seq.ref_id                        1 
_struct_ref_seq.pdbx_PDB_id_code              6KFC 
_struct_ref_seq.pdbx_strand_id                A 
_struct_ref_seq.seq_align_beg                 1 
_struct_ref_seq.pdbx_seq_align_beg_ins_code   ? 
_struct_ref_seq.seq_align_end                 162 
_struct_ref_seq.pdbx_seq_align_end_ins_code   ? 
_struct_ref_seq.pdbx_db_accession             A0A0H5BR52 
_struct_ref_seq.db_align_beg                  22 
_struct_ref_seq.pdbx_db_align_beg_ins_code    ? 
_struct_ref_seq.db_align_end                  183 
_struct_ref_seq.pdbx_db_align_end_ins_code    ? 
_struct_ref_seq.pdbx_auth_seq_align_beg       1 
_struct_ref_seq.pdbx_auth_seq_align_end       162 
# 
_pdbx_struct_assembly.id                   1 
_pdbx_struct_assembly.details              author_and_software_defined_assembly 
_pdbx_struct_assembly.method_details       PISA 
_pdbx_struct_assembly.oligomeric_details   dimeric 
_pdbx_struct_assembly.oligomeric_count     2 
# 
loop_
_pdbx_struct_assembly_prop.biol_id 
_pdbx_struct_assembly_prop.type 
_pdbx_struct_assembly_prop.value 
_pdbx_struct_assembly_prop.details 
1 'ABSA (A^2)' 4970  ? 
1 MORE         -11   ? 
1 'SSA (A^2)'  14360 ? 
# 
_pdbx_struct_assembly_gen.assembly_id       1 
_pdbx_struct_assembly_gen.oper_expression   1,2 
_pdbx_struct_assembly_gen.asym_id_list      A,B,C,D,E 
# 
_pdbx_struct_assembly_auth_evidence.id                     1 
_pdbx_struct_assembly_auth_evidence.assembly_id            1 
_pdbx_struct_assembly_auth_evidence.experimental_support   'gel filtration' 
_pdbx_struct_assembly_auth_evidence.details                ? 
# 
loop_
_pdbx_struct_oper_list.id 
_pdbx_struct_oper_list.type 
_pdbx_struct_oper_list.name 
_pdbx_struct_oper_list.symmetry_operation 
_pdbx_struct_oper_list.matrix[1][1] 
_pdbx_struct_oper_list.matrix[1][2] 
_pdbx_struct_oper_list.matrix[1][3] 
_pdbx_struct_oper_list.vector[1] 
_pdbx_struct_oper_list.matrix[2][1] 
_pdbx_struct_oper_list.matrix[2][2] 
_pdbx_struct_oper_list.matrix[2][3] 
_pdbx_struct_oper_list.vector[2] 
_pdbx_struct_oper_list.matrix[3][1] 
_pdbx_struct_oper_list.matrix[3][2] 
_pdbx_struct_oper_list.matrix[3][3] 
_pdbx_struct_oper_list.vector[3] 
1 'identity operation'         1_555  x,y,z            1.0000000000  0.0000000000  0.0000000000 0.0000000000   0.0000000000  1.0000000000  0.0000000000  0.0000000000   0.0000000000 0.0000000000  1.0000000000 0.0000000000  
2 'crystal symmetry operation' 10_444 -y-1,-x-1,-z-1/6 -0.3204010913 -0.3795803410 0.8679066225 -21.6911859986 -0.3795803410 -0.7879907790 -0.4847569463 -14.0408616233 0.8679066225 -0.4847569463 0.1083918703 10.8441058595 
# 
loop_
_struct_conf.conf_type_id 
_struct_conf.id 
_struct_conf.pdbx_PDB_helix_id 
_struct_conf.beg_label_comp_id 
_struct_conf.beg_label_asym_id 
_struct_conf.beg_label_seq_id 
_struct_conf.pdbx_beg_PDB_ins_code 
_struct_conf.end_label_comp_id 
_struct_conf.end_label_asym_id 
_struct_conf.end_label_seq_id 
_struct_conf.pdbx_end_PDB_ins_code 
_struct_conf.beg_auth_comp_id 
_struct_conf.beg_auth_asym_id 
_struct_conf.beg_auth_seq_id 
_struct_conf.end_auth_comp_id 
_struct_conf.end_auth_asym_id 
_struct_conf.end_auth_seq_id 
_struct_conf.pdbx_PDB_helix_class 
_struct_conf.details 
_struct_conf.pdbx_PDB_helix_length 
HELX_P HELX_P1 AA1 THR A 2   ? LEU A 6   ? THR A 2   LEU A 6   5 ? 5  
HELX_P HELX_P2 AA2 PRO A 13  ? ASN A 21  ? PRO A 13  ASN A 21  1 ? 9  
HELX_P HELX_P3 AA3 PRO A 71  ? ASN A 73  ? PRO A 71  ASN A 73  5 ? 3  
HELX_P HELX_P4 AA4 ASP A 126 ? THR A 138 ? ASP A 126 THR A 138 1 ? 13 
HELX_P HELX_P5 AA5 ASN A 141 ? ILE A 145 ? ASN A 141 ILE A 145 5 ? 5  
# 
_struct_conf_type.id          HELX_P 
_struct_conf_type.criteria    ? 
_struct_conf_type.reference   ? 
# 
loop_
_struct_conn.id 
_struct_conn.conn_type_id 
_struct_conn.pdbx_leaving_atom_flag 
_struct_conn.pdbx_PDB_id 
_struct_conn.ptnr1_label_asym_id 
_struct_conn.ptnr1_label_comp_id 
_struct_conn.ptnr1_label_seq_id 
_struct_conn.ptnr1_label_atom_id 
_struct_conn.pdbx_ptnr1_label_alt_id 
_struct_conn.pdbx_ptnr1_PDB_ins_code 
_struct_conn.pdbx_ptnr1_standard_comp_id 
_struct_conn.ptnr1_symmetry 
_struct_conn.ptnr2_label_asym_id 
_struct_conn.ptnr2_label_comp_id 
_struct_conn.ptnr2_label_seq_id 
_struct_conn.ptnr2_label_atom_id 
_struct_conn.pdbx_ptnr2_label_alt_id 
_struct_conn.pdbx_ptnr2_PDB_ins_code 
_struct_conn.ptnr1_auth_asym_id 
_struct_conn.ptnr1_auth_comp_id 
_struct_conn.ptnr1_auth_seq_id 
_struct_conn.ptnr2_auth_asym_id 
_struct_conn.ptnr2_auth_comp_id 
_struct_conn.ptnr2_auth_seq_id 
_struct_conn.ptnr2_symmetry 
_struct_conn.pdbx_ptnr3_label_atom_id 
_struct_conn.pdbx_ptnr3_label_seq_id 
_struct_conn.pdbx_ptnr3_label_comp_id 
_struct_conn.pdbx_ptnr3_label_asym_id 
_struct_conn.pdbx_ptnr3_label_alt_id 
_struct_conn.pdbx_ptnr3_PDB_ins_code 
_struct_conn.details 
_struct_conn.pdbx_dist_value 
_struct_conn.pdbx_value_order 
_struct_conn.pdbx_role 
disulf1 disulf ?    ? A CYS 3   SG  ? ? ? 1_555 A CYS 108 SG ? ? A CYS 3   A CYS 108 1_555  ? ? ? ? ? ? ? 2.080 ? ?               
disulf2 disulf ?    ? A CYS 35  SG  ? ? ? 1_555 A CYS 152 SG ? ? A CYS 35  A CYS 152 1_555  ? ? ? ? ? ? ? 2.064 ? ?               
disulf3 disulf ?    ? A CYS 80  SG  ? ? ? 1_555 A CYS 158 SG ? ? A CYS 80  A CYS 158 10_444 ? ? ? ? ? ? ? 2.191 ? ?               
disulf4 disulf ?    ? A CYS 104 SG  ? ? ? 1_555 A CYS 118 SG ? ? A CYS 104 A CYS 118 1_555  ? ? ? ? ? ? ? 2.109 ? ?               
covale1 covale one  ? A ASN 109 ND2 ? ? ? 1_555 D NAG .   C1 ? ? A ASN 109 A NAG 204 1_555  ? ? ? ? ? ? ? 1.460 ? N-Glycosylation 
covale2 covale one  ? A ASN 123 ND2 ? ? ? 1_555 B NAG .   C1 ? ? A ASN 123 B NAG 1   1_555  ? ? ? ? ? ? ? 1.465 ? N-Glycosylation 
covale3 covale both ? B NAG .   O6  ? ? ? 1_555 B FUC .   C1 ? ? B NAG 1   B FUC 2   1_555  ? ? ? ? ? ? ? 1.448 ? ?               
# 
loop_
_struct_conn_type.id 
_struct_conn_type.criteria 
_struct_conn_type.reference 
disulf ? ? 
covale ? ? 
# 
loop_
_pdbx_modification_feature.ordinal 
_pdbx_modification_feature.label_comp_id 
_pdbx_modification_feature.label_asym_id 
_pdbx_modification_feature.label_seq_id 
_pdbx_modification_feature.label_alt_id 
_pdbx_modification_feature.modified_residue_label_comp_id 
_pdbx_modification_feature.modified_residue_label_asym_id 
_pdbx_modification_feature.modified_residue_label_seq_id 
_pdbx_modification_feature.modified_residue_label_alt_id 
_pdbx_modification_feature.auth_comp_id 
_pdbx_modification_feature.auth_asym_id 
_pdbx_modification_feature.auth_seq_id 
_pdbx_modification_feature.PDB_ins_code 
_pdbx_modification_feature.symmetry 
_pdbx_modification_feature.modified_residue_auth_comp_id 
_pdbx_modification_feature.modified_residue_auth_asym_id 
_pdbx_modification_feature.modified_residue_auth_seq_id 
_pdbx_modification_feature.modified_residue_PDB_ins_code 
_pdbx_modification_feature.modified_residue_symmetry 
_pdbx_modification_feature.comp_id_linking_atom 
_pdbx_modification_feature.modified_residue_id_linking_atom 
_pdbx_modification_feature.modified_residue_id 
_pdbx_modification_feature.ref_pcm_id 
_pdbx_modification_feature.ref_comp_id 
_pdbx_modification_feature.type 
_pdbx_modification_feature.category 
1 NAG B .   ? ASN A 123 ? NAG B 1   ? 1_555 ASN A 123 ? 1_555  C1 ND2 ASN 1 NAG N-Glycosylation Carbohydrate       
2 NAG D .   ? ASN A 109 ? NAG A 204 ? 1_555 ASN A 109 ? 1_555  C1 ND2 ASN 1 NAG N-Glycosylation Carbohydrate       
3 CYS A 3   ? CYS A 108 ? CYS A 3   ? 1_555 CYS A 108 ? 1_555  SG SG  .   . .   None            'Disulfide bridge' 
4 CYS A 35  ? CYS A 152 ? CYS A 35  ? 1_555 CYS A 152 ? 1_555  SG SG  .   . .   None            'Disulfide bridge' 
5 CYS A 80  ? CYS A 158 ? CYS A 80  ? 1_555 CYS A 158 ? 10_444 SG SG  .   . .   None            'Disulfide bridge' 
6 CYS A 104 ? CYS A 118 ? CYS A 104 ? 1_555 CYS A 118 ? 1_555  SG SG  .   . .   None            'Disulfide bridge' 
# 
_struct_mon_prot_cis.pdbx_id                1 
_struct_mon_prot_cis.label_comp_id          ASN 
_struct_mon_prot_cis.label_seq_id           21 
_struct_mon_prot_cis.label_asym_id          A 
_struct_mon_prot_cis.label_alt_id           . 
_struct_mon_prot_cis.pdbx_PDB_ins_code      ? 
_struct_mon_prot_cis.auth_comp_id           ASN 
_struct_mon_prot_cis.auth_seq_id            21 
_struct_mon_prot_cis.auth_asym_id           A 
_struct_mon_prot_cis.pdbx_label_comp_id_2   PRO 
_struct_mon_prot_cis.pdbx_label_seq_id_2    22 
_struct_mon_prot_cis.pdbx_label_asym_id_2   A 
_struct_mon_prot_cis.pdbx_PDB_ins_code_2    ? 
_struct_mon_prot_cis.pdbx_auth_comp_id_2    PRO 
_struct_mon_prot_cis.pdbx_auth_seq_id_2     22 
_struct_mon_prot_cis.pdbx_auth_asym_id_2    A 
_struct_mon_prot_cis.pdbx_PDB_model_num     1 
_struct_mon_prot_cis.pdbx_omega_angle       -3.68 
# 
_struct_sheet.id               AA1 
_struct_sheet.type             ? 
_struct_sheet.number_strands   10 
_struct_sheet.details          ? 
# 
loop_
_struct_sheet_order.sheet_id 
_struct_sheet_order.range_id_1 
_struct_sheet_order.range_id_2 
_struct_sheet_order.offset 
_struct_sheet_order.sense 
AA1 1 2  ? anti-parallel 
AA1 2 3  ? anti-parallel 
AA1 3 4  ? anti-parallel 
AA1 4 5  ? anti-parallel 
AA1 5 6  ? anti-parallel 
AA1 6 7  ? anti-parallel 
AA1 7 8  ? anti-parallel 
AA1 8 9  ? anti-parallel 
AA1 9 10 ? anti-parallel 
# 
loop_
_struct_sheet_range.sheet_id 
_struct_sheet_range.id 
_struct_sheet_range.beg_label_comp_id 
_struct_sheet_range.beg_label_asym_id 
_struct_sheet_range.beg_label_seq_id 
_struct_sheet_range.pdbx_beg_PDB_ins_code 
_struct_sheet_range.end_label_comp_id 
_struct_sheet_range.end_label_asym_id 
_struct_sheet_range.end_label_seq_id 
_struct_sheet_range.pdbx_end_PDB_ins_code 
_struct_sheet_range.beg_auth_comp_id 
_struct_sheet_range.beg_auth_asym_id 
_struct_sheet_range.beg_auth_seq_id 
_struct_sheet_range.end_auth_comp_id 
_struct_sheet_range.end_auth_asym_id 
_struct_sheet_range.end_auth_seq_id 
AA1 1  HIS A 146 ? TYR A 147 ? HIS A 146 TYR A 147 
AA1 2  LEU A 23  ? VAL A 28  ? LEU A 23  VAL A 28  
AA1 3  GLU A 112 ? SER A 120 ? GLU A 112 SER A 120 
AA1 4  GLY A 100 ? ASN A 109 ? GLY A 100 ASN A 109 
AA1 5  LYS A 85  ? THR A 97  ? LYS A 85  THR A 97  
AA1 6  SER A 74  ? GLU A 79  ? SER A 74  GLU A 79  
AA1 7  GLN A 61  ? GLY A 70  ? GLN A 61  GLY A 70  
AA1 8  THR A 53  ? LYS A 58  ? THR A 53  LYS A 58  
AA1 9  THR A 37  ? VAL A 41  ? THR A 37  VAL A 41  
AA1 10 LEU A 23  ? VAL A 28  ? LEU A 23  VAL A 28  
# 
loop_
_pdbx_struct_sheet_hbond.sheet_id 
_pdbx_struct_sheet_hbond.range_id_1 
_pdbx_struct_sheet_hbond.range_id_2 
_pdbx_struct_sheet_hbond.range_1_label_atom_id 
_pdbx_struct_sheet_hbond.range_1_label_comp_id 
_pdbx_struct_sheet_hbond.range_1_label_asym_id 
_pdbx_struct_sheet_hbond.range_1_label_seq_id 
_pdbx_struct_sheet_hbond.range_1_PDB_ins_code 
_pdbx_struct_sheet_hbond.range_1_auth_atom_id 
_pdbx_struct_sheet_hbond.range_1_auth_comp_id 
_pdbx_struct_sheet_hbond.range_1_auth_asym_id 
_pdbx_struct_sheet_hbond.range_1_auth_seq_id 
_pdbx_struct_sheet_hbond.range_2_label_atom_id 
_pdbx_struct_sheet_hbond.range_2_label_comp_id 
_pdbx_struct_sheet_hbond.range_2_label_asym_id 
_pdbx_struct_sheet_hbond.range_2_label_seq_id 
_pdbx_struct_sheet_hbond.range_2_PDB_ins_code 
_pdbx_struct_sheet_hbond.range_2_auth_atom_id 
_pdbx_struct_sheet_hbond.range_2_auth_comp_id 
_pdbx_struct_sheet_hbond.range_2_auth_asym_id 
_pdbx_struct_sheet_hbond.range_2_auth_seq_id 
AA1 1 2  O HIS A 146 ? O HIS A 146 N VAL A 28  ? N VAL A 28  
AA1 2 3  N GLU A 26  ? N GLU A 26  O CYS A 118 ? O CYS A 118 
AA1 3 4  O GLU A 112 ? O GLU A 112 N ASN A 109 ? N ASN A 109 
AA1 4 5  O SER A 102 ? O SER A 102 N ASN A 94  ? N ASN A 94  
AA1 5 6  O GLN A 86  ? O GLN A 86  N LEU A 77  ? N LEU A 77  
AA1 6 7  O HIS A 76  ? O HIS A 76  N VAL A 68  ? N VAL A 68  
AA1 7 8  O MET A 63  ? O MET A 63  N ASP A 56  ? N ASP A 56  
AA1 8 9  O ILE A 57  ? O ILE A 57  N THR A 37  ? N THR A 37  
AA1 9 10 O ARG A 38  ? O ARG A 38  N LEU A 23  ? N LEU A 23  
# 
_pdbx_entry_details.entry_id                   6KFC 
_pdbx_entry_details.has_ligand_of_interest     N 
_pdbx_entry_details.compound_details           ? 
_pdbx_entry_details.source_details             ? 
_pdbx_entry_details.nonpolymer_details         ? 
_pdbx_entry_details.sequence_details           ? 
_pdbx_entry_details.has_protein_modification   Y 
# 
loop_
_pdbx_validate_torsion.id 
_pdbx_validate_torsion.PDB_model_num 
_pdbx_validate_torsion.auth_comp_id 
_pdbx_validate_torsion.auth_asym_id 
_pdbx_validate_torsion.auth_seq_id 
_pdbx_validate_torsion.PDB_ins_code 
_pdbx_validate_torsion.label_alt_id 
_pdbx_validate_torsion.phi 
_pdbx_validate_torsion.psi 
1 1 LEU A 29  ? ? -98.98  -63.87 
2 1 ASN A 151 ? ? -142.89 56.22  
# 
loop_
_chem_comp_atom.comp_id 
_chem_comp_atom.atom_id 
_chem_comp_atom.type_symbol 
_chem_comp_atom.pdbx_aromatic_flag 
_chem_comp_atom.pdbx_stereo_config 
_chem_comp_atom.pdbx_ordinal 
ALA N    N N N 1   
ALA CA   C N S 2   
ALA C    C N N 3   
ALA O    O N N 4   
ALA CB   C N N 5   
ALA OXT  O N N 6   
ALA H    H N N 7   
ALA H2   H N N 8   
ALA HA   H N N 9   
ALA HB1  H N N 10  
ALA HB2  H N N 11  
ALA HB3  H N N 12  
ALA HXT  H N N 13  
ARG N    N N N 14  
ARG CA   C N S 15  
ARG C    C N N 16  
ARG O    O N N 17  
ARG CB   C N N 18  
ARG CG   C N N 19  
ARG CD   C N N 20  
ARG NE   N N N 21  
ARG CZ   C N N 22  
ARG NH1  N N N 23  
ARG NH2  N N N 24  
ARG OXT  O N N 25  
ARG H    H N N 26  
ARG H2   H N N 27  
ARG HA   H N N 28  
ARG HB2  H N N 29  
ARG HB3  H N N 30  
ARG HG2  H N N 31  
ARG HG3  H N N 32  
ARG HD2  H N N 33  
ARG HD3  H N N 34  
ARG HE   H N N 35  
ARG HH11 H N N 36  
ARG HH12 H N N 37  
ARG HH21 H N N 38  
ARG HH22 H N N 39  
ARG HXT  H N N 40  
ASN N    N N N 41  
ASN CA   C N S 42  
ASN C    C N N 43  
ASN O    O N N 44  
ASN CB   C N N 45  
ASN CG   C N N 46  
ASN OD1  O N N 47  
ASN ND2  N N N 48  
ASN OXT  O N N 49  
ASN H    H N N 50  
ASN H2   H N N 51  
ASN HA   H N N 52  
ASN HB2  H N N 53  
ASN HB3  H N N 54  
ASN HD21 H N N 55  
ASN HD22 H N N 56  
ASN HXT  H N N 57  
ASP N    N N N 58  
ASP CA   C N S 59  
ASP C    C N N 60  
ASP O    O N N 61  
ASP CB   C N N 62  
ASP CG   C N N 63  
ASP OD1  O N N 64  
ASP OD2  O N N 65  
ASP OXT  O N N 66  
ASP H    H N N 67  
ASP H2   H N N 68  
ASP HA   H N N 69  
ASP HB2  H N N 70  
ASP HB3  H N N 71  
ASP HD2  H N N 72  
ASP HXT  H N N 73  
CYN C    C N N 74  
CYN N    N N N 75  
CYS N    N N N 76  
CYS CA   C N R 77  
CYS C    C N N 78  
CYS O    O N N 79  
CYS CB   C N N 80  
CYS SG   S N N 81  
CYS OXT  O N N 82  
CYS H    H N N 83  
CYS H2   H N N 84  
CYS HA   H N N 85  
CYS HB2  H N N 86  
CYS HB3  H N N 87  
CYS HG   H N N 88  
CYS HXT  H N N 89  
FUC C1   C N R 90  
FUC C2   C N S 91  
FUC C3   C N R 92  
FUC C4   C N S 93  
FUC C5   C N S 94  
FUC C6   C N N 95  
FUC O1   O N N 96  
FUC O2   O N N 97  
FUC O3   O N N 98  
FUC O4   O N N 99  
FUC O5   O N N 100 
FUC H1   H N N 101 
FUC H2   H N N 102 
FUC H3   H N N 103 
FUC H4   H N N 104 
FUC H5   H N N 105 
FUC H61  H N N 106 
FUC H62  H N N 107 
FUC H63  H N N 108 
FUC HO1  H N N 109 
FUC HO2  H N N 110 
FUC HO3  H N N 111 
FUC HO4  H N N 112 
GLN N    N N N 113 
GLN CA   C N S 114 
GLN C    C N N 115 
GLN O    O N N 116 
GLN CB   C N N 117 
GLN CG   C N N 118 
GLN CD   C N N 119 
GLN OE1  O N N 120 
GLN NE2  N N N 121 
GLN OXT  O N N 122 
GLN H    H N N 123 
GLN H2   H N N 124 
GLN HA   H N N 125 
GLN HB2  H N N 126 
GLN HB3  H N N 127 
GLN HG2  H N N 128 
GLN HG3  H N N 129 
GLN HE21 H N N 130 
GLN HE22 H N N 131 
GLN HXT  H N N 132 
GLU N    N N N 133 
GLU CA   C N S 134 
GLU C    C N N 135 
GLU O    O N N 136 
GLU CB   C N N 137 
GLU CG   C N N 138 
GLU CD   C N N 139 
GLU OE1  O N N 140 
GLU OE2  O N N 141 
GLU OXT  O N N 142 
GLU H    H N N 143 
GLU H2   H N N 144 
GLU HA   H N N 145 
GLU HB2  H N N 146 
GLU HB3  H N N 147 
GLU HG2  H N N 148 
GLU HG3  H N N 149 
GLU HE2  H N N 150 
GLU HXT  H N N 151 
GLY N    N N N 152 
GLY CA   C N N 153 
GLY C    C N N 154 
GLY O    O N N 155 
GLY OXT  O N N 156 
GLY H    H N N 157 
GLY H2   H N N 158 
GLY HA2  H N N 159 
GLY HA3  H N N 160 
GLY HXT  H N N 161 
HIS N    N N N 162 
HIS CA   C N S 163 
HIS C    C N N 164 
HIS O    O N N 165 
HIS CB   C N N 166 
HIS CG   C Y N 167 
HIS ND1  N Y N 168 
HIS CD2  C Y N 169 
HIS CE1  C Y N 170 
HIS NE2  N Y N 171 
HIS OXT  O N N 172 
HIS H    H N N 173 
HIS H2   H N N 174 
HIS HA   H N N 175 
HIS HB2  H N N 176 
HIS HB3  H N N 177 
HIS HD1  H N N 178 
HIS HD2  H N N 179 
HIS HE1  H N N 180 
HIS HE2  H N N 181 
HIS HXT  H N N 182 
HOH O    O N N 183 
HOH H1   H N N 184 
HOH H2   H N N 185 
ILE N    N N N 186 
ILE CA   C N S 187 
ILE C    C N N 188 
ILE O    O N N 189 
ILE CB   C N S 190 
ILE CG1  C N N 191 
ILE CG2  C N N 192 
ILE CD1  C N N 193 
ILE OXT  O N N 194 
ILE H    H N N 195 
ILE H2   H N N 196 
ILE HA   H N N 197 
ILE HB   H N N 198 
ILE HG12 H N N 199 
ILE HG13 H N N 200 
ILE HG21 H N N 201 
ILE HG22 H N N 202 
ILE HG23 H N N 203 
ILE HD11 H N N 204 
ILE HD12 H N N 205 
ILE HD13 H N N 206 
ILE HXT  H N N 207 
LEU N    N N N 208 
LEU CA   C N S 209 
LEU C    C N N 210 
LEU O    O N N 211 
LEU CB   C N N 212 
LEU CG   C N N 213 
LEU CD1  C N N 214 
LEU CD2  C N N 215 
LEU OXT  O N N 216 
LEU H    H N N 217 
LEU H2   H N N 218 
LEU HA   H N N 219 
LEU HB2  H N N 220 
LEU HB3  H N N 221 
LEU HG   H N N 222 
LEU HD11 H N N 223 
LEU HD12 H N N 224 
LEU HD13 H N N 225 
LEU HD21 H N N 226 
LEU HD22 H N N 227 
LEU HD23 H N N 228 
LEU HXT  H N N 229 
LYS N    N N N 230 
LYS CA   C N S 231 
LYS C    C N N 232 
LYS O    O N N 233 
LYS CB   C N N 234 
LYS CG   C N N 235 
LYS CD   C N N 236 
LYS CE   C N N 237 
LYS NZ   N N N 238 
LYS OXT  O N N 239 
LYS H    H N N 240 
LYS H2   H N N 241 
LYS HA   H N N 242 
LYS HB2  H N N 243 
LYS HB3  H N N 244 
LYS HG2  H N N 245 
LYS HG3  H N N 246 
LYS HD2  H N N 247 
LYS HD3  H N N 248 
LYS HE2  H N N 249 
LYS HE3  H N N 250 
LYS HZ1  H N N 251 
LYS HZ2  H N N 252 
LYS HZ3  H N N 253 
LYS HXT  H N N 254 
MET N    N N N 255 
MET CA   C N S 256 
MET C    C N N 257 
MET O    O N N 258 
MET CB   C N N 259 
MET CG   C N N 260 
MET SD   S N N 261 
MET CE   C N N 262 
MET OXT  O N N 263 
MET H    H N N 264 
MET H2   H N N 265 
MET HA   H N N 266 
MET HB2  H N N 267 
MET HB3  H N N 268 
MET HG2  H N N 269 
MET HG3  H N N 270 
MET HE1  H N N 271 
MET HE2  H N N 272 
MET HE3  H N N 273 
MET HXT  H N N 274 
NAG C1   C N R 275 
NAG C2   C N R 276 
NAG C3   C N R 277 
NAG C4   C N S 278 
NAG C5   C N R 279 
NAG C6   C N N 280 
NAG C7   C N N 281 
NAG C8   C N N 282 
NAG N2   N N N 283 
NAG O1   O N N 284 
NAG O3   O N N 285 
NAG O4   O N N 286 
NAG O5   O N N 287 
NAG O6   O N N 288 
NAG O7   O N N 289 
NAG H1   H N N 290 
NAG H2   H N N 291 
NAG H3   H N N 292 
NAG H4   H N N 293 
NAG H5   H N N 294 
NAG H61  H N N 295 
NAG H62  H N N 296 
NAG H81  H N N 297 
NAG H82  H N N 298 
NAG H83  H N N 299 
NAG HN2  H N N 300 
NAG HO1  H N N 301 
NAG HO3  H N N 302 
NAG HO4  H N N 303 
NAG HO6  H N N 304 
PHE N    N N N 305 
PHE CA   C N S 306 
PHE C    C N N 307 
PHE O    O N N 308 
PHE CB   C N N 309 
PHE CG   C Y N 310 
PHE CD1  C Y N 311 
PHE CD2  C Y N 312 
PHE CE1  C Y N 313 
PHE CE2  C Y N 314 
PHE CZ   C Y N 315 
PHE OXT  O N N 316 
PHE H    H N N 317 
PHE H2   H N N 318 
PHE HA   H N N 319 
PHE HB2  H N N 320 
PHE HB3  H N N 321 
PHE HD1  H N N 322 
PHE HD2  H N N 323 
PHE HE1  H N N 324 
PHE HE2  H N N 325 
PHE HZ   H N N 326 
PHE HXT  H N N 327 
PRO N    N N N 328 
PRO CA   C N S 329 
PRO C    C N N 330 
PRO O    O N N 331 
PRO CB   C N N 332 
PRO CG   C N N 333 
PRO CD   C N N 334 
PRO OXT  O N N 335 
PRO H    H N N 336 
PRO HA   H N N 337 
PRO HB2  H N N 338 
PRO HB3  H N N 339 
PRO HG2  H N N 340 
PRO HG3  H N N 341 
PRO HD2  H N N 342 
PRO HD3  H N N 343 
PRO HXT  H N N 344 
SER N    N N N 345 
SER CA   C N S 346 
SER C    C N N 347 
SER O    O N N 348 
SER CB   C N N 349 
SER OG   O N N 350 
SER OXT  O N N 351 
SER H    H N N 352 
SER H2   H N N 353 
SER HA   H N N 354 
SER HB2  H N N 355 
SER HB3  H N N 356 
SER HG   H N N 357 
SER HXT  H N N 358 
THR N    N N N 359 
THR CA   C N S 360 
THR C    C N N 361 
THR O    O N N 362 
THR CB   C N R 363 
THR OG1  O N N 364 
THR CG2  C N N 365 
THR OXT  O N N 366 
THR H    H N N 367 
THR H2   H N N 368 
THR HA   H N N 369 
THR HB   H N N 370 
THR HG1  H N N 371 
THR HG21 H N N 372 
THR HG22 H N N 373 
THR HG23 H N N 374 
THR HXT  H N N 375 
TRP N    N N N 376 
TRP CA   C N S 377 
TRP C    C N N 378 
TRP O    O N N 379 
TRP CB   C N N 380 
TRP CG   C Y N 381 
TRP CD1  C Y N 382 
TRP CD2  C Y N 383 
TRP NE1  N Y N 384 
TRP CE2  C Y N 385 
TRP CE3  C Y N 386 
TRP CZ2  C Y N 387 
TRP CZ3  C Y N 388 
TRP CH2  C Y N 389 
TRP OXT  O N N 390 
TRP H    H N N 391 
TRP H2   H N N 392 
TRP HA   H N N 393 
TRP HB2  H N N 394 
TRP HB3  H N N 395 
TRP HD1  H N N 396 
TRP HE1  H N N 397 
TRP HE3  H N N 398 
TRP HZ2  H N N 399 
TRP HZ3  H N N 400 
TRP HH2  H N N 401 
TRP HXT  H N N 402 
TYR N    N N N 403 
TYR CA   C N S 404 
TYR C    C N N 405 
TYR O    O N N 406 
TYR CB   C N N 407 
TYR CG   C Y N 408 
TYR CD1  C Y N 409 
TYR CD2  C Y N 410 
TYR CE1  C Y N 411 
TYR CE2  C Y N 412 
TYR CZ   C Y N 413 
TYR OH   O N N 414 
TYR OXT  O N N 415 
TYR H    H N N 416 
TYR H2   H N N 417 
TYR HA   H N N 418 
TYR HB2  H N N 419 
TYR HB3  H N N 420 
TYR HD1  H N N 421 
TYR HD2  H N N 422 
TYR HE1  H N N 423 
TYR HE2  H N N 424 
TYR HH   H N N 425 
TYR HXT  H N N 426 
VAL N    N N N 427 
VAL CA   C N S 428 
VAL C    C N N 429 
VAL O    O N N 430 
VAL CB   C N N 431 
VAL CG1  C N N 432 
VAL CG2  C N N 433 
VAL OXT  O N N 434 
VAL H    H N N 435 
VAL H2   H N N 436 
VAL HA   H N N 437 
VAL HB   H N N 438 
VAL HG11 H N N 439 
VAL HG12 H N N 440 
VAL HG13 H N N 441 
VAL HG21 H N N 442 
VAL HG22 H N N 443 
VAL HG23 H N N 444 
VAL HXT  H N N 445 
# 
loop_
_chem_comp_bond.comp_id 
_chem_comp_bond.atom_id_1 
_chem_comp_bond.atom_id_2 
_chem_comp_bond.value_order 
_chem_comp_bond.pdbx_aromatic_flag 
_chem_comp_bond.pdbx_stereo_config 
_chem_comp_bond.pdbx_ordinal 
ALA N   CA   sing N N 1   
ALA N   H    sing N N 2   
ALA N   H2   sing N N 3   
ALA CA  C    sing N N 4   
ALA CA  CB   sing N N 5   
ALA CA  HA   sing N N 6   
ALA C   O    doub N N 7   
ALA C   OXT  sing N N 8   
ALA CB  HB1  sing N N 9   
ALA CB  HB2  sing N N 10  
ALA CB  HB3  sing N N 11  
ALA OXT HXT  sing N N 12  
ARG N   CA   sing N N 13  
ARG N   H    sing N N 14  
ARG N   H2   sing N N 15  
ARG CA  C    sing N N 16  
ARG CA  CB   sing N N 17  
ARG CA  HA   sing N N 18  
ARG C   O    doub N N 19  
ARG C   OXT  sing N N 20  
ARG CB  CG   sing N N 21  
ARG CB  HB2  sing N N 22  
ARG CB  HB3  sing N N 23  
ARG CG  CD   sing N N 24  
ARG CG  HG2  sing N N 25  
ARG CG  HG3  sing N N 26  
ARG CD  NE   sing N N 27  
ARG CD  HD2  sing N N 28  
ARG CD  HD3  sing N N 29  
ARG NE  CZ   sing N N 30  
ARG NE  HE   sing N N 31  
ARG CZ  NH1  sing N N 32  
ARG CZ  NH2  doub N N 33  
ARG NH1 HH11 sing N N 34  
ARG NH1 HH12 sing N N 35  
ARG NH2 HH21 sing N N 36  
ARG NH2 HH22 sing N N 37  
ARG OXT HXT  sing N N 38  
ASN N   CA   sing N N 39  
ASN N   H    sing N N 40  
ASN N   H2   sing N N 41  
ASN CA  C    sing N N 42  
ASN CA  CB   sing N N 43  
ASN CA  HA   sing N N 44  
ASN C   O    doub N N 45  
ASN C   OXT  sing N N 46  
ASN CB  CG   sing N N 47  
ASN CB  HB2  sing N N 48  
ASN CB  HB3  sing N N 49  
ASN CG  OD1  doub N N 50  
ASN CG  ND2  sing N N 51  
ASN ND2 HD21 sing N N 52  
ASN ND2 HD22 sing N N 53  
ASN OXT HXT  sing N N 54  
ASP N   CA   sing N N 55  
ASP N   H    sing N N 56  
ASP N   H2   sing N N 57  
ASP CA  C    sing N N 58  
ASP CA  CB   sing N N 59  
ASP CA  HA   sing N N 60  
ASP C   O    doub N N 61  
ASP C   OXT  sing N N 62  
ASP CB  CG   sing N N 63  
ASP CB  HB2  sing N N 64  
ASP CB  HB3  sing N N 65  
ASP CG  OD1  doub N N 66  
ASP CG  OD2  sing N N 67  
ASP OD2 HD2  sing N N 68  
ASP OXT HXT  sing N N 69  
CYN C   N    trip N N 70  
CYS N   CA   sing N N 71  
CYS N   H    sing N N 72  
CYS N   H2   sing N N 73  
CYS CA  C    sing N N 74  
CYS CA  CB   sing N N 75  
CYS CA  HA   sing N N 76  
CYS C   O    doub N N 77  
CYS C   OXT  sing N N 78  
CYS CB  SG   sing N N 79  
CYS CB  HB2  sing N N 80  
CYS CB  HB3  sing N N 81  
CYS SG  HG   sing N N 82  
CYS OXT HXT  sing N N 83  
FUC C1  C2   sing N N 84  
FUC C1  O1   sing N N 85  
FUC C1  O5   sing N N 86  
FUC C1  H1   sing N N 87  
FUC C2  C3   sing N N 88  
FUC C2  O2   sing N N 89  
FUC C2  H2   sing N N 90  
FUC C3  C4   sing N N 91  
FUC C3  O3   sing N N 92  
FUC C3  H3   sing N N 93  
FUC C4  C5   sing N N 94  
FUC C4  O4   sing N N 95  
FUC C4  H4   sing N N 96  
FUC C5  C6   sing N N 97  
FUC C5  O5   sing N N 98  
FUC C5  H5   sing N N 99  
FUC C6  H61  sing N N 100 
FUC C6  H62  sing N N 101 
FUC C6  H63  sing N N 102 
FUC O1  HO1  sing N N 103 
FUC O2  HO2  sing N N 104 
FUC O3  HO3  sing N N 105 
FUC O4  HO4  sing N N 106 
GLN N   CA   sing N N 107 
GLN N   H    sing N N 108 
GLN N   H2   sing N N 109 
GLN CA  C    sing N N 110 
GLN CA  CB   sing N N 111 
GLN CA  HA   sing N N 112 
GLN C   O    doub N N 113 
GLN C   OXT  sing N N 114 
GLN CB  CG   sing N N 115 
GLN CB  HB2  sing N N 116 
GLN CB  HB3  sing N N 117 
GLN CG  CD   sing N N 118 
GLN CG  HG2  sing N N 119 
GLN CG  HG3  sing N N 120 
GLN CD  OE1  doub N N 121 
GLN CD  NE2  sing N N 122 
GLN NE2 HE21 sing N N 123 
GLN NE2 HE22 sing N N 124 
GLN OXT HXT  sing N N 125 
GLU N   CA   sing N N 126 
GLU N   H    sing N N 127 
GLU N   H2   sing N N 128 
GLU CA  C    sing N N 129 
GLU CA  CB   sing N N 130 
GLU CA  HA   sing N N 131 
GLU C   O    doub N N 132 
GLU C   OXT  sing N N 133 
GLU CB  CG   sing N N 134 
GLU CB  HB2  sing N N 135 
GLU CB  HB3  sing N N 136 
GLU CG  CD   sing N N 137 
GLU CG  HG2  sing N N 138 
GLU CG  HG3  sing N N 139 
GLU CD  OE1  doub N N 140 
GLU CD  OE2  sing N N 141 
GLU OE2 HE2  sing N N 142 
GLU OXT HXT  sing N N 143 
GLY N   CA   sing N N 144 
GLY N   H    sing N N 145 
GLY N   H2   sing N N 146 
GLY CA  C    sing N N 147 
GLY CA  HA2  sing N N 148 
GLY CA  HA3  sing N N 149 
GLY C   O    doub N N 150 
GLY C   OXT  sing N N 151 
GLY OXT HXT  sing N N 152 
HIS N   CA   sing N N 153 
HIS N   H    sing N N 154 
HIS N   H2   sing N N 155 
HIS CA  C    sing N N 156 
HIS CA  CB   sing N N 157 
HIS CA  HA   sing N N 158 
HIS C   O    doub N N 159 
HIS C   OXT  sing N N 160 
HIS CB  CG   sing N N 161 
HIS CB  HB2  sing N N 162 
HIS CB  HB3  sing N N 163 
HIS CG  ND1  sing Y N 164 
HIS CG  CD2  doub Y N 165 
HIS ND1 CE1  doub Y N 166 
HIS ND1 HD1  sing N N 167 
HIS CD2 NE2  sing Y N 168 
HIS CD2 HD2  sing N N 169 
HIS CE1 NE2  sing Y N 170 
HIS CE1 HE1  sing N N 171 
HIS NE2 HE2  sing N N 172 
HIS OXT HXT  sing N N 173 
HOH O   H1   sing N N 174 
HOH O   H2   sing N N 175 
ILE N   CA   sing N N 176 
ILE N   H    sing N N 177 
ILE N   H2   sing N N 178 
ILE CA  C    sing N N 179 
ILE CA  CB   sing N N 180 
ILE CA  HA   sing N N 181 
ILE C   O    doub N N 182 
ILE C   OXT  sing N N 183 
ILE CB  CG1  sing N N 184 
ILE CB  CG2  sing N N 185 
ILE CB  HB   sing N N 186 
ILE CG1 CD1  sing N N 187 
ILE CG1 HG12 sing N N 188 
ILE CG1 HG13 sing N N 189 
ILE CG2 HG21 sing N N 190 
ILE CG2 HG22 sing N N 191 
ILE CG2 HG23 sing N N 192 
ILE CD1 HD11 sing N N 193 
ILE CD1 HD12 sing N N 194 
ILE CD1 HD13 sing N N 195 
ILE OXT HXT  sing N N 196 
LEU N   CA   sing N N 197 
LEU N   H    sing N N 198 
LEU N   H2   sing N N 199 
LEU CA  C    sing N N 200 
LEU CA  CB   sing N N 201 
LEU CA  HA   sing N N 202 
LEU C   O    doub N N 203 
LEU C   OXT  sing N N 204 
LEU CB  CG   sing N N 205 
LEU CB  HB2  sing N N 206 
LEU CB  HB3  sing N N 207 
LEU CG  CD1  sing N N 208 
LEU CG  CD2  sing N N 209 
LEU CG  HG   sing N N 210 
LEU CD1 HD11 sing N N 211 
LEU CD1 HD12 sing N N 212 
LEU CD1 HD13 sing N N 213 
LEU CD2 HD21 sing N N 214 
LEU CD2 HD22 sing N N 215 
LEU CD2 HD23 sing N N 216 
LEU OXT HXT  sing N N 217 
LYS N   CA   sing N N 218 
LYS N   H    sing N N 219 
LYS N   H2   sing N N 220 
LYS CA  C    sing N N 221 
LYS CA  CB   sing N N 222 
LYS CA  HA   sing N N 223 
LYS C   O    doub N N 224 
LYS C   OXT  sing N N 225 
LYS CB  CG   sing N N 226 
LYS CB  HB2  sing N N 227 
LYS CB  HB3  sing N N 228 
LYS CG  CD   sing N N 229 
LYS CG  HG2  sing N N 230 
LYS CG  HG3  sing N N 231 
LYS CD  CE   sing N N 232 
LYS CD  HD2  sing N N 233 
LYS CD  HD3  sing N N 234 
LYS CE  NZ   sing N N 235 
LYS CE  HE2  sing N N 236 
LYS CE  HE3  sing N N 237 
LYS NZ  HZ1  sing N N 238 
LYS NZ  HZ2  sing N N 239 
LYS NZ  HZ3  sing N N 240 
LYS OXT HXT  sing N N 241 
MET N   CA   sing N N 242 
MET N   H    sing N N 243 
MET N   H2   sing N N 244 
MET CA  C    sing N N 245 
MET CA  CB   sing N N 246 
MET CA  HA   sing N N 247 
MET C   O    doub N N 248 
MET C   OXT  sing N N 249 
MET CB  CG   sing N N 250 
MET CB  HB2  sing N N 251 
MET CB  HB3  sing N N 252 
MET CG  SD   sing N N 253 
MET CG  HG2  sing N N 254 
MET CG  HG3  sing N N 255 
MET SD  CE   sing N N 256 
MET CE  HE1  sing N N 257 
MET CE  HE2  sing N N 258 
MET CE  HE3  sing N N 259 
MET OXT HXT  sing N N 260 
NAG C1  C2   sing N N 261 
NAG C1  O1   sing N N 262 
NAG C1  O5   sing N N 263 
NAG C1  H1   sing N N 264 
NAG C2  C3   sing N N 265 
NAG C2  N2   sing N N 266 
NAG C2  H2   sing N N 267 
NAG C3  C4   sing N N 268 
NAG C3  O3   sing N N 269 
NAG C3  H3   sing N N 270 
NAG C4  C5   sing N N 271 
NAG C4  O4   sing N N 272 
NAG C4  H4   sing N N 273 
NAG C5  C6   sing N N 274 
NAG C5  O5   sing N N 275 
NAG C5  H5   sing N N 276 
NAG C6  O6   sing N N 277 
NAG C6  H61  sing N N 278 
NAG C6  H62  sing N N 279 
NAG C7  C8   sing N N 280 
NAG C7  N2   sing N N 281 
NAG C7  O7   doub N N 282 
NAG C8  H81  sing N N 283 
NAG C8  H82  sing N N 284 
NAG C8  H83  sing N N 285 
NAG N2  HN2  sing N N 286 
NAG O1  HO1  sing N N 287 
NAG O3  HO3  sing N N 288 
NAG O4  HO4  sing N N 289 
NAG O6  HO6  sing N N 290 
PHE N   CA   sing N N 291 
PHE N   H    sing N N 292 
PHE N   H2   sing N N 293 
PHE CA  C    sing N N 294 
PHE CA  CB   sing N N 295 
PHE CA  HA   sing N N 296 
PHE C   O    doub N N 297 
PHE C   OXT  sing N N 298 
PHE CB  CG   sing N N 299 
PHE CB  HB2  sing N N 300 
PHE CB  HB3  sing N N 301 
PHE CG  CD1  doub Y N 302 
PHE CG  CD2  sing Y N 303 
PHE CD1 CE1  sing Y N 304 
PHE CD1 HD1  sing N N 305 
PHE CD2 CE2  doub Y N 306 
PHE CD2 HD2  sing N N 307 
PHE CE1 CZ   doub Y N 308 
PHE CE1 HE1  sing N N 309 
PHE CE2 CZ   sing Y N 310 
PHE CE2 HE2  sing N N 311 
PHE CZ  HZ   sing N N 312 
PHE OXT HXT  sing N N 313 
PRO N   CA   sing N N 314 
PRO N   CD   sing N N 315 
PRO N   H    sing N N 316 
PRO CA  C    sing N N 317 
PRO CA  CB   sing N N 318 
PRO CA  HA   sing N N 319 
PRO C   O    doub N N 320 
PRO C   OXT  sing N N 321 
PRO CB  CG   sing N N 322 
PRO CB  HB2  sing N N 323 
PRO CB  HB3  sing N N 324 
PRO CG  CD   sing N N 325 
PRO CG  HG2  sing N N 326 
PRO CG  HG3  sing N N 327 
PRO CD  HD2  sing N N 328 
PRO CD  HD3  sing N N 329 
PRO OXT HXT  sing N N 330 
SER N   CA   sing N N 331 
SER N   H    sing N N 332 
SER N   H2   sing N N 333 
SER CA  C    sing N N 334 
SER CA  CB   sing N N 335 
SER CA  HA   sing N N 336 
SER C   O    doub N N 337 
SER C   OXT  sing N N 338 
SER CB  OG   sing N N 339 
SER CB  HB2  sing N N 340 
SER CB  HB3  sing N N 341 
SER OG  HG   sing N N 342 
SER OXT HXT  sing N N 343 
THR N   CA   sing N N 344 
THR N   H    sing N N 345 
THR N   H2   sing N N 346 
THR CA  C    sing N N 347 
THR CA  CB   sing N N 348 
THR CA  HA   sing N N 349 
THR C   O    doub N N 350 
THR C   OXT  sing N N 351 
THR CB  OG1  sing N N 352 
THR CB  CG2  sing N N 353 
THR CB  HB   sing N N 354 
THR OG1 HG1  sing N N 355 
THR CG2 HG21 sing N N 356 
THR CG2 HG22 sing N N 357 
THR CG2 HG23 sing N N 358 
THR OXT HXT  sing N N 359 
TRP N   CA   sing N N 360 
TRP N   H    sing N N 361 
TRP N   H2   sing N N 362 
TRP CA  C    sing N N 363 
TRP CA  CB   sing N N 364 
TRP CA  HA   sing N N 365 
TRP C   O    doub N N 366 
TRP C   OXT  sing N N 367 
TRP CB  CG   sing N N 368 
TRP CB  HB2  sing N N 369 
TRP CB  HB3  sing N N 370 
TRP CG  CD1  doub Y N 371 
TRP CG  CD2  sing Y N 372 
TRP CD1 NE1  sing Y N 373 
TRP CD1 HD1  sing N N 374 
TRP CD2 CE2  doub Y N 375 
TRP CD2 CE3  sing Y N 376 
TRP NE1 CE2  sing Y N 377 
TRP NE1 HE1  sing N N 378 
TRP CE2 CZ2  sing Y N 379 
TRP CE3 CZ3  doub Y N 380 
TRP CE3 HE3  sing N N 381 
TRP CZ2 CH2  doub Y N 382 
TRP CZ2 HZ2  sing N N 383 
TRP CZ3 CH2  sing Y N 384 
TRP CZ3 HZ3  sing N N 385 
TRP CH2 HH2  sing N N 386 
TRP OXT HXT  sing N N 387 
TYR N   CA   sing N N 388 
TYR N   H    sing N N 389 
TYR N   H2   sing N N 390 
TYR CA  C    sing N N 391 
TYR CA  CB   sing N N 392 
TYR CA  HA   sing N N 393 
TYR C   O    doub N N 394 
TYR C   OXT  sing N N 395 
TYR CB  CG   sing N N 396 
TYR CB  HB2  sing N N 397 
TYR CB  HB3  sing N N 398 
TYR CG  CD1  doub Y N 399 
TYR CG  CD2  sing Y N 400 
TYR CD1 CE1  sing Y N 401 
TYR CD1 HD1  sing N N 402 
TYR CD2 CE2  doub Y N 403 
TYR CD2 HD2  sing N N 404 
TYR CE1 CZ   doub Y N 405 
TYR CE1 HE1  sing N N 406 
TYR CE2 CZ   sing Y N 407 
TYR CE2 HE2  sing N N 408 
TYR CZ  OH   sing N N 409 
TYR OH  HH   sing N N 410 
TYR OXT HXT  sing N N 411 
VAL N   CA   sing N N 412 
VAL N   H    sing N N 413 
VAL N   H2   sing N N 414 
VAL CA  C    sing N N 415 
VAL CA  CB   sing N N 416 
VAL CA  HA   sing N N 417 
VAL C   O    doub N N 418 
VAL C   OXT  sing N N 419 
VAL CB  CG1  sing N N 420 
VAL CB  CG2  sing N N 421 
VAL CB  HB   sing N N 422 
VAL CG1 HG11 sing N N 423 
VAL CG1 HG12 sing N N 424 
VAL CG1 HG13 sing N N 425 
VAL CG2 HG21 sing N N 426 
VAL CG2 HG22 sing N N 427 
VAL CG2 HG23 sing N N 428 
VAL OXT HXT  sing N N 429 
# 
_pdbx_audit_support.funding_organization   'Japan Science and Technology' 
_pdbx_audit_support.country                Japan 
_pdbx_audit_support.grant_number           JPMJER1102 
_pdbx_audit_support.ordinal                1 
# 
loop_
_pdbx_entity_branch_list.entity_id 
_pdbx_entity_branch_list.comp_id 
_pdbx_entity_branch_list.num 
_pdbx_entity_branch_list.hetero 
2 NAG 1 n 
2 FUC 2 n 
# 
_pdbx_initial_refinement_model.id               1 
_pdbx_initial_refinement_model.entity_id_list   ? 
_pdbx_initial_refinement_model.type             'experimental model' 
_pdbx_initial_refinement_model.source_name      PDB 
_pdbx_initial_refinement_model.accession_code   6KFA 
_pdbx_initial_refinement_model.details          ? 
# 
_atom_sites.entry_id                    6KFC 
_atom_sites.Cartn_transf_matrix[1][1]   ? 
_atom_sites.Cartn_transf_matrix[1][2]   ? 
_atom_sites.Cartn_transf_matrix[1][3]   ? 
_atom_sites.Cartn_transf_matrix[2][1]   ? 
_atom_sites.Cartn_transf_matrix[2][2]   ? 
_atom_sites.Cartn_transf_matrix[2][3]   ? 
_atom_sites.Cartn_transf_matrix[3][1]   ? 
_atom_sites.Cartn_transf_matrix[3][2]   ? 
_atom_sites.Cartn_transf_matrix[3][3]   ? 
_atom_sites.Cartn_transf_vector[1]      ? 
_atom_sites.Cartn_transf_vector[2]      ? 
_atom_sites.Cartn_transf_vector[3]      ? 
_atom_sites.fract_transf_matrix[1][1]   0.01524807 
_atom_sites.fract_transf_matrix[1][2]   -0.01186465 
_atom_sites.fract_transf_matrix[1][3]   -0.00389159 
_atom_sites.fract_transf_matrix[2][1]   0.00375953 
_atom_sites.fract_transf_matrix[2][2]   -0.00544785 
_atom_sites.fract_transf_matrix[2][3]   -0.01856319 
_atom_sites.fract_transf_matrix[3][1]   0.00261546 
_atom_sites.fract_transf_matrix[3][2]   0.00352708 
_atom_sites.fract_transf_matrix[3][3]   -0.00050542 
_atom_sites.fract_transf_vector[1]      -0.334272 
_atom_sites.fract_transf_vector[2]      -0.459365 
_atom_sites.fract_transf_vector[3]      -0.027461 
_atom_sites.solution_primary            ? 
_atom_sites.solution_secondary          ? 
_atom_sites.solution_hydrogens          ? 
_atom_sites.special_details             ? 
# 
loop_
_atom_type.symbol 
C 
N 
O 
S 
# 
loop_
_atom_site.group_PDB 
_atom_site.id 
_atom_site.type_symbol 
_atom_site.label_atom_id 
_atom_site.label_alt_id 
_atom_site.label_comp_id 
_atom_site.label_asym_id 
_atom_site.label_entity_id 
_atom_site.label_seq_id 
_atom_site.pdbx_PDB_ins_code 
_atom_site.Cartn_x 
_atom_site.Cartn_y 
_atom_site.Cartn_z 
_atom_site.occupancy 
_atom_site.B_iso_or_equiv 
_atom_site.pdbx_formal_charge 
_atom_site.auth_seq_id 
_atom_site.auth_comp_id 
_atom_site.auth_asym_id 
_atom_site.auth_atom_id 
_atom_site.pdbx_PDB_model_num 
ATOM   1    N N   . LEU A 1 1   ? 17.815  12.129  -6.586  1.00 39.46  ? 1   LEU A N   1 
ATOM   2    C CA  . LEU A 1 1   ? 16.384  12.085  -6.241  1.00 35.90  ? 1   LEU A CA  1 
ATOM   3    C C   . LEU A 1 1   ? 16.269  11.838  -4.765  1.00 35.28  ? 1   LEU A C   1 
ATOM   4    O O   . LEU A 1 1   ? 16.885  10.911  -4.224  1.00 38.13  ? 1   LEU A O   1 
ATOM   5    C CB  . LEU A 1 1   ? 15.714  10.974  -7.026  1.00 38.80  ? 1   LEU A CB  1 
ATOM   6    C CG  . LEU A 1 1   ? 14.168  10.925  -7.053  1.00 37.21  ? 1   LEU A CG  1 
ATOM   7    C CD1 . LEU A 1 1   ? 13.618  12.149  -7.761  1.00 39.62  ? 1   LEU A CD1 1 
ATOM   8    C CD2 . LEU A 1 1   ? 13.748  9.663   -7.776  1.00 38.00  ? 1   LEU A CD2 1 
ATOM   9    N N   . THR A 1 2   ? 15.532  12.695  -4.094  1.00 33.79  ? 2   THR A N   1 
ATOM   10   C CA  . THR A 1 2   ? 15.180  12.480  -2.711  1.00 33.34  ? 2   THR A CA  1 
ATOM   11   C C   . THR A 1 2   ? 13.668  12.196  -2.589  1.00 34.66  ? 2   THR A C   1 
ATOM   12   O O   . THR A 1 2   ? 12.873  12.452  -3.513  1.00 30.72  ? 2   THR A O   1 
ATOM   13   C CB  . THR A 1 2   ? 15.589  13.669  -1.834  1.00 35.87  ? 2   THR A CB  1 
ATOM   14   O OG1 . THR A 1 2   ? 14.958  14.863  -2.320  1.00 37.51  ? 2   THR A OG1 1 
ATOM   15   C CG2 . THR A 1 2   ? 17.152  13.831  -1.823  1.00 36.21  ? 2   THR A CG2 1 
ATOM   16   N N   . CYS A 1 3   ? 13.282  11.687  -1.429  1.00 33.29  ? 3   CYS A N   1 
ATOM   17   C CA  . CYS A 1 3   ? 11.954  11.130  -1.236  1.00 33.64  ? 3   CYS A CA  1 
ATOM   18   C C   . CYS A 1 3   ? 10.901  12.211  -1.508  1.00 35.02  ? 3   CYS A C   1 
ATOM   19   O O   . CYS A 1 3   ? 9.912   11.951  -2.173  1.00 31.95  ? 3   CYS A O   1 
ATOM   20   C CB  . CYS A 1 3   ? 11.816  10.501  0.164   1.00 33.09  ? 3   CYS A CB  1 
ATOM   21   S SG  . CYS A 1 3   ? 10.336  9.478   0.382   1.00 32.02  ? 3   CYS A SG  1 
ATOM   22   N N   . ASP A 1 4   ? 11.166  13.424  -1.043  1.00 35.23  ? 4   ASP A N   1 
ATOM   23   C CA  . ASP A 1 4   ? 10.274  14.569  -1.225  1.00 34.10  ? 4   ASP A CA  1 
ATOM   24   C C   . ASP A 1 4   ? 10.054  15.006  -2.676  1.00 33.34  ? 4   ASP A C   1 
ATOM   25   O O   . ASP A 1 4   ? 9.126   15.786  -2.927  1.00 32.79  ? 4   ASP A O   1 
ATOM   26   C CB  . ASP A 1 4   ? 10.806  15.750  -0.418  1.00 38.61  ? 4   ASP A CB  1 
ATOM   27   C CG  . ASP A 1 4   ? 12.226  16.166  -0.869  1.00 41.80  ? 4   ASP A CG  1 
ATOM   28   O OD1 . ASP A 1 4   ? 13.199  15.354  -0.761  1.00 41.97  ? 4   ASP A OD1 1 
ATOM   29   O OD2 . ASP A 1 4   ? 12.346  17.277  -1.396  1.00 40.37  ? 4   ASP A OD2 1 
ATOM   30   N N   . GLN A 1 5   ? 10.855  14.495  -3.620  1.00 31.18  ? 5   GLN A N   1 
ATOM   31   C CA  . GLN A 1 5   ? 10.761  14.822  -5.041  1.00 30.63  ? 5   GLN A CA  1 
ATOM   32   C C   . GLN A 1 5   ? 10.118  13.723  -5.820  1.00 32.25  ? 5   GLN A C   1 
ATOM   33   O O   . GLN A 1 5   ? 9.973   13.838  -7.058  1.00 33.28  ? 5   GLN A O   1 
ATOM   34   C CB  . GLN A 1 5   ? 12.167  15.045  -5.636  1.00 33.18  ? 5   GLN A CB  1 
ATOM   35   C CG  . GLN A 1 5   ? 12.942  16.200  -5.019  1.00 35.39  ? 5   GLN A CG  1 
ATOM   36   C CD  . GLN A 1 5   ? 14.407  16.224  -5.436  1.00 38.95  ? 5   GLN A CD  1 
ATOM   37   O OE1 . GLN A 1 5   ? 14.978  15.253  -5.962  1.00 40.51  ? 5   GLN A OE1 1 
ATOM   38   N NE2 . GLN A 1 5   ? 15.020  17.346  -5.206  1.00 39.35  ? 5   GLN A NE2 1 
ATOM   39   N N   . LEU A 1 6   ? 9.775   12.619  -5.147  1.00 30.35  ? 6   LEU A N   1 
ATOM   40   C CA  . LEU A 1 6   ? 8.997   11.567  -5.795  1.00 31.35  ? 6   LEU A CA  1 
ATOM   41   C C   . LEU A 1 6   ? 7.652   12.153  -6.215  1.00 27.53  ? 6   LEU A C   1 
ATOM   42   O O   . LEU A 1 6   ? 7.149   13.057  -5.546  1.00 30.09  ? 6   LEU A O   1 
ATOM   43   C CB  . LEU A 1 6   ? 8.759   10.365  -4.861  1.00 29.72  ? 6   LEU A CB  1 
ATOM   44   C CG  . LEU A 1 6   ? 9.973   9.472   -4.602  1.00 29.82  ? 6   LEU A CG  1 
ATOM   45   C CD1 . LEU A 1 6   ? 9.673   8.505   -3.449  1.00 31.61  ? 6   LEU A CD1 1 
ATOM   46   C CD2 . LEU A 1 6   ? 10.389  8.719   -5.854  1.00 28.68  ? 6   LEU A CD2 1 
ATOM   47   N N   . PRO A 1 7   ? 7.083   11.645  -7.312  1.00 28.94  ? 7   PRO A N   1 
ATOM   48   C CA  . PRO A 1 7   ? 5.737   12.053  -7.734  1.00 30.50  ? 7   PRO A CA  1 
ATOM   49   C C   . PRO A 1 7   ? 4.730   11.799  -6.633  1.00 29.94  ? 7   PRO A C   1 
ATOM   50   O O   . PRO A 1 7   ? 4.893   10.886  -5.818  1.00 29.39  ? 7   PRO A O   1 
ATOM   51   C CB  . PRO A 1 7   ? 5.416   11.141  -8.926  1.00 28.95  ? 7   PRO A CB  1 
ATOM   52   C CG  . PRO A 1 7   ? 6.651   10.422  -9.248  1.00 30.42  ? 7   PRO A CG  1 
ATOM   53   C CD  . PRO A 1 7   ? 7.570   10.486  -8.064  1.00 28.19  ? 7   PRO A CD  1 
ATOM   54   N N   . LYS A 1 8   ? 3.742   12.667  -6.577  1.00 29.71  ? 8   LYS A N   1 
ATOM   55   C CA  . LYS A 1 8   ? 2.626   12.550  -5.679  1.00 30.32  ? 8   LYS A CA  1 
ATOM   56   C C   . LYS A 1 8   ? 1.375   12.432  -6.549  1.00 29.16  ? 8   LYS A C   1 
ATOM   57   O O   . LYS A 1 8   ? 0.709   13.429  -6.821  1.00 29.60  ? 8   LYS A O   1 
ATOM   58   C CB  . LYS A 1 8   ? 2.542   13.770  -4.773  1.00 30.83  ? 8   LYS A CB  1 
ATOM   59   C CG  . LYS A 1 8   ? 3.694   13.937  -3.779  1.00 33.20  ? 8   LYS A CG  1 
ATOM   60   C CD  . LYS A 1 8   ? 3.605   15.320  -3.144  1.00 33.36  ? 8   LYS A CD  1 
ATOM   61   C CE  . LYS A 1 8   ? 4.618   15.571  -2.036  1.00 35.17  ? 8   LYS A CE  1 
ATOM   62   N NZ  . LYS A 1 8   ? 6.026   15.399  -2.490  1.00 38.80  ? 8   LYS A NZ  1 
ATOM   63   N N   . ALA A 1 9   ? 1.076   11.207  -6.990  1.00 26.28  ? 9   ALA A N   1 
ATOM   64   C CA  . ALA A 1 9   ? -0.007  10.979  -7.935  1.00 27.79  ? 9   ALA A CA  1 
ATOM   65   C C   . ALA A 1 9   ? -1.391  11.162  -7.298  1.00 30.17  ? 9   ALA A C   1 
ATOM   66   O O   . ALA A 1 9   ? -1.557  11.107  -6.067  1.00 27.25  ? 9   ALA A O   1 
ATOM   67   C CB  . ALA A 1 9   ? 0.083   9.635   -8.604  1.00 27.54  ? 9   ALA A CB  1 
ATOM   68   N N   . ALA A 1 10  ? -2.362  11.424  -8.171  1.00 29.21  ? 10  ALA A N   1 
ATOM   69   C CA  . ALA A 1 10  ? -3.739  11.626  -7.747  1.00 29.77  ? 10  ALA A CA  1 
ATOM   70   C C   . ALA A 1 10  ? -4.282  10.313  -7.160  1.00 30.79  ? 10  ALA A C   1 
ATOM   71   O O   . ALA A 1 10  ? -4.058  9.250   -7.715  1.00 26.33  ? 10  ALA A O   1 
ATOM   72   C CB  . ALA A 1 10  ? -4.574  12.075  -8.930  1.00 29.13  ? 10  ALA A CB  1 
ATOM   73   N N   . ILE A 1 11  ? -4.998  10.405  -6.052  1.00 32.36  ? 11  ILE A N   1 
ATOM   74   C CA  . ILE A 1 11  ? -5.523  9.214   -5.395  1.00 35.04  ? 11  ILE A CA  1 
ATOM   75   C C   . ILE A 1 11  ? -6.900  8.891   -5.951  1.00 30.93  ? 11  ILE A C   1 
ATOM   76   O O   . ILE A 1 11  ? -7.803  9.692   -5.795  1.00 32.40  ? 11  ILE A O   1 
ATOM   77   C CB  . ILE A 1 11  ? -5.640  9.449   -3.878  1.00 36.01  ? 11  ILE A CB  1 
ATOM   78   C CG1 . ILE A 1 11  ? -4.253  9.804   -3.314  1.00 40.19  ? 11  ILE A CG1 1 
ATOM   79   C CG2 . ILE A 1 11  ? -6.191  8.183   -3.220  1.00 36.60  ? 11  ILE A CG2 1 
ATOM   80   C CD1 . ILE A 1 11  ? -4.188  10.008  -1.811  1.00 44.15  ? 11  ILE A CD1 1 
ATOM   81   N N   . ASN A 1 12  ? -7.066  7.703   -6.537  1.00 30.12  ? 12  ASN A N   1 
ATOM   82   C CA  . ASN A 1 12  ? -8.345  7.294   -7.140  1.00 29.59  ? 12  ASN A CA  1 
ATOM   83   C C   . ASN A 1 12  ? -9.463  7.343   -6.107  1.00 31.10  ? 12  ASN A C   1 
ATOM   84   O O   . ASN A 1 12  ? -9.193  7.285   -4.892  1.00 30.24  ? 12  ASN A O   1 
ATOM   85   C CB  . ASN A 1 12  ? -8.299  5.876   -7.683  1.00 29.90  ? 12  ASN A CB  1 
ATOM   86   C CG  . ASN A 1 12  ? -7.198  5.659   -8.671  1.00 29.10  ? 12  ASN A CG  1 
ATOM   87   O OD1 . ASN A 1 12  ? -6.017  5.907   -8.364  1.00 30.40  ? 12  ASN A OD1 1 
ATOM   88   N ND2 . ASN A 1 12  ? -7.552  5.122   -9.844  1.00 28.13  ? 12  ASN A ND2 1 
ATOM   89   N N   . PRO A 1 13  ? -10.723 7.501   -6.571  1.00 31.35  ? 13  PRO A N   1 
ATOM   90   C CA  . PRO A 1 13  ? -11.867 7.332   -5.679  1.00 29.52  ? 13  PRO A CA  1 
ATOM   91   C C   . PRO A 1 13  ? -11.841 6.025   -4.919  1.00 26.33  ? 13  PRO A C   1 
ATOM   92   O O   . PRO A 1 13  ? -11.460 5.007   -5.467  1.00 27.00  ? 13  PRO A O   1 
ATOM   93   C CB  . PRO A 1 13  ? -13.055 7.364   -6.637  1.00 31.19  ? 13  PRO A CB  1 
ATOM   94   C CG  . PRO A 1 13  ? -12.616 8.321   -7.706  1.00 31.46  ? 13  PRO A CG  1 
ATOM   95   C CD  . PRO A 1 13  ? -11.135 8.083   -7.867  1.00 32.86  ? 13  PRO A CD  1 
ATOM   96   N N   . ILE A 1 14  ? -12.220 6.070   -3.640  1.00 27.82  ? 14  ILE A N   1 
ATOM   97   C CA  . ILE A 1 14  ? -12.121 4.895   -2.742  1.00 26.98  ? 14  ILE A CA  1 
ATOM   98   C C   . ILE A 1 14  ? -12.753 3.639   -3.305  1.00 26.30  ? 14  ILE A C   1 
ATOM   99   O O   . ILE A 1 14  ? -12.200 2.546   -3.139  1.00 24.87  ? 14  ILE A O   1 
ATOM   100  C CB  . ILE A 1 14  ? -12.635 5.218   -1.300  1.00 27.97  ? 14  ILE A CB  1 
ATOM   101  C CG1 . ILE A 1 14  ? -12.452 4.032   -0.349  1.00 28.65  ? 14  ILE A CG1 1 
ATOM   102  C CG2 . ILE A 1 14  ? -14.088 5.697   -1.305  1.00 29.96  ? 14  ILE A CG2 1 
ATOM   103  C CD1 . ILE A 1 14  ? -11.009 3.621   -0.106  1.00 29.60  ? 14  ILE A CD1 1 
ATOM   104  N N   . GLN A 1 15  ? -13.870 3.776   -4.024  1.00 25.67  ? 15  GLN A N   1 
ATOM   105  C CA  . GLN A 1 15  ? -14.523 2.586   -4.611  1.00 26.66  ? 15  GLN A CA  1 
ATOM   106  C C   . GLN A 1 15  ? -13.637 1.817   -5.587  1.00 27.11  ? 15  GLN A C   1 
ATOM   107  O O   . GLN A 1 15  ? -13.758 0.590   -5.701  1.00 27.85  ? 15  GLN A O   1 
ATOM   108  C CB  . GLN A 1 15  ? -15.873 2.934   -5.271  1.00 26.97  ? 15  GLN A CB  1 
ATOM   109  C CG  . GLN A 1 15  ? -16.770 1.736   -5.594  1.00 26.35  ? 15  GLN A CG  1 
ATOM   110  C CD  . GLN A 1 15  ? -17.194 0.966   -4.358  1.00 27.37  ? 15  GLN A CD  1 
ATOM   111  O OE1 . GLN A 1 15  ? -17.515 1.566   -3.335  1.00 28.43  ? 15  GLN A OE1 1 
ATOM   112  N NE2 . GLN A 1 15  ? -17.154 -0.375  -4.435  1.00 27.31  ? 15  GLN A NE2 1 
ATOM   113  N N   . GLU A 1 16  ? -12.702 2.504   -6.239  1.00 26.17  ? 16  GLU A N   1 
ATOM   114  C CA  . GLU A 1 16  ? -11.815 1.818   -7.176  1.00 27.08  ? 16  GLU A CA  1 
ATOM   115  C C   . GLU A 1 16  ? -10.824 0.923   -6.412  1.00 23.98  ? 16  GLU A C   1 
ATOM   116  O O   . GLU A 1 16  ? -10.436 -0.133  -6.888  1.00 23.73  ? 16  GLU A O   1 
ATOM   117  C CB  . GLU A 1 16  ? -11.093 2.825   -8.048  1.00 28.06  ? 16  GLU A CB  1 
ATOM   118  C CG  . GLU A 1 16  ? -12.029 3.717   -8.875  1.00 30.24  ? 16  GLU A CG  1 
ATOM   119  C CD  . GLU A 1 16  ? -11.300 4.547   -9.935  1.00 33.93  ? 16  GLU A CD  1 
ATOM   120  O OE1 . GLU A 1 16  ? -10.157 4.224   -10.329 1.00 35.17  ? 16  GLU A OE1 1 
ATOM   121  O OE2 . GLU A 1 16  ? -11.893 5.534   -10.388 1.00 42.25  ? 16  GLU A OE2 1 
ATOM   122  N N   . PHE A 1 17  ? -10.463 1.343   -5.211  1.00 24.74  ? 17  PHE A N   1 
ATOM   123  C CA  . PHE A 1 17  ? -9.546  0.554   -4.348  1.00 24.74  ? 17  PHE A CA  1 
ATOM   124  C C   . PHE A 1 17  ? -10.322 -0.648  -3.792  1.00 23.27  ? 17  PHE A C   1 
ATOM   125  O O   . PHE A 1 17  ? -9.876  -1.802  -3.857  1.00 23.24  ? 17  PHE A O   1 
ATOM   126  C CB  . PHE A 1 17  ? -8.991  1.470   -3.233  1.00 24.57  ? 17  PHE A CB  1 
ATOM   127  C CG  . PHE A 1 17  ? -7.892  2.396   -3.694  1.00 23.70  ? 17  PHE A CG  1 
ATOM   128  C CD1 . PHE A 1 17  ? -6.584  1.937   -3.794  1.00 24.70  ? 17  PHE A CD1 1 
ATOM   129  C CD2 . PHE A 1 17  ? -8.154  3.715   -4.008  1.00 23.04  ? 17  PHE A CD2 1 
ATOM   130  C CE1 . PHE A 1 17  ? -5.571  2.783   -4.221  1.00 23.61  ? 17  PHE A CE1 1 
ATOM   131  C CE2 . PHE A 1 17  ? -7.142  4.569   -4.411  1.00 24.22  ? 17  PHE A CE2 1 
ATOM   132  C CZ  . PHE A 1 17  ? -5.851  4.101   -4.537  1.00 22.83  ? 17  PHE A CZ  1 
ATOM   133  N N   . ILE A 1 18  ? -11.522 -0.367  -3.286  1.00 24.02  ? 18  ILE A N   1 
ATOM   134  C CA  . ILE A 1 18  ? -12.417 -1.428  -2.808  1.00 25.02  ? 18  ILE A CA  1 
ATOM   135  C C   . ILE A 1 18  ? -12.673 -2.459  -3.889  1.00 26.52  ? 18  ILE A C   1 
ATOM   136  O O   . ILE A 1 18  ? -12.576 -3.683  -3.615  1.00 26.35  ? 18  ILE A O   1 
ATOM   137  C CB  . ILE A 1 18  ? -13.752 -0.864  -2.279  1.00 25.72  ? 18  ILE A CB  1 
ATOM   138  C CG1 . ILE A 1 18  ? -13.511 -0.035  -1.033  1.00 25.56  ? 18  ILE A CG1 1 
ATOM   139  C CG2 . ILE A 1 18  ? -14.731 -2.003  -1.957  1.00 30.35  ? 18  ILE A CG2 1 
ATOM   140  C CD1 . ILE A 1 18  ? -14.689 0.813   -0.567  1.00 26.60  ? 18  ILE A CD1 1 
ATOM   141  N N   . ASP A 1 19  ? -12.955 -2.015  -5.129  1.00 26.77  ? 19  ASP A N   1 
ATOM   142  C CA  . ASP A 1 19  ? -13.164 -2.975  -6.229  1.00 26.10  ? 19  ASP A CA  1 
ATOM   143  C C   . ASP A 1 19  ? -11.919 -3.696  -6.660  1.00 26.69  ? 19  ASP A C   1 
ATOM   144  O O   . ASP A 1 19  ? -12.008 -4.705  -7.370  1.00 27.50  ? 19  ASP A O   1 
ATOM   145  C CB  . ASP A 1 19  ? -13.768 -2.313  -7.462  1.00 29.53  ? 19  ASP A CB  1 
ATOM   146  C CG  . ASP A 1 19  ? -15.167 -1.758  -7.220  1.00 31.25  ? 19  ASP A CG  1 
ATOM   147  O OD1 . ASP A 1 19  ? -15.847 -2.083  -6.220  1.00 34.22  ? 19  ASP A OD1 1 
ATOM   148  O OD2 . ASP A 1 19  ? -15.585 -0.947  -8.048  1.00 36.68  ? 19  ASP A OD2 1 
ATOM   149  N N   . SER A 1 20  ? -10.745 -3.220  -6.253  1.00 27.17  ? 20  SER A N   1 
ATOM   150  C CA  . SER A 1 20  ? -9.508  -3.991  -6.469  1.00 27.19  ? 20  SER A CA  1 
ATOM   151  C C   . SER A 1 20  ? -9.217  -5.089  -5.447  1.00 26.19  ? 20  SER A C   1 
ATOM   152  O O   . SER A 1 20  ? -8.297  -5.882  -5.661  1.00 24.48  ? 20  SER A O   1 
ATOM   153  C CB  . SER A 1 20  ? -8.306  -3.057  -6.527  1.00 29.99  ? 20  SER A CB  1 
ATOM   154  O OG  . SER A 1 20  ? -8.535  -2.024  -7.455  1.00 32.71  ? 20  SER A OG  1 
ATOM   155  N N   . ASN A 1 21  ? -9.921  -5.097  -4.308  1.00 25.33  ? 21  ASN A N   1 
ATOM   156  C CA  . ASN A 1 21  ? -9.688  -6.100  -3.261  1.00 22.78  ? 21  ASN A CA  1 
ATOM   157  C C   . ASN A 1 21  ? -9.751  -7.513  -3.831  1.00 23.22  ? 21  ASN A C   1 
ATOM   158  O O   . ASN A 1 21  ? -10.605 -7.785  -4.647  1.00 23.26  ? 21  ASN A O   1 
ATOM   159  C CB  . ASN A 1 21  ? -10.773 -6.033  -2.186  1.00 22.44  ? 21  ASN A CB  1 
ATOM   160  C CG  . ASN A 1 21  ? -10.662 -4.863  -1.269  1.00 21.67  ? 21  ASN A CG  1 
ATOM   161  O OD1 . ASN A 1 21  ? -9.624  -4.166  -1.201  1.00 21.53  ? 21  ASN A OD1 1 
ATOM   162  N ND2 . ASN A 1 21  ? -11.731 -4.650  -0.489  1.00 20.42  ? 21  ASN A ND2 1 
ATOM   163  N N   . PRO A 1 22  ? -8.913  -8.446  -3.391  1.00 23.82  ? 22  PRO A N   1 
ATOM   164  C CA  . PRO A 1 22  ? -7.816  -8.283  -2.420  1.00 24.22  ? 22  PRO A CA  1 
ATOM   165  C C   . PRO A 1 22  ? -6.528  -8.004  -3.188  1.00 23.81  ? 22  PRO A C   1 
ATOM   166  O O   . PRO A 1 22  ? -6.406  -8.431  -4.326  1.00 24.72  ? 22  PRO A O   1 
ATOM   167  C CB  . PRO A 1 22  ? -7.723  -9.659  -1.762  1.00 22.82  ? 22  PRO A CB  1 
ATOM   168  C CG  . PRO A 1 22  ? -8.232  -10.600 -2.796  1.00 23.54  ? 22  PRO A CG  1 
ATOM   169  C CD  . PRO A 1 22  ? -9.235  -9.848  -3.636  1.00 24.63  ? 22  PRO A CD  1 
ATOM   170  N N   . LEU A 1 23  ? -5.613  -7.268  -2.571  1.00 23.69  ? 23  LEU A N   1 
ATOM   171  C CA  . LEU A 1 23  ? -4.298  -6.989  -3.142  1.00 25.30  ? 23  LEU A CA  1 
ATOM   172  C C   . LEU A 1 23  ? -3.242  -7.653  -2.287  1.00 24.70  ? 23  LEU A C   1 
ATOM   173  O O   . LEU A 1 23  ? -3.468  -7.851  -1.102  1.00 24.43  ? 23  LEU A O   1 
ATOM   174  C CB  . LEU A 1 23  ? -4.075  -5.501  -3.152  1.00 25.87  ? 23  LEU A CB  1 
ATOM   175  C CG  . LEU A 1 23  ? -5.147  -4.744  -3.955  1.00 30.70  ? 23  LEU A CG  1 
ATOM   176  C CD1 . LEU A 1 23  ? -5.548  -3.469  -3.256  1.00 30.61  ? 23  LEU A CD1 1 
ATOM   177  C CD2 . LEU A 1 23  ? -4.666  -4.450  -5.378  1.00 30.22  ? 23  LEU A CD2 1 
ATOM   178  N N   . GLU A 1 24  ? -2.111  -8.000  -2.892  1.00 26.14  ? 24  GLU A N   1 
ATOM   179  C CA  . GLU A 1 24  ? -0.922  -8.470  -2.169  1.00 27.89  ? 24  GLU A CA  1 
ATOM   180  C C   . GLU A 1 24  ? 0.248   -7.524  -2.460  1.00 26.73  ? 24  GLU A C   1 
ATOM   181  O O   . GLU A 1 24  ? 0.358   -6.975  -3.586  1.00 25.04  ? 24  GLU A O   1 
ATOM   182  C CB  . GLU A 1 24  ? -0.487  -9.837  -2.649  1.00 29.77  ? 24  GLU A CB  1 
ATOM   183  C CG  . GLU A 1 24  ? -1.273  -10.987 -2.103  1.00 35.77  ? 24  GLU A CG  1 
ATOM   184  C CD  . GLU A 1 24  ? -0.769  -12.330 -2.650  1.00 38.81  ? 24  GLU A CD  1 
ATOM   185  O OE1 . GLU A 1 24  ? -0.045  -12.355 -3.688  1.00 36.50  ? 24  GLU A OE1 1 
ATOM   186  O OE2 . GLU A 1 24  ? -1.134  -13.356 -2.028  1.00 47.78  ? 24  GLU A OE2 1 
ATOM   187  N N   . PHE A 1 25  ? 1.138   -7.365  -1.473  1.00 24.58  ? 25  PHE A N   1 
ATOM   188  C CA  . PHE A 1 25  ? 2.305   -6.518  -1.667  1.00 26.40  ? 25  PHE A CA  1 
ATOM   189  C C   . PHE A 1 25  ? 3.359   -7.248  -2.474  1.00 27.03  ? 25  PHE A C   1 
ATOM   190  O O   . PHE A 1 25  ? 3.551   -8.424  -2.276  1.00 25.82  ? 25  PHE A O   1 
ATOM   191  C CB  . PHE A 1 25  ? 2.828   -6.001  -0.325  1.00 26.80  ? 25  PHE A CB  1 
ATOM   192  C CG  . PHE A 1 25  ? 1.907   -5.027  0.313   1.00 26.68  ? 25  PHE A CG  1 
ATOM   193  C CD1 . PHE A 1 25  ? 1.484   -3.903  -0.376  1.00 28.07  ? 25  PHE A CD1 1 
ATOM   194  C CD2 . PHE A 1 25  ? 1.434   -5.222  1.573   1.00 28.85  ? 25  PHE A CD2 1 
ATOM   195  C CE1 . PHE A 1 25  ? 0.628   -2.991  0.206   1.00 30.37  ? 25  PHE A CE1 1 
ATOM   196  C CE2 . PHE A 1 25  ? 0.578   -4.295  2.168   1.00 31.32  ? 25  PHE A CE2 1 
ATOM   197  C CZ  . PHE A 1 25  ? 0.167   -3.182  1.481   1.00 28.83  ? 25  PHE A CZ  1 
ATOM   198  N N   . GLU A 1 26  ? 3.916   -6.554  -3.471  1.00 27.95  ? 26  GLU A N   1 
ATOM   199  C CA  . GLU A 1 26  ? 5.003   -7.046  -4.293  1.00 29.84  ? 26  GLU A CA  1 
ATOM   200  C C   . GLU A 1 26  ? 6.384   -6.564  -3.822  1.00 28.11  ? 26  GLU A C   1 
ATOM   201  O O   . GLU A 1 26  ? 7.324   -7.366  -3.794  1.00 30.38  ? 26  GLU A O   1 
ATOM   202  C CB  . GLU A 1 26  ? 4.803   -6.646  -5.751  1.00 31.84  ? 26  GLU A CB  1 
ATOM   203  C CG  . GLU A 1 26  ? 3.603   -7.318  -6.392  1.00 36.27  ? 26  GLU A CG  1 
ATOM   204  C CD  . GLU A 1 26  ? 3.784   -8.808  -6.596  1.00 34.42  ? 26  GLU A CD  1 
ATOM   205  O OE1 . GLU A 1 26  ? 4.903   -9.216  -6.932  1.00 34.10  ? 26  GLU A OE1 1 
ATOM   206  O OE2 . GLU A 1 26  ? 2.796   -9.573  -6.441  1.00 35.29  ? 26  GLU A OE2 1 
ATOM   207  N N   . TYR A 1 27  ? 6.502   -5.285  -3.481  1.00 25.76  ? 27  TYR A N   1 
ATOM   208  C CA  . TYR A 1 27  ? 7.754   -4.692  -2.986  1.00 28.13  ? 27  TYR A CA  1 
ATOM   209  C C   . TYR A 1 27  ? 7.471   -3.892  -1.752  1.00 26.71  ? 27  TYR A C   1 
ATOM   210  O O   . TYR A 1 27  ? 6.465   -3.200  -1.673  1.00 26.83  ? 27  TYR A O   1 
ATOM   211  C CB  . TYR A 1 27  ? 8.450   -3.789  -4.026  1.00 29.56  ? 27  TYR A CB  1 
ATOM   212  C CG  . TYR A 1 27  ? 8.736   -4.497  -5.320  1.00 32.08  ? 27  TYR A CG  1 
ATOM   213  C CD1 . TYR A 1 27  ? 9.789   -5.421  -5.425  1.00 34.35  ? 27  TYR A CD1 1 
ATOM   214  C CD2 . TYR A 1 27  ? 7.961   -4.248  -6.444  1.00 36.95  ? 27  TYR A CD2 1 
ATOM   215  C CE1 . TYR A 1 27  ? 10.048  -6.081  -6.617  1.00 36.41  ? 27  TYR A CE1 1 
ATOM   216  C CE2 . TYR A 1 27  ? 8.199   -4.903  -7.633  1.00 42.67  ? 27  TYR A CE2 1 
ATOM   217  C CZ  . TYR A 1 27  ? 9.249   -5.810  -7.715  1.00 40.18  ? 27  TYR A CZ  1 
ATOM   218  O OH  . TYR A 1 27  ? 9.454   -6.417  -8.915  1.00 48.77  ? 27  TYR A OH  1 
ATOM   219  N N   . VAL A 1 28  ? 8.366   -4.007  -0.776  1.00 25.22  ? 28  VAL A N   1 
ATOM   220  C CA  . VAL A 1 28  ? 8.219   -3.299  0.481   1.00 24.46  ? 28  VAL A CA  1 
ATOM   221  C C   . VAL A 1 28  ? 9.590   -2.872  0.988   1.00 24.78  ? 28  VAL A C   1 
ATOM   222  O O   . VAL A 1 28  ? 10.610  -3.321  0.472   1.00 25.69  ? 28  VAL A O   1 
ATOM   223  C CB  . VAL A 1 28  ? 7.478   -4.150  1.530   1.00 23.87  ? 28  VAL A CB  1 
ATOM   224  C CG1 . VAL A 1 28  ? 6.091   -4.565  1.055   1.00 24.82  ? 28  VAL A CG1 1 
ATOM   225  C CG2 . VAL A 1 28  ? 8.270   -5.410  1.863   1.00 24.90  ? 28  VAL A CG2 1 
ATOM   226  N N   . LEU A 1 29  ? 9.601   -1.994  1.988   1.00 26.87  ? 29  LEU A N   1 
ATOM   227  C CA  . LEU A 1 29  ? 10.847  -1.484  2.533   1.00 28.44  ? 29  LEU A CA  1 
ATOM   228  C C   . LEU A 1 29  ? 11.258  -2.215  3.825   1.00 29.14  ? 29  LEU A C   1 
ATOM   229  O O   . LEU A 1 29  ? 12.278  -2.865  3.837   1.00 30.65  ? 29  LEU A O   1 
ATOM   230  C CB  . LEU A 1 29  ? 10.777  0.025   2.732   1.00 28.57  ? 29  LEU A CB  1 
ATOM   231  C CG  . LEU A 1 29  ? 12.179  0.682   2.789   1.00 29.24  ? 29  LEU A CG  1 
ATOM   232  C CD1 . LEU A 1 29  ? 12.173  2.122   2.292   1.00 31.14  ? 29  LEU A CD1 1 
ATOM   233  C CD2 . LEU A 1 29  ? 12.753  0.660   4.215   1.00 31.10  ? 29  LEU A CD2 1 
ATOM   234  N N   . THR A 1 30  ? 10.475  -2.108  4.883   1.00 28.07  ? 30  THR A N   1 
ATOM   235  C CA  . THR A 1 30  ? 10.748  -2.859  6.113   1.00 29.25  ? 30  THR A CA  1 
ATOM   236  C C   . THR A 1 30  ? 10.253  -4.290  5.899   1.00 31.01  ? 30  THR A C   1 
ATOM   237  O O   . THR A 1 30  ? 9.706   -4.630  4.845   1.00 34.99  ? 30  THR A O   1 
ATOM   238  C CB  . THR A 1 30  ? 10.068  -2.238  7.354   1.00 28.33  ? 30  THR A CB  1 
ATOM   239  O OG1 . THR A 1 30  ? 8.646   -2.370  7.284   1.00 30.58  ? 30  THR A OG1 1 
ATOM   240  C CG2 . THR A 1 30  ? 10.409  -0.762  7.514   1.00 29.30  ? 30  THR A CG2 1 
ATOM   241  N N   . GLU A 1 31  ? 10.452  -5.144  6.893   1.00 31.43  ? 31  GLU A N   1 
ATOM   242  C CA  . GLU A 1 31  ? 9.939   -6.498  6.825   1.00 30.41  ? 31  GLU A CA  1 
ATOM   243  C C   . GLU A 1 31  ? 8.446   -6.543  7.135   1.00 27.23  ? 31  GLU A C   1 
ATOM   244  O O   . GLU A 1 31  ? 7.840   -7.599  6.953   1.00 27.74  ? 31  GLU A O   1 
ATOM   245  C CB  . GLU A 1 31  ? 10.657  -7.427  7.835   1.00 32.49  ? 31  GLU A CB  1 
ATOM   246  C CG  . GLU A 1 31  ? 10.068  -7.333  9.238   1.00 38.73  ? 31  GLU A CG  1 
ATOM   247  C CD  . GLU A 1 31  ? 10.603  -8.353  10.201  1.00 45.59  ? 31  GLU A CD  1 
ATOM   248  O OE1 . GLU A 1 31  ? 11.216  -9.358  9.764   1.00 45.13  ? 31  GLU A OE1 1 
ATOM   249  O OE2 . GLU A 1 31  ? 10.418  -8.116  11.413  1.00 48.13  ? 31  GLU A OE2 1 
ATOM   250  N N   . THR A 1 32  ? 7.894   -5.471  7.711   1.00 27.77  ? 32  THR A N   1 
ATOM   251  C CA  . THR A 1 32  ? 6.522   -5.459  8.227   1.00 28.91  ? 32  THR A CA  1 
ATOM   252  C C   . THR A 1 32  ? 5.502   -5.997  7.219   1.00 26.67  ? 32  THR A C   1 
ATOM   253  O O   . THR A 1 32  ? 4.724   -6.897  7.559   1.00 24.37  ? 32  THR A O   1 
ATOM   254  C CB  . THR A 1 32  ? 6.123   -4.060  8.695   1.00 29.94  ? 32  THR A CB  1 
ATOM   255  O OG1 . THR A 1 32  ? 7.038   -3.660  9.688   1.00 33.12  ? 32  THR A OG1 1 
ATOM   256  C CG2 . THR A 1 32  ? 4.707   -4.033  9.306   1.00 31.88  ? 32  THR A CG2 1 
ATOM   257  N N   . PHE A 1 33  ? 5.604   -5.548  5.975   1.00 24.61  ? 33  PHE A N   1 
ATOM   258  C CA  . PHE A 1 33  ? 4.571   -5.836  4.960   1.00 24.80  ? 33  PHE A CA  1 
ATOM   259  C C   . PHE A 1 33  ? 4.908   -6.892  3.973   1.00 24.83  ? 33  PHE A C   1 
ATOM   260  O O   . PHE A 1 33  ? 4.213   -7.070  2.949   1.00 22.88  ? 33  PHE A O   1 
ATOM   261  C CB  . PHE A 1 33  ? 4.122   -4.528  4.304   1.00 27.08  ? 33  PHE A CB  1 
ATOM   262  C CG  . PHE A 1 33  ? 3.583   -3.568  5.312   1.00 29.05  ? 33  PHE A CG  1 
ATOM   263  C CD1 . PHE A 1 33  ? 2.433   -3.881  6.003   1.00 31.74  ? 33  PHE A CD1 1 
ATOM   264  C CD2 . PHE A 1 33  ? 4.292   -2.444  5.685   1.00 31.88  ? 33  PHE A CD2 1 
ATOM   265  C CE1 . PHE A 1 33  ? 1.942   -3.055  6.992   1.00 32.12  ? 33  PHE A CE1 1 
ATOM   266  C CE2 . PHE A 1 33  ? 3.792   -1.598  6.662   1.00 33.53  ? 33  PHE A CE2 1 
ATOM   267  C CZ  . PHE A 1 33  ? 2.610   -1.900  7.308   1.00 33.30  ? 33  PHE A CZ  1 
ATOM   268  N N   . GLU A 1 34  ? 5.946   -7.655  4.307   1.00 24.18  ? 34  GLU A N   1 
ATOM   269  C CA  . GLU A 1 34  ? 6.196   -8.923  3.635   1.00 24.73  ? 34  GLU A CA  1 
ATOM   270  C C   . GLU A 1 34  ? 4.974   -9.850  3.831   1.00 24.69  ? 34  GLU A C   1 
ATOM   271  O O   . GLU A 1 34  ? 4.306   -9.809  4.894   1.00 23.64  ? 34  GLU A O   1 
ATOM   272  C CB  . GLU A 1 34  ? 7.464   -9.582  4.213   1.00 25.80  ? 34  GLU A CB  1 
ATOM   273  C CG  . GLU A 1 34  ? 8.753   -8.869  3.807   1.00 28.19  ? 34  GLU A CG  1 
ATOM   274  C CD  . GLU A 1 34  ? 9.990   -9.357  4.571   1.00 30.69  ? 34  GLU A CD  1 
ATOM   275  O OE1 . GLU A 1 34  ? 9.885   -10.312 5.391   1.00 33.26  ? 34  GLU A OE1 1 
ATOM   276  O OE2 . GLU A 1 34  ? 11.067  -8.746  4.375   1.00 29.47  ? 34  GLU A OE2 1 
ATOM   277  N N   . CYS A 1 35  ? 4.668   -10.626 2.789   1.00 22.94  ? 35  CYS A N   1 
ATOM   278  C CA  . CYS A 1 35  ? 3.646   -11.649 2.832   1.00 24.07  ? 35  CYS A CA  1 
ATOM   279  C C   . CYS A 1 35  ? 2.338   -11.101 3.389   1.00 24.81  ? 35  CYS A C   1 
ATOM   280  O O   . CYS A 1 35  ? 1.681   -11.760 4.201   1.00 23.79  ? 35  CYS A O   1 
ATOM   281  C CB  . CYS A 1 35  ? 4.132   -12.819 3.689   1.00 27.67  ? 35  CYS A CB  1 
ATOM   282  S SG  . CYS A 1 35  ? 5.659   -13.530 3.070   1.00 29.72  ? 35  CYS A SG  1 
ATOM   283  N N   . THR A 1 36  ? 1.965   -9.904  2.945   1.00 23.27  ? 36  THR A N   1 
ATOM   284  C CA  . THR A 1 36  ? 0.842   -9.195  3.505   1.00 23.27  ? 36  THR A CA  1 
ATOM   285  C C   . THR A 1 36  ? -0.181  -8.972  2.409   1.00 24.13  ? 36  THR A C   1 
ATOM   286  O O   . THR A 1 36  ? 0.165   -8.715  1.237   1.00 21.41  ? 36  THR A O   1 
ATOM   287  C CB  . THR A 1 36  ? 1.311   -7.892  4.169   1.00 25.02  ? 36  THR A CB  1 
ATOM   288  O OG1 . THR A 1 36  ? 2.025   -8.222  5.373   1.00 25.47  ? 36  THR A OG1 1 
ATOM   289  C CG2 . THR A 1 36  ? 0.145   -6.955  4.582   1.00 23.90  ? 36  THR A CG2 1 
ATOM   290  N N   . THR A 1 37  ? -1.452  -9.066  2.813   1.00 24.60  ? 37  THR A N   1 
ATOM   291  C CA  . THR A 1 37  ? -2.578  -8.763  1.950   1.00 22.89  ? 37  THR A CA  1 
ATOM   292  C C   . THR A 1 37  ? -3.217  -7.445  2.409   1.00 23.22  ? 37  THR A C   1 
ATOM   293  O O   . THR A 1 37  ? -3.325  -7.174  3.608   1.00 23.29  ? 37  THR A O   1 
ATOM   294  C CB  . THR A 1 37  ? -3.572  -9.944  1.998   1.00 23.36  ? 37  THR A CB  1 
ATOM   295  O OG1 . THR A 1 37  ? -3.024  -11.042 1.274   1.00 21.77  ? 37  THR A OG1 1 
ATOM   296  C CG2 . THR A 1 37  ? -4.947  -9.576  1.409   1.00 23.83  ? 37  THR A CG2 1 
ATOM   297  N N   . ARG A 1 38  ? -3.659  -6.645  1.436   1.00 22.07  ? 38  ARG A N   1 
ATOM   298  C CA  . ARG A 1 38  ? -4.328  -5.380  1.667   1.00 22.92  ? 38  ARG A CA  1 
ATOM   299  C C   . ARG A 1 38  ? -5.800  -5.403  1.216   1.00 23.14  ? 38  ARG A C   1 
ATOM   300  O O   . ARG A 1 38  ? -6.114  -5.779  0.081   1.00 21.94  ? 38  ARG A O   1 
ATOM   301  C CB  . ARG A 1 38  ? -3.530  -4.272  0.982   1.00 24.31  ? 38  ARG A CB  1 
ATOM   302  C CG  . ARG A 1 38  ? -4.224  -2.939  0.742   1.00 27.53  ? 38  ARG A CG  1 
ATOM   303  C CD  . ARG A 1 38  ? -4.474  -2.107  1.966   1.00 27.16  ? 38  ARG A CD  1 
ATOM   304  N NE  . ARG A 1 38  ? -3.262  -1.730  2.691   1.00 28.79  ? 38  ARG A NE  1 
ATOM   305  C CZ  . ARG A 1 38  ? -2.616  -0.567  2.657   1.00 30.99  ? 38  ARG A CZ  1 
ATOM   306  N NH1 . ARG A 1 38  ? -3.009  0.433   1.893   1.00 34.12  ? 38  ARG A NH1 1 
ATOM   307  N NH2 . ARG A 1 38  ? -1.550  -0.396  3.437   1.00 32.07  ? 38  ARG A NH2 1 
ATOM   308  N N   . ILE A 1 39  ? -6.665  -4.953  2.117   1.00 21.11  ? 39  ILE A N   1 
ATOM   309  C CA  . ILE A 1 39  ? -8.097  -4.883  1.927   1.00 22.93  ? 39  ILE A CA  1 
ATOM   310  C C   . ILE A 1 39  ? -8.552  -3.457  2.269   1.00 23.03  ? 39  ILE A C   1 
ATOM   311  O O   . ILE A 1 39  ? -8.249  -2.925  3.349   1.00 22.36  ? 39  ILE A O   1 
ATOM   312  C CB  . ILE A 1 39  ? -8.833  -5.896  2.863   1.00 24.02  ? 39  ILE A CB  1 
ATOM   313  C CG1 . ILE A 1 39  ? -8.372  -7.340  2.607   1.00 27.49  ? 39  ILE A CG1 1 
ATOM   314  C CG2 . ILE A 1 39  ? -10.336 -5.799  2.728   1.00 25.71  ? 39  ILE A CG2 1 
ATOM   315  C CD1 . ILE A 1 39  ? -8.636  -7.905  1.217   1.00 27.69  ? 39  ILE A CD1 1 
ATOM   316  N N   . TYR A 1 40  ? -9.309  -2.860  1.356   1.00 20.92  ? 40  TYR A N   1 
ATOM   317  C CA  . TYR A 1 40  ? -9.943  -1.595  1.559   1.00 21.35  ? 40  TYR A CA  1 
ATOM   318  C C   . TYR A 1 40  ? -11.413 -1.790  1.962   1.00 21.01  ? 40  TYR A C   1 
ATOM   319  O O   . TYR A 1 40  ? -12.107 -2.661  1.452   1.00 23.88  ? 40  TYR A O   1 
ATOM   320  C CB  . TYR A 1 40  ? -9.839  -0.743  0.264   1.00 21.91  ? 40  TYR A CB  1 
ATOM   321  C CG  . TYR A 1 40  ? -8.452  -0.280  0.022   1.00 21.64  ? 40  TYR A CG  1 
ATOM   322  C CD1 . TYR A 1 40  ? -7.985  0.837   0.653   1.00 23.83  ? 40  TYR A CD1 1 
ATOM   323  C CD2 . TYR A 1 40  ? -7.594  -0.968  -0.803  1.00 24.18  ? 40  TYR A CD2 1 
ATOM   324  C CE1 . TYR A 1 40  ? -6.695  1.263   0.485   1.00 23.75  ? 40  TYR A CE1 1 
ATOM   325  C CE2 . TYR A 1 40  ? -6.296  -0.539  -0.978  1.00 23.82  ? 40  TYR A CE2 1 
ATOM   326  C CZ  . TYR A 1 40  ? -5.863  0.557   -0.316  1.00 23.33  ? 40  TYR A CZ  1 
ATOM   327  O OH  . TYR A 1 40  ? -4.603  1.032   -0.469  1.00 28.31  ? 40  TYR A OH  1 
ATOM   328  N N   . VAL A 1 41  ? -11.864 -0.951  2.867   1.00 21.64  ? 41  VAL A N   1 
ATOM   329  C CA  . VAL A 1 41  ? -13.191 -1.036  3.413   1.00 22.96  ? 41  VAL A CA  1 
ATOM   330  C C   . VAL A 1 41  ? -13.794 0.356   3.426   1.00 22.70  ? 41  VAL A C   1 
ATOM   331  O O   . VAL A 1 41  ? -13.163 1.326   3.871   1.00 23.18  ? 41  VAL A O   1 
ATOM   332  C CB  . VAL A 1 41  ? -13.155 -1.598  4.875   1.00 23.76  ? 41  VAL A CB  1 
ATOM   333  C CG1 . VAL A 1 41  ? -14.580 -1.803  5.382   1.00 24.79  ? 41  VAL A CG1 1 
ATOM   334  C CG2 . VAL A 1 41  ? -12.352 -2.907  4.919   1.00 24.22  ? 41  VAL A CG2 1 
ATOM   335  N N   A GLN A 1 42  ? -15.001 0.450   2.894   0.54 24.50  ? 42  GLN A N   1 
ATOM   336  N N   B GLN A 1 42  ? -15.049 0.459   3.006   0.46 24.08  ? 42  GLN A N   1 
ATOM   337  C CA  A GLN A 1 42  ? -15.893 1.610   3.073   0.54 23.79  ? 42  GLN A CA  1 
ATOM   338  C CA  B GLN A 1 42  ? -15.774 1.724   3.104   0.46 23.30  ? 42  GLN A CA  1 
ATOM   339  C C   A GLN A 1 42  ? -16.073 2.014   4.558   0.54 25.38  ? 42  GLN A C   1 
ATOM   340  C C   B GLN A 1 42  ? -16.016 2.051   4.561   0.46 24.94  ? 42  GLN A C   1 
ATOM   341  O O   A GLN A 1 42  ? -15.961 1.166   5.437   0.54 26.28  ? 42  GLN A O   1 
ATOM   342  O O   B GLN A 1 42  ? -15.908 1.180   5.420   0.46 25.78  ? 42  GLN A O   1 
ATOM   343  C CB  A GLN A 1 42  ? -17.261 1.336   2.368   0.54 24.58  ? 42  GLN A CB  1 
ATOM   344  C CB  B GLN A 1 42  ? -17.105 1.671   2.341   0.46 23.75  ? 42  GLN A CB  1 
ATOM   345  C CG  A GLN A 1 42  ? -18.001 -0.010  2.632   0.54 23.79  ? 42  GLN A CG  1 
ATOM   346  C CG  B GLN A 1 42  ? -18.304 1.117   3.110   0.46 22.90  ? 42  GLN A CG  1 
ATOM   347  C CD  A GLN A 1 42  ? -17.535 -1.236  1.798   0.54 23.33  ? 42  GLN A CD  1 
ATOM   348  C CD  B GLN A 1 42  ? -19.367 0.596   2.164   0.46 22.76  ? 42  GLN A CD  1 
ATOM   349  O OE1 A GLN A 1 42  ? -16.398 -1.692  1.942   0.54 18.74  ? 42  GLN A OE1 1 
ATOM   350  O OE1 B GLN A 1 42  ? -19.845 -0.543  2.294   0.46 22.35  ? 42  GLN A OE1 1 
ATOM   351  N NE2 A GLN A 1 42  ? -18.448 -1.806  0.957   0.54 23.32  ? 42  GLN A NE2 1 
ATOM   352  N NE2 B GLN A 1 42  ? -19.702 1.406   1.168   0.46 21.11  ? 42  GLN A NE2 1 
ATOM   353  N N   . PRO A 1 43  ? -16.336 3.310   4.860   1.00 24.67  ? 43  PRO A N   1 
ATOM   354  C CA  . PRO A 1 43  ? -16.572 3.675   6.249   1.00 25.20  ? 43  PRO A CA  1 
ATOM   355  C C   . PRO A 1 43  ? -17.794 3.012   6.850   1.00 26.27  ? 43  PRO A C   1 
ATOM   356  O O   . PRO A 1 43  ? -18.741 2.714   6.141   1.00 22.78  ? 43  PRO A O   1 
ATOM   357  C CB  . PRO A 1 43  ? -16.810 5.186   6.207   1.00 27.65  ? 43  PRO A CB  1 
ATOM   358  C CG  . PRO A 1 43  ? -17.059 5.526   4.788   1.00 28.47  ? 43  PRO A CG  1 
ATOM   359  C CD  . PRO A 1 43  ? -16.304 4.496   3.996   1.00 28.83  ? 43  PRO A CD  1 
ATOM   360  N N   . ALA A 1 44  ? -17.735 2.756   8.158   1.00 28.52  ? 44  ALA A N   1 
ATOM   361  C CA  . ALA A 1 44  ? -18.854 2.169   8.879   1.00 28.99  ? 44  ALA A CA  1 
ATOM   362  C C   . ALA A 1 44  ? -20.038 3.144   8.798   1.00 30.36  ? 44  ALA A C   1 
ATOM   363  O O   . ALA A 1 44  ? -19.827 4.363   8.866   1.00 27.06  ? 44  ALA A O   1 
ATOM   364  C CB  . ALA A 1 44  ? -18.474 1.975   10.345  1.00 27.64  ? 44  ALA A CB  1 
ATOM   365  N N   . ARG A 1 45  ? -21.260 2.607   8.697   1.00 32.68  ? 45  ARG A N   1 
ATOM   366  C CA  . ARG A 1 45  ? -22.516 3.420   8.804   1.00 33.44  ? 45  ARG A CA  1 
ATOM   367  C C   . ARG A 1 45  ? -22.524 4.229   10.053  1.00 33.71  ? 45  ARG A C   1 
ATOM   368  O O   . ARG A 1 45  ? -23.058 5.285   10.039  1.00 33.85  ? 45  ARG A O   1 
ATOM   369  C CB  . ARG A 1 45  ? -23.783 2.557   8.773   1.00 33.61  ? 45  ARG A CB  1 
ATOM   370  C CG  . ARG A 1 45  ? -23.958 1.888   7.416   1.00 35.83  ? 45  ARG A CG  1 
ATOM   371  C CD  . ARG A 1 45  ? -25.240 1.087   7.327   1.00 37.45  ? 45  ARG A CD  1 
ATOM   372  N NE  . ARG A 1 45  ? -26.446 1.918   7.360   1.00 39.46  ? 45  ARG A NE  1 
ATOM   373  C CZ  . ARG A 1 45  ? -27.194 2.169   8.423   1.00 42.39  ? 45  ARG A CZ  1 
ATOM   374  N NH1 . ARG A 1 45  ? -26.885 1.680   9.617   1.00 44.25  ? 45  ARG A NH1 1 
ATOM   375  N NH2 . ARG A 1 45  ? -28.273 2.935   8.287   1.00 42.50  ? 45  ARG A NH2 1 
ATOM   376  N N   . TRP A 1 46  ? -21.848 3.771   11.106  1.00 33.00  ? 46  TRP A N   1 
ATOM   377  C CA  . TRP A 1 46  ? -21.797 4.499   12.354  1.00 32.27  ? 46  TRP A CA  1 
ATOM   378  C C   . TRP A 1 46  ? -20.531 5.352   12.540  1.00 34.21  ? 46  TRP A C   1 
ATOM   379  O O   . TRP A 1 46  ? -20.358 5.979   13.601  1.00 36.40  ? 46  TRP A O   1 
ATOM   380  C CB  . TRP A 1 46  ? -21.993 3.518   13.549  1.00 32.06  ? 46  TRP A CB  1 
ATOM   381  C CG  . TRP A 1 46  ? -20.846 2.540   13.757  1.00 29.37  ? 46  TRP A CG  1 
ATOM   382  C CD1 . TRP A 1 46  ? -19.776 2.690   14.593  1.00 30.89  ? 46  TRP A CD1 1 
ATOM   383  C CD2 . TRP A 1 46  ? -20.664 1.283   13.094  1.00 29.51  ? 46  TRP A CD2 1 
ATOM   384  N NE1 . TRP A 1 46  ? -18.917 1.603   14.484  1.00 29.99  ? 46  TRP A NE1 1 
ATOM   385  C CE2 . TRP A 1 46  ? -19.448 0.718   13.582  1.00 29.90  ? 46  TRP A CE2 1 
ATOM   386  C CE3 . TRP A 1 46  ? -21.424 0.560   12.151  1.00 27.21  ? 46  TRP A CE3 1 
ATOM   387  C CZ2 . TRP A 1 46  ? -18.972 -0.515  13.146  1.00 27.58  ? 46  TRP A CZ2 1 
ATOM   388  C CZ3 . TRP A 1 46  ? -20.953 -0.656  11.709  1.00 27.87  ? 46  TRP A CZ3 1 
ATOM   389  C CH2 . TRP A 1 46  ? -19.722 -1.189  12.204  1.00 28.94  ? 46  TRP A CH2 1 
ATOM   390  N N   . SER A 1 47  ? -19.657 5.427   11.537  1.00 33.02  ? 47  SER A N   1 
ATOM   391  C CA  . SER A 1 47  ? -18.417 6.223   11.660  1.00 32.93  ? 47  SER A CA  1 
ATOM   392  C C   . SER A 1 47  ? -18.774 7.705   11.564  1.00 37.18  ? 47  SER A C   1 
ATOM   393  O O   . SER A 1 47  ? -19.510 8.083   10.656  1.00 36.97  ? 47  SER A O   1 
ATOM   394  C CB  . SER A 1 47  ? -17.445 5.898   10.527  1.00 33.76  ? 47  SER A CB  1 
ATOM   395  O OG  . SER A 1 47  ? -16.381 6.848   10.458  1.00 30.78  ? 47  SER A OG  1 
ATOM   396  N N   . THR A 1 48  ? -18.269 8.527   12.477  1.00 36.78  ? 48  THR A N   1 
ATOM   397  C CA  . THR A 1 48  ? -18.561 9.967   12.408  1.00 41.99  ? 48  THR A CA  1 
ATOM   398  C C   . THR A 1 48  ? -17.524 10.742  11.581  1.00 39.64  ? 48  THR A C   1 
ATOM   399  O O   . THR A 1 48  ? -17.834 11.799  11.096  1.00 43.08  ? 48  THR A O   1 
ATOM   400  C CB  . THR A 1 48  ? -18.748 10.592  13.797  1.00 41.88  ? 48  THR A CB  1 
ATOM   401  O OG1 . THR A 1 48  ? -17.598 10.344  14.592  1.00 44.41  ? 48  THR A OG1 1 
ATOM   402  C CG2 . THR A 1 48  ? -19.951 9.972   14.491  1.00 45.99  ? 48  THR A CG2 1 
ATOM   403  N N   . THR A 1 49  ? -16.324 10.199  11.397  1.00 34.75  ? 49  THR A N   1 
ATOM   404  C CA  . THR A 1 49  ? -15.388 10.722  10.412  1.00 33.02  ? 49  THR A CA  1 
ATOM   405  C C   . THR A 1 49  ? -15.815 10.349  9.019   1.00 32.37  ? 49  THR A C   1 
ATOM   406  O O   . THR A 1 49  ? -15.557 11.084  8.075   1.00 33.29  ? 49  THR A O   1 
ATOM   407  C CB  . THR A 1 49  ? -13.961 10.206  10.638  1.00 35.07  ? 49  THR A CB  1 
ATOM   408  O OG1 . THR A 1 49  ? -13.945 8.766   10.531  1.00 31.08  ? 49  THR A OG1 1 
ATOM   409  C CG2 . THR A 1 49  ? -13.442 10.663  12.040  1.00 32.07  ? 49  THR A CG2 1 
ATOM   410  N N   . LYS A 1 50  ? -16.488 9.215   8.868   1.00 33.08  ? 50  LYS A N   1 
ATOM   411  C CA  . LYS A 1 50  ? -16.747 8.638   7.558   1.00 31.73  ? 50  LYS A CA  1 
ATOM   412  C C   . LYS A 1 50  ? -15.454 8.410   6.755   1.00 29.07  ? 50  LYS A C   1 
ATOM   413  O O   . LYS A 1 50  ? -15.445 8.430   5.526   1.00 29.72  ? 50  LYS A O   1 
ATOM   414  C CB  . LYS A 1 50  ? -17.815 9.455   6.796   1.00 38.54  ? 50  LYS A CB  1 
ATOM   415  C CG  . LYS A 1 50  ? -19.260 9.169   7.281   1.00 41.81  ? 50  LYS A CG  1 
ATOM   416  C CD  . LYS A 1 50  ? -19.703 7.778   6.795   1.00 44.51  ? 50  LYS A CD  1 
ATOM   417  C CE  . LYS A 1 50  ? -21.156 7.430   7.093   1.00 47.46  ? 50  LYS A CE  1 
ATOM   418  N NZ  . LYS A 1 50  ? -21.488 7.679   8.513   1.00 49.51  ? 50  LYS A NZ  1 
ATOM   419  N N   . ALA A 1 51  ? -14.368 8.131   7.466   1.00 26.94  ? 51  ALA A N   1 
ATOM   420  C CA  . ALA A 1 51  ? -13.105 7.747   6.805   1.00 26.79  ? 51  ALA A CA  1 
ATOM   421  C C   . ALA A 1 51  ? -13.189 6.275   6.375   1.00 24.35  ? 51  ALA A C   1 
ATOM   422  O O   . ALA A 1 51  ? -13.645 5.440   7.165   1.00 28.15  ? 51  ALA A O   1 
ATOM   423  C CB  . ALA A 1 51  ? -11.959 7.954   7.762   1.00 26.37  ? 51  ALA A CB  1 
ATOM   424  N N   . PRO A 1 52  ? -12.764 5.934   5.153   1.00 24.72  ? 52  PRO A N   1 
ATOM   425  C CA  . PRO A 1 52  ? -12.586 4.522   4.864   1.00 24.71  ? 52  PRO A CA  1 
ATOM   426  C C   . PRO A 1 52  ? -11.377 3.949   5.634   1.00 24.91  ? 52  PRO A C   1 
ATOM   427  O O   . PRO A 1 52  ? -10.718 4.684   6.366   1.00 25.04  ? 52  PRO A O   1 
ATOM   428  C CB  . PRO A 1 52  ? -12.295 4.518   3.380   1.00 24.68  ? 52  PRO A CB  1 
ATOM   429  C CG  . PRO A 1 52  ? -11.563 5.779   3.179   1.00 27.46  ? 52  PRO A CG  1 
ATOM   430  C CD  . PRO A 1 52  ? -12.371 6.749   3.989   1.00 26.33  ? 52  PRO A CD  1 
ATOM   431  N N   . THR A 1 53  ? -11.103 2.655   5.446   1.00 23.70  ? 53  THR A N   1 
ATOM   432  C CA  . THR A 1 53  ? -10.073 1.954   6.218   1.00 23.03  ? 53  THR A CA  1 
ATOM   433  C C   . THR A 1 53  ? -9.242  1.077   5.290   1.00 22.50  ? 53  THR A C   1 
ATOM   434  O O   . THR A 1 53  ? -9.801  0.396   4.416   1.00 24.00  ? 53  THR A O   1 
ATOM   435  C CB  . THR A 1 53  ? -10.723 1.047   7.298   1.00 24.00  ? 53  THR A CB  1 
ATOM   436  O OG1 . THR A 1 53  ? -11.677 1.802   8.027   1.00 23.47  ? 53  THR A OG1 1 
ATOM   437  C CG2 . THR A 1 53  ? -9.684  0.538   8.284   1.00 25.39  ? 53  THR A CG2 1 
ATOM   438  N N   . ALA A 1 54  ? -7.929  1.068   5.503   1.00 20.59  ? 54  ALA A N   1 
ATOM   439  C CA  . ALA A 1 54  ? -7.043  0.102   4.896   1.00 21.19  ? 54  ALA A CA  1 
ATOM   440  C C   . ALA A 1 54  ? -6.705  -0.937  5.922   1.00 21.69  ? 54  ALA A C   1 
ATOM   441  O O   . ALA A 1 54  ? -6.399  -0.578  7.071   1.00 23.31  ? 54  ALA A O   1 
ATOM   442  C CB  . ALA A 1 54  ? -5.772  0.782   4.434   1.00 21.86  ? 54  ALA A CB  1 
ATOM   443  N N   . LEU A 1 55  ? -6.730  -2.206  5.518   1.00 21.55  ? 55  LEU A N   1 
ATOM   444  C CA  . LEU A 1 55  ? -6.376  -3.323  6.369   1.00 21.83  ? 55  LEU A CA  1 
ATOM   445  C C   . LEU A 1 55  ? -5.175  -4.019  5.771   1.00 23.86  ? 55  LEU A C   1 
ATOM   446  O O   . LEU A 1 55  ? -5.175  -4.371  4.599   1.00 22.98  ? 55  LEU A O   1 
ATOM   447  C CB  . LEU A 1 55  ? -7.487  -4.344  6.456   1.00 22.22  ? 55  LEU A CB  1 
ATOM   448  C CG  . LEU A 1 55  ? -8.888  -3.864  6.767   1.00 23.09  ? 55  LEU A CG  1 
ATOM   449  C CD1 . LEU A 1 55  ? -9.880  -5.028  6.643   1.00 24.30  ? 55  LEU A CD1 1 
ATOM   450  C CD2 . LEU A 1 55  ? -8.936  -3.242  8.153   1.00 24.52  ? 55  LEU A CD2 1 
ATOM   451  N N   . ASP A 1 56  ? -4.167  -4.241  6.603   1.00 23.33  ? 56  ASP A N   1 
ATOM   452  C CA  . ASP A 1 56  ? -2.992  -5.045  6.246   1.00 22.97  ? 56  ASP A CA  1 
ATOM   453  C C   . ASP A 1 56  ? -3.000  -6.306  7.084   1.00 23.90  ? 56  ASP A C   1 
ATOM   454  O O   . ASP A 1 56  ? -2.985  -6.262  8.339   1.00 22.28  ? 56  ASP A O   1 
ATOM   455  C CB  . ASP A 1 56  ? -1.736  -4.247  6.491   1.00 25.02  ? 56  ASP A CB  1 
ATOM   456  C CG  . ASP A 1 56  ? -1.600  -3.068  5.509   1.00 28.28  ? 56  ASP A CG  1 
ATOM   457  O OD1 . ASP A 1 56  ? -1.961  -3.224  4.297   1.00 29.92  ? 56  ASP A OD1 1 
ATOM   458  O OD2 . ASP A 1 56  ? -1.117  -2.016  5.942   1.00 27.59  ? 56  ASP A OD2 1 
ATOM   459  N N   . ILE A 1 57  ? -3.053  -7.419  6.368   1.00 23.17  ? 57  ILE A N   1 
ATOM   460  C CA  . ILE A 1 57  ? -3.267  -8.732  6.942   1.00 22.54  ? 57  ILE A CA  1 
ATOM   461  C C   . ILE A 1 57  ? -2.076  -9.620  6.602   1.00 22.42  ? 57  ILE A C   1 
ATOM   462  O O   . ILE A 1 57  ? -1.781  -9.875  5.422   1.00 23.53  ? 57  ILE A O   1 
ATOM   463  C CB  . ILE A 1 57  ? -4.580  -9.333  6.407   1.00 23.92  ? 57  ILE A CB  1 
ATOM   464  C CG1 . ILE A 1 57  ? -5.758  -8.461  6.853   1.00 24.09  ? 57  ILE A CG1 1 
ATOM   465  C CG2 . ILE A 1 57  ? -4.753  -10.795 6.838   1.00 23.70  ? 57  ILE A CG2 1 
ATOM   466  C CD1 . ILE A 1 57  ? -6.965  -8.545  5.925   1.00 26.81  ? 57  ILE A CD1 1 
ATOM   467  N N   . LYS A 1 58  ? -1.453  -10.157 7.647   1.00 22.30  ? 58  LYS A N   1 
ATOM   468  C CA  . LYS A 1 58  ? -0.242  -11.000 7.511   1.00 22.40  ? 58  LYS A CA  1 
ATOM   469  C C   . LYS A 1 58  ? -0.505  -12.206 8.368   1.00 22.42  ? 58  LYS A C   1 
ATOM   470  O O   . LYS A 1 58  ? -0.404  -12.154 9.599   1.00 21.62  ? 58  LYS A O   1 
ATOM   471  C CB  . LYS A 1 58  ? 0.958   -10.176 8.009   1.00 23.98  ? 58  LYS A CB  1 
ATOM   472  C CG  . LYS A 1 58  ? 2.332   -10.835 7.883   1.00 25.19  ? 58  LYS A CG  1 
ATOM   473  C CD  . LYS A 1 58  ? 3.428   -9.911  8.407   1.00 24.66  ? 58  LYS A CD  1 
ATOM   474  C CE  . LYS A 1 58  ? 4.784   -10.518 8.040   1.00 25.86  ? 58  LYS A CE  1 
ATOM   475  N NZ  . LYS A 1 58  ? 5.840   -9.506  8.171   1.00 26.34  ? 58  LYS A NZ  1 
ATOM   476  N N   . GLY A 1 59  ? -0.964  -13.270 7.739   1.00 23.39  ? 59  GLY A N   1 
ATOM   477  C CA  . GLY A 1 59  ? -1.369  -14.479 8.465   1.00 24.47  ? 59  GLY A CA  1 
ATOM   478  C C   . GLY A 1 59  ? -2.582  -14.218 9.338   1.00 26.84  ? 59  GLY A C   1 
ATOM   479  O O   . GLY A 1 59  ? -3.627  -13.771 8.856   1.00 27.10  ? 59  GLY A O   1 
ATOM   480  N N   . THR A 1 60  ? -2.440  -14.443 10.630  1.00 24.94  ? 60  THR A N   1 
ATOM   481  C CA  . THR A 1 60  ? -3.523  -14.142 11.550  1.00 27.89  ? 60  THR A CA  1 
ATOM   482  C C   . THR A 1 60  ? -3.379  -12.828 12.319  1.00 25.28  ? 60  THR A C   1 
ATOM   483  O O   . THR A 1 60  ? -4.113  -12.586 13.290  1.00 24.01  ? 60  THR A O   1 
ATOM   484  C CB  . THR A 1 60  ? -3.669  -15.293 12.540  1.00 31.55  ? 60  THR A CB  1 
ATOM   485  O OG1 . THR A 1 60  ? -2.397  -15.557 13.116  1.00 31.62  ? 60  THR A OG1 1 
ATOM   486  C CG2 . THR A 1 60  ? -4.205  -16.521 11.797  1.00 33.79  ? 60  THR A CG2 1 
ATOM   487  N N   . GLN A 1 61  ? -2.453  -11.977 11.879  1.00 25.62  ? 61  GLN A N   1 
ATOM   488  C CA  . GLN A 1 61  ? -2.310  -10.631 12.426  1.00 27.74  ? 61  GLN A CA  1 
ATOM   489  C C   . GLN A 1 61  ? -2.857  -9.592  11.447  1.00 25.58  ? 61  GLN A C   1 
ATOM   490  O O   . GLN A 1 61  ? -2.731  -9.728  10.219  1.00 23.88  ? 61  GLN A O   1 
ATOM   491  C CB  . GLN A 1 61  ? -0.845  -10.303 12.696  1.00 29.68  ? 61  GLN A CB  1 
ATOM   492  C CG  . GLN A 1 61  ? -0.165  -11.219 13.728  1.00 34.76  ? 61  GLN A CG  1 
ATOM   493  C CD  . GLN A 1 61  ? 1.306   -10.823 13.918  1.00 35.92  ? 61  GLN A CD  1 
ATOM   494  O OE1 . GLN A 1 61  ? 1.633   -9.840  14.581  1.00 41.84  ? 61  GLN A OE1 1 
ATOM   495  N NE2 . GLN A 1 61  ? 2.168   -11.545 13.287  1.00 33.83  ? 61  GLN A NE2 1 
ATOM   496  N N   . ILE A 1 62  ? -3.424  -8.542  12.010  1.00 23.27  ? 62  ILE A N   1 
ATOM   497  C CA  . ILE A 1 62  ? -3.971  -7.456  11.216  1.00 24.94  ? 62  ILE A CA  1 
ATOM   498  C C   . ILE A 1 62  ? -3.709  -6.115  11.874  1.00 24.48  ? 62  ILE A C   1 
ATOM   499  O O   . ILE A 1 62  ? -3.801  -5.973  13.104  1.00 27.24  ? 62  ILE A O   1 
ATOM   500  C CB  . ILE A 1 62  ? -5.482  -7.660  10.981  1.00 25.63  ? 62  ILE A CB  1 
ATOM   501  C CG1 . ILE A 1 62  ? -6.093  -6.467  10.256  1.00 27.45  ? 62  ILE A CG1 1 
ATOM   502  C CG2 . ILE A 1 62  ? -6.211  -7.951  12.294  1.00 26.71  ? 62  ILE A CG2 1 
ATOM   503  C CD1 . ILE A 1 62  ? -7.457  -6.740  9.690   1.00 28.14  ? 62  ILE A CD1 1 
ATOM   504  N N   . MET A 1 63  ? -3.391  -5.145  11.028  1.00 24.11  ? 63  MET A N   1 
ATOM   505  C CA  . MET A 1 63  ? -3.301  -3.746  11.373  1.00 26.18  ? 63  MET A CA  1 
ATOM   506  C C   . MET A 1 63  ? -4.288  -3.024  10.467  1.00 24.40  ? 63  MET A C   1 
ATOM   507  O O   . MET A 1 63  ? -4.355  -3.300  9.269   1.00 24.16  ? 63  MET A O   1 
ATOM   508  C CB  . MET A 1 63  ? -1.860  -3.211  11.137  1.00 28.14  ? 63  MET A CB  1 
ATOM   509  C CG  . MET A 1 63  ? -0.814  -3.741  12.146  1.00 32.76  ? 63  MET A CG  1 
ATOM   510  S SD  . MET A 1 63  ? 0.694   -2.739  12.187  1.00 38.23  ? 63  MET A SD  1 
ATOM   511  C CE  . MET A 1 63  ? 1.262   -3.085  10.546  1.00 33.28  ? 63  MET A CE  1 
ATOM   512  N N   . ALA A 1 64  ? -5.021  -2.100  11.066  1.00 23.41  ? 64  ALA A N   1 
ATOM   513  C CA  . ALA A 1 64  ? -6.033  -1.296  10.388  1.00 25.08  ? 64  ALA A CA  1 
ATOM   514  C C   . ALA A 1 64  ? -5.729  0.189   10.577  1.00 24.80  ? 64  ALA A C   1 
ATOM   515  O O   . ALA A 1 64  ? -5.191  0.614   11.644  1.00 23.56  ? 64  ALA A O   1 
ATOM   516  C CB  . ALA A 1 64  ? -7.399  -1.609  10.935  1.00 23.16  ? 64  ALA A CB  1 
ATOM   517  N N   . TYR A 1 65  ? -6.078  0.960   9.547   1.00 22.87  ? 65  TYR A N   1 
ATOM   518  C CA  . TYR A 1 65  ? -5.851  2.413   9.537   1.00 25.00  ? 65  TYR A CA  1 
ATOM   519  C C   . TYR A 1 65  ? -7.035  3.086   8.893   1.00 24.04  ? 65  TYR A C   1 
ATOM   520  O O   . TYR A 1 65  ? -7.293  2.851   7.727   1.00 22.58  ? 65  TYR A O   1 
ATOM   521  C CB  . TYR A 1 65  ? -4.584  2.835   8.781   1.00 26.53  ? 65  TYR A CB  1 
ATOM   522  C CG  . TYR A 1 65  ? -3.459  1.866   8.806   1.00 27.96  ? 65  TYR A CG  1 
ATOM   523  C CD1 . TYR A 1 65  ? -3.465  0.829   7.944   1.00 30.72  ? 65  TYR A CD1 1 
ATOM   524  C CD2 . TYR A 1 65  ? -2.395  1.974   9.695   1.00 33.73  ? 65  TYR A CD2 1 
ATOM   525  C CE1 . TYR A 1 65  ? -2.477  -0.090  7.921   1.00 30.95  ? 65  TYR A CE1 1 
ATOM   526  C CE2 . TYR A 1 65  ? -1.364  1.028   9.689   1.00 35.12  ? 65  TYR A CE2 1 
ATOM   527  C CZ  . TYR A 1 65  ? -1.434  -0.005  8.784   1.00 34.89  ? 65  TYR A CZ  1 
ATOM   528  O OH  . TYR A 1 65  ? -0.461  -0.976  8.626   1.00 42.70  ? 65  TYR A OH  1 
ATOM   529  N N   . ASP A 1 66  ? -7.791  3.871   9.643   1.00 22.67  ? 66  ASP A N   1 
ATOM   530  C CA  . ASP A 1 66  ? -8.732  4.779   8.981   1.00 25.02  ? 66  ASP A CA  1 
ATOM   531  C C   . ASP A 1 66  ? -7.883  5.859   8.278   1.00 25.38  ? 66  ASP A C   1 
ATOM   532  O O   . ASP A 1 66  ? -6.794  6.243   8.761   1.00 24.10  ? 66  ASP A O   1 
ATOM   533  C CB  . ASP A 1 66  ? -9.686  5.468   9.981   1.00 25.48  ? 66  ASP A CB  1 
ATOM   534  C CG  . ASP A 1 66  ? -10.896 4.609   10.385  1.00 27.46  ? 66  ASP A CG  1 
ATOM   535  O OD1 . ASP A 1 66  ? -10.939 3.378   10.097  1.00 29.84  ? 66  ASP A OD1 1 
ATOM   536  O OD2 . ASP A 1 66  ? -11.834 5.190   11.013  1.00 28.90  ? 66  ASP A OD2 1 
ATOM   537  N N   . PHE A 1 67  ? -8.365  6.362   7.146   1.00 25.47  ? 67  PHE A N   1 
ATOM   538  C CA  . PHE A 1 67  ? -7.637  7.404   6.455   1.00 26.76  ? 67  PHE A CA  1 
ATOM   539  C C   . PHE A 1 67  ? -8.518  8.397   5.751   1.00 27.49  ? 67  PHE A C   1 
ATOM   540  O O   . PHE A 1 67  ? -9.637  8.072   5.373   1.00 28.91  ? 67  PHE A O   1 
ATOM   541  C CB  . PHE A 1 67  ? -6.599  6.815   5.504   1.00 25.80  ? 67  PHE A CB  1 
ATOM   542  C CG  . PHE A 1 67  ? -7.164  6.046   4.350   1.00 27.38  ? 67  PHE A CG  1 
ATOM   543  C CD1 . PHE A 1 67  ? -7.503  4.702   4.481   1.00 27.07  ? 67  PHE A CD1 1 
ATOM   544  C CD2 . PHE A 1 67  ? -7.297  6.642   3.101   1.00 28.26  ? 67  PHE A CD2 1 
ATOM   545  C CE1 . PHE A 1 67  ? -8.024  3.990   3.396   1.00 27.55  ? 67  PHE A CE1 1 
ATOM   546  C CE2 . PHE A 1 67  ? -7.808  5.946   2.008   1.00 26.43  ? 67  PHE A CE2 1 
ATOM   547  C CZ  . PHE A 1 67  ? -8.160  4.609   2.149   1.00 27.62  ? 67  PHE A CZ  1 
ATOM   548  N N   . VAL A 1 68  ? -7.997  9.617   5.644   1.00 30.07  ? 68  VAL A N   1 
ATOM   549  C CA  . VAL A 1 68  ? -8.634  10.748  4.932   1.00 29.04  ? 68  VAL A CA  1 
ATOM   550  C C   . VAL A 1 68  ? -7.616  11.393  3.961   1.00 32.01  ? 68  VAL A C   1 
ATOM   551  O O   . VAL A 1 68  ? -6.394  11.196  4.083   1.00 28.14  ? 68  VAL A O   1 
ATOM   552  C CB  . VAL A 1 68  ? -9.154  11.769  5.928   1.00 29.82  ? 68  VAL A CB  1 
ATOM   553  C CG1 . VAL A 1 68  ? -10.249 11.159  6.789   1.00 30.13  ? 68  VAL A CG1 1 
ATOM   554  C CG2 . VAL A 1 68  ? -8.061  12.320  6.835   1.00 31.18  ? 68  VAL A CG2 1 
ATOM   555  N N   . GLY A 1 69  ? -8.109  12.146  2.981   1.00 33.21  ? 69  GLY A N   1 
ATOM   556  C CA  . GLY A 1 69  ? -7.237  12.933  2.088   1.00 30.32  ? 69  GLY A CA  1 
ATOM   557  C C   . GLY A 1 69  ? -6.676  14.165  2.777   1.00 28.89  ? 69  GLY A C   1 
ATOM   558  O O   . GLY A 1 69  ? -7.271  14.736  3.680   1.00 30.78  ? 69  GLY A O   1 
ATOM   559  N N   . GLY A 1 70  ? -5.464  14.521  2.403   1.00 29.12  ? 70  GLY A N   1 
ATOM   560  C CA  . GLY A 1 70  ? -4.813  15.714  2.904   1.00 29.01  ? 70  GLY A CA  1 
ATOM   561  C C   . GLY A 1 70  ? -4.324  16.504  1.693   1.00 30.84  ? 70  GLY A C   1 
ATOM   562  O O   . GLY A 1 70  ? -4.652  16.167  0.555   1.00 30.25  ? 70  GLY A O   1 
ATOM   563  N N   . PRO A 1 71  ? -3.511  17.548  1.933   1.00 32.89  ? 71  PRO A N   1 
ATOM   564  C CA  . PRO A 1 71  ? -3.013  18.358  0.827   1.00 29.84  ? 71  PRO A CA  1 
ATOM   565  C C   . PRO A 1 71  ? -2.083  17.608  -0.088  1.00 30.38  ? 71  PRO A C   1 
ATOM   566  O O   . PRO A 1 71  ? -1.380  16.658  0.342   1.00 28.14  ? 71  PRO A O   1 
ATOM   567  C CB  . PRO A 1 71  ? -2.269  19.497  1.521   1.00 32.41  ? 71  PRO A CB  1 
ATOM   568  C CG  . PRO A 1 71  ? -2.682  19.461  2.961   1.00 34.55  ? 71  PRO A CG  1 
ATOM   569  C CD  . PRO A 1 71  ? -3.146  18.077  3.266   1.00 32.31  ? 71  PRO A CD  1 
ATOM   570  N N   . GLU A 1 72  ? -2.078  18.032  -1.350  1.00 29.07  ? 72  GLU A N   1 
ATOM   571  C CA  . GLU A 1 72  ? -1.148  17.538  -2.369  1.00 32.24  ? 72  GLU A CA  1 
ATOM   572  C C   . GLU A 1 72  ? -1.111  16.035  -2.553  1.00 28.00  ? 72  GLU A C   1 
ATOM   573  O O   . GLU A 1 72  ? -0.028  15.420  -2.585  1.00 25.06  ? 72  GLU A O   1 
ATOM   574  C CB  . GLU A 1 72  ? 0.282   18.041  -2.100  1.00 35.20  ? 72  GLU A CB  1 
ATOM   575  C CG  . GLU A 1 72  ? 0.391   19.547  -2.106  1.00 45.48  ? 72  GLU A CG  1 
ATOM   576  C CD  . GLU A 1 72  ? 1.794   20.015  -1.783  1.00 50.04  ? 72  GLU A CD  1 
ATOM   577  O OE1 . GLU A 1 72  ? 1.942   20.752  -0.770  1.00 50.41  ? 72  GLU A OE1 1 
ATOM   578  O OE2 . GLU A 1 72  ? 2.711   19.602  -2.543  1.00 55.02  ? 72  GLU A OE2 1 
ATOM   579  N N   . ASN A 1 73  ? -2.292  15.456  -2.699  1.00 27.27  ? 73  ASN A N   1 
ATOM   580  C CA  . ASN A 1 73  ? -2.460  14.032  -2.925  1.00 27.09  ? 73  ASN A CA  1 
ATOM   581  C C   . ASN A 1 73  ? -1.894  13.146  -1.781  1.00 27.82  ? 73  ASN A C   1 
ATOM   582  O O   . ASN A 1 73  ? -1.411  12.039  -2.036  1.00 29.75  ? 73  ASN A O   1 
ATOM   583  C CB  . ASN A 1 73  ? -1.889  13.625  -4.291  1.00 25.98  ? 73  ASN A CB  1 
ATOM   584  C CG  . ASN A 1 73  ? -2.601  14.332  -5.459  1.00 27.47  ? 73  ASN A CG  1 
ATOM   585  O OD1 . ASN A 1 73  ? -3.761  14.664  -5.351  1.00 26.06  ? 73  ASN A OD1 1 
ATOM   586  N ND2 . ASN A 1 73  ? -1.906  14.512  -6.578  1.00 24.10  ? 73  ASN A ND2 1 
ATOM   587  N N   . SER A 1 74  ? -1.968  13.655  -0.554  1.00 27.78  ? 74  SER A N   1 
ATOM   588  C CA  . SER A 1 74  ? -1.548  12.905  0.610   1.00 29.08  ? 74  SER A CA  1 
ATOM   589  C C   . SER A 1 74  ? -2.721  12.132  1.172   1.00 31.06  ? 74  SER A C   1 
ATOM   590  O O   . SER A 1 74  ? -3.894  12.566  1.051   1.00 28.22  ? 74  SER A O   1 
ATOM   591  C CB  . SER A 1 74  ? -0.992  13.800  1.683   1.00 28.33  ? 74  SER A CB  1 
ATOM   592  O OG  . SER A 1 74  ? -1.927  14.737  2.167   1.00 25.00  ? 74  SER A OG  1 
ATOM   593  N N   . ALA A 1 75  ? -2.393  10.999  1.802   1.00 29.04  ? 75  ALA A N   1 
ATOM   594  C CA  . ALA A 1 75  ? -3.362  10.246  2.626   1.00 27.32  ? 75  ALA A CA  1 
ATOM   595  C C   . ALA A 1 75  ? -2.888  10.327  4.052   1.00 27.89  ? 75  ALA A C   1 
ATOM   596  O O   . ALA A 1 75  ? -1.686  10.110  4.315   1.00 28.22  ? 75  ALA A O   1 
ATOM   597  C CB  . ALA A 1 75  ? -3.418  8.795   2.147   1.00 26.57  ? 75  ALA A CB  1 
ATOM   598  N N   . HIS A 1 76  ? -3.800  10.660  4.958   1.00 27.86  ? 76  HIS A N   1 
ATOM   599  C CA  . HIS A 1 76  ? -3.504  10.807  6.374   1.00 29.86  ? 76  HIS A CA  1 
ATOM   600  C C   . HIS A 1 76  ? -4.156  9.603   7.092   1.00 29.36  ? 76  HIS A C   1 
ATOM   601  O O   . HIS A 1 76  ? -5.388  9.478   7.129   1.00 28.19  ? 76  HIS A O   1 
ATOM   602  C CB  . HIS A 1 76  ? -4.007  12.155  6.920   1.00 30.40  ? 76  HIS A CB  1 
ATOM   603  C CG  . HIS A 1 76  ? -3.181  13.322  6.476   1.00 33.90  ? 76  HIS A CG  1 
ATOM   604  N ND1 . HIS A 1 76  ? -2.586  14.193  7.363   1.00 40.86  ? 76  HIS A ND1 1 
ATOM   605  C CD2 . HIS A 1 76  ? -2.804  13.733  5.241   1.00 34.65  ? 76  HIS A CD2 1 
ATOM   606  C CE1 . HIS A 1 76  ? -1.917  15.116  6.690   1.00 41.22  ? 76  HIS A CE1 1 
ATOM   607  N NE2 . HIS A 1 76  ? -2.025  14.851  5.402   1.00 36.57  ? 76  HIS A NE2 1 
ATOM   608  N N   . LEU A 1 77  ? -3.303  8.706   7.575   1.00 27.45  ? 77  LEU A N   1 
ATOM   609  C CA  . LEU A 1 77  ? -3.712  7.470   8.253   1.00 28.23  ? 77  LEU A CA  1 
ATOM   610  C C   . LEU A 1 77  ? -3.754  7.611   9.767   1.00 26.89  ? 77  LEU A C   1 
ATOM   611  O O   . LEU A 1 77  ? -2.916  8.288   10.368  1.00 30.13  ? 77  LEU A O   1 
ATOM   612  C CB  . LEU A 1 77  ? -2.773  6.352   7.893   1.00 27.74  ? 77  LEU A CB  1 
ATOM   613  C CG  . LEU A 1 77  ? -3.038  5.719   6.544   1.00 28.51  ? 77  LEU A CG  1 
ATOM   614  C CD1 . LEU A 1 77  ? -2.954  6.722   5.398   1.00 29.25  ? 77  LEU A CD1 1 
ATOM   615  C CD2 . LEU A 1 77  ? -2.002  4.626   6.360   1.00 28.77  ? 77  LEU A CD2 1 
ATOM   616  N N   . ASN A 1 78  ? -4.714  6.921   10.377  1.00 27.94  ? 78  ASN A N   1 
ATOM   617  C CA  . ASN A 1 78  ? -4.829  6.814   11.835  1.00 26.80  ? 78  ASN A CA  1 
ATOM   618  C C   . ASN A 1 78  ? -4.829  5.322   12.173  1.00 26.16  ? 78  ASN A C   1 
ATOM   619  O O   . ASN A 1 78  ? -5.820  4.626   11.946  1.00 24.57  ? 78  ASN A O   1 
ATOM   620  C CB  . ASN A 1 78  ? -6.094  7.505   12.316  1.00 26.60  ? 78  ASN A CB  1 
ATOM   621  C CG  . ASN A 1 78  ? -6.319  7.327   13.806  1.00 32.59  ? 78  ASN A CG  1 
ATOM   622  O OD1 . ASN A 1 78  ? -5.933  8.187   14.615  1.00 35.73  ? 78  ASN A OD1 1 
ATOM   623  N ND2 . ASN A 1 78  ? -6.934  6.189   14.193  1.00 31.78  ? 78  ASN A ND2 1 
ATOM   624  N N   . GLU A 1 79  ? -3.713  4.829   12.689  1.00 27.44  ? 79  GLU A N   1 
ATOM   625  C CA  . GLU A 1 79  ? -3.567  3.411   13.049  1.00 30.55  ? 79  GLU A CA  1 
ATOM   626  C C   . GLU A 1 79  ? -4.559  3.067   14.169  1.00 26.75  ? 79  GLU A C   1 
ATOM   627  O O   . GLU A 1 79  ? -4.566  3.697   15.200  1.00 28.61  ? 79  GLU A O   1 
ATOM   628  C CB  . GLU A 1 79  ? -2.115  3.154   13.426  1.00 36.69  ? 79  GLU A CB  1 
ATOM   629  C CG  . GLU A 1 79  ? -1.726  1.701   13.688  1.00 46.51  ? 79  GLU A CG  1 
ATOM   630  C CD  . GLU A 1 79  ? -0.225  1.561   14.031  1.00 54.82  ? 79  GLU A CD  1 
ATOM   631  O OE1 . GLU A 1 79  ? 0.307   2.394   14.808  1.00 55.57  ? 79  GLU A OE1 1 
ATOM   632  O OE2 . GLU A 1 79  ? 0.432   0.618   13.514  1.00 65.79  ? 79  GLU A OE2 1 
ATOM   633  N N   . CYS A 1 80  ? -5.445  2.126   13.936  1.00 25.20  ? 80  CYS A N   1 
ATOM   634  C CA  . CYS A 1 80  ? -6.668  1.969   14.765  1.00 28.27  ? 80  CYS A CA  1 
ATOM   635  C C   . CYS A 1 80  ? -6.425  1.431   16.215  1.00 31.71  ? 80  CYS A C   1 
ATOM   636  O O   . CYS A 1 80  ? -7.235  1.683   17.114  1.00 29.57  ? 80  CYS A O   1 
ATOM   637  C CB  . CYS A 1 80  ? -7.669  1.073   14.045  1.00 28.08  ? 80  CYS A CB  1 
ATOM   638  S SG  . CYS A 1 80  ? -8.243  1.744   12.430  1.00 27.75  ? 80  CYS A SG  1 
ATOM   639  N N   . HIS A 1 81  ? -5.303  0.738   16.410  1.00 30.50  ? 81  HIS A N   1 
ATOM   640  C CA  . HIS A 1 81  ? -4.906  0.220   17.718  1.00 36.94  ? 81  HIS A CA  1 
ATOM   641  C C   . HIS A 1 81  ? -4.049  1.160   18.547  1.00 35.09  ? 81  HIS A C   1 
ATOM   642  O O   . HIS A 1 81  ? -3.989  0.950   19.740  1.00 35.37  ? 81  HIS A O   1 
ATOM   643  C CB  . HIS A 1 81  ? -4.237  -1.175  17.645  1.00 39.13  ? 81  HIS A CB  1 
ATOM   644  C CG  . HIS A 1 81  ? -2.912  -1.214  16.945  1.00 50.91  ? 81  HIS A CG  1 
ATOM   645  N ND1 . HIS A 1 81  ? -2.768  -1.023  15.581  1.00 59.49  ? 81  HIS A ND1 1 
ATOM   646  C CD2 . HIS A 1 81  ? -1.666  -1.486  17.417  1.00 55.26  ? 81  HIS A CD2 1 
ATOM   647  C CE1 . HIS A 1 81  ? -1.496  -1.165  15.252  1.00 57.52  ? 81  HIS A CE1 1 
ATOM   648  N NE2 . HIS A 1 81  ? -0.807  -1.439  16.348  1.00 54.69  ? 81  HIS A NE2 1 
ATOM   649  N N   . THR A 1 82  ? -3.410  2.166   17.938  1.00 35.92  ? 82  THR A N   1 
ATOM   650  C CA  . THR A 1 82  ? -2.570  3.142   18.660  1.00 34.35  ? 82  THR A CA  1 
ATOM   651  C C   . THR A 1 82  ? -2.988  4.593   18.572  1.00 35.32  ? 82  THR A C   1 
ATOM   652  O O   . THR A 1 82  ? -2.630  5.376   19.436  1.00 38.64  ? 82  THR A O   1 
ATOM   653  C CB  . THR A 1 82  ? -1.143  3.084   18.151  1.00 36.43  ? 82  THR A CB  1 
ATOM   654  O OG1 . THR A 1 82  ? -1.112  3.447   16.762  1.00 33.08  ? 82  THR A OG1 1 
ATOM   655  C CG2 . THR A 1 82  ? -0.592  1.689   18.310  1.00 37.67  ? 82  THR A CG2 1 
ATOM   656  N N   . GLY A 1 83  ? -3.704  4.982   17.528  1.00 32.79  ? 83  GLY A N   1 
ATOM   657  C CA  . GLY A 1 83  ? -3.928  6.398   17.241  1.00 33.74  ? 83  GLY A CA  1 
ATOM   658  C C   . GLY A 1 83  ? -2.752  7.140   16.587  1.00 34.27  ? 83  GLY A C   1 
ATOM   659  O O   . GLY A 1 83  ? -2.825  8.349   16.414  1.00 35.82  ? 83  GLY A O   1 
ATOM   660  N N   . ASP A 1 84  ? -1.675  6.442   16.237  1.00 32.95  ? 84  ASP A N   1 
ATOM   661  C CA  . ASP A 1 84  ? -0.506  7.083   15.643  1.00 35.87  ? 84  ASP A CA  1 
ATOM   662  C C   . ASP A 1 84  ? -0.831  7.476   14.200  1.00 36.89  ? 84  ASP A C   1 
ATOM   663  O O   . ASP A 1 84  ? -1.562  6.737   13.527  1.00 30.92  ? 84  ASP A O   1 
ATOM   664  C CB  . ASP A 1 84  ? 0.695   6.121   15.655  1.00 39.22  ? 84  ASP A CB  1 
ATOM   665  C CG  . ASP A 1 84  ? 1.198   5.788   17.129  1.00 45.63  ? 84  ASP A CG  1 
ATOM   666  O OD1 . ASP A 1 84  ? 1.075   6.639   18.049  1.00 46.39  ? 84  ASP A OD1 1 
ATOM   667  O OD2 . ASP A 1 84  ? 1.733   4.681   17.350  1.00 48.41  ? 84  ASP A OD2 1 
ATOM   668  N N   . LYS A 1 85  ? -0.270  8.599   13.728  1.00 33.69  ? 85  LYS A N   1 
ATOM   669  C CA  . LYS A 1 85  ? -0.616  9.160   12.413  1.00 34.04  ? 85  LYS A CA  1 
ATOM   670  C C   . LYS A 1 85  ? 0.489   8.899   11.454  1.00 29.68  ? 85  LYS A C   1 
ATOM   671  O O   . LYS A 1 85  ? 1.641   8.929   11.862  1.00 30.53  ? 85  LYS A O   1 
ATOM   672  C CB  . LYS A 1 85  ? -0.774  10.659  12.476  1.00 38.85  ? 85  LYS A CB  1 
ATOM   673  C CG  . LYS A 1 85  ? -1.569  11.136  13.657  1.00 44.79  ? 85  LYS A CG  1 
ATOM   674  C CD  . LYS A 1 85  ? -2.997  10.640  13.598  1.00 47.40  ? 85  LYS A CD  1 
ATOM   675  C CE  . LYS A 1 85  ? -3.845  11.544  14.477  1.00 49.55  ? 85  LYS A CE  1 
ATOM   676  N NZ  . LYS A 1 85  ? -5.003  10.789  14.981  1.00 54.34  ? 85  LYS A NZ  1 
ATOM   677  N N   . GLN A 1 86  ? 0.160   8.623   10.199  1.00 27.86  ? 86  GLN A N   1 
ATOM   678  C CA  . GLN A 1 86  ? 1.161   8.566   9.153   1.00 29.95  ? 86  GLN A CA  1 
ATOM   679  C C   . GLN A 1 86  ? 0.669   9.310   7.919   1.00 28.81  ? 86  GLN A C   1 
ATOM   680  O O   . GLN A 1 86  ? -0.538  9.320   7.640   1.00 26.55  ? 86  GLN A O   1 
ATOM   681  C CB  . GLN A 1 86  ? 1.501   7.118   8.790   1.00 31.20  ? 86  GLN A CB  1 
ATOM   682  C CG  . GLN A 1 86  ? 1.748   6.195   9.982   1.00 34.14  ? 86  GLN A CG  1 
ATOM   683  C CD  . GLN A 1 86  ? 1.959   4.768   9.552   1.00 38.27  ? 86  GLN A CD  1 
ATOM   684  O OE1 . GLN A 1 86  ? 2.292   4.502   8.381   1.00 37.57  ? 86  GLN A OE1 1 
ATOM   685  N NE2 . GLN A 1 86  ? 1.766   3.830   10.483  1.00 37.66  ? 86  GLN A NE2 1 
ATOM   686  N N   . VAL A 1 87  ? 1.616   9.885   7.168   1.00 28.37  ? 87  VAL A N   1 
ATOM   687  C CA  . VAL A 1 87  ? 1.314   10.594  5.931   1.00 26.73  ? 87  VAL A CA  1 
ATOM   688  C C   . VAL A 1 87  ? 1.898   9.829   4.788   1.00 25.16  ? 87  VAL A C   1 
ATOM   689  O O   . VAL A 1 87  ? 3.118   9.571   4.739   1.00 26.20  ? 87  VAL A O   1 
ATOM   690  C CB  . VAL A 1 87  ? 1.809   12.057  5.966   1.00 29.42  ? 87  VAL A CB  1 
ATOM   691  C CG1 . VAL A 1 87  ? 1.531   12.751  4.635   1.00 29.91  ? 87  VAL A CG1 1 
ATOM   692  C CG2 . VAL A 1 87  ? 1.136   12.843  7.127   1.00 29.49  ? 87  VAL A CG2 1 
ATOM   693  N N   . TRP A 1 88  ? 1.032   9.441   3.852   1.00 24.83  ? 88  TRP A N   1 
ATOM   694  C CA  . TRP A 1 88  ? 1.434   8.607   2.714   1.00 23.94  ? 88  TRP A CA  1 
ATOM   695  C C   . TRP A 1 88  ? 1.145   9.305   1.380   1.00 25.16  ? 88  TRP A C   1 
ATOM   696  O O   . TRP A 1 88  ? 0.203   10.097  1.291   1.00 25.69  ? 88  TRP A O   1 
ATOM   697  C CB  . TRP A 1 88  ? 0.660   7.308   2.760   1.00 24.95  ? 88  TRP A CB  1 
ATOM   698  C CG  . TRP A 1 88  ? 1.241   6.358   3.736   1.00 27.23  ? 88  TRP A CG  1 
ATOM   699  C CD1 . TRP A 1 88  ? 1.095   6.388   5.086   1.00 26.94  ? 88  TRP A CD1 1 
ATOM   700  C CD2 . TRP A 1 88  ? 2.110   5.275   3.445   1.00 23.48  ? 88  TRP A CD2 1 
ATOM   701  N NE1 . TRP A 1 88  ? 1.809   5.370   5.657   1.00 26.28  ? 88  TRP A NE1 1 
ATOM   702  C CE2 . TRP A 1 88  ? 2.423   4.653   4.667   1.00 28.51  ? 88  TRP A CE2 1 
ATOM   703  C CE3 . TRP A 1 88  ? 2.628   4.754   2.282   1.00 26.57  ? 88  TRP A CE3 1 
ATOM   704  C CZ2 . TRP A 1 88  ? 3.272   3.539   4.747   1.00 27.83  ? 88  TRP A CZ2 1 
ATOM   705  C CZ3 . TRP A 1 88  ? 3.463   3.644   2.355   1.00 27.59  ? 88  TRP A CZ3 1 
ATOM   706  C CH2 . TRP A 1 88  ? 3.790   3.072   3.569   1.00 26.99  ? 88  TRP A CH2 1 
ATOM   707  N N   . TYR A 1 89  ? 1.943   8.994   0.360   1.00 23.68  ? 89  TYR A N   1 
ATOM   708  C CA  . TYR A 1 89  ? 1.663   9.438   -1.020  1.00 26.69  ? 89  TYR A CA  1 
ATOM   709  C C   . TYR A 1 89  ? 1.706   8.230   -1.934  1.00 25.86  ? 89  TYR A C   1 
ATOM   710  O O   . TYR A 1 89  ? 2.204   7.179   -1.536  1.00 25.39  ? 89  TYR A O   1 
ATOM   711  C CB  . TYR A 1 89  ? 2.706   10.455  -1.486  1.00 25.22  ? 89  TYR A CB  1 
ATOM   712  C CG  . TYR A 1 89  ? 2.745   11.689  -0.652  1.00 26.14  ? 89  TYR A CG  1 
ATOM   713  C CD1 . TYR A 1 89  ? 1.958   12.805  -0.965  1.00 26.35  ? 89  TYR A CD1 1 
ATOM   714  C CD2 . TYR A 1 89  ? 3.584   11.783  0.412   1.00 27.31  ? 89  TYR A CD2 1 
ATOM   715  C CE1 . TYR A 1 89  ? 2.000   13.952  -0.206  1.00 25.37  ? 89  TYR A CE1 1 
ATOM   716  C CE2 . TYR A 1 89  ? 3.603   12.915  1.200   1.00 29.49  ? 89  TYR A CE2 1 
ATOM   717  C CZ  . TYR A 1 89  ? 2.826   14.001  0.872   1.00 27.68  ? 89  TYR A CZ  1 
ATOM   718  O OH  . TYR A 1 89  ? 2.878   15.088  1.689   1.00 27.17  ? 89  TYR A OH  1 
ATOM   719  N N   . PHE A 1 90  ? 1.198   8.393   -3.151  1.00 24.57  ? 90  PHE A N   1 
ATOM   720  C CA  . PHE A 1 90  ? 1.346   7.421   -4.229  1.00 26.36  ? 90  PHE A CA  1 
ATOM   721  C C   . PHE A 1 90  ? 2.319   7.909   -5.311  1.00 28.30  ? 90  PHE A C   1 
ATOM   722  O O   . PHE A 1 90  ? 2.165   9.025   -5.833  1.00 27.50  ? 90  PHE A O   1 
ATOM   723  C CB  . PHE A 1 90  ? -0.024  7.087   -4.893  1.00 27.98  ? 90  PHE A CB  1 
ATOM   724  C CG  . PHE A 1 90  ? -0.959  6.312   -3.994  1.00 31.18  ? 90  PHE A CG  1 
ATOM   725  C CD1 . PHE A 1 90  ? -1.660  6.955   -3.003  1.00 34.09  ? 90  PHE A CD1 1 
ATOM   726  C CD2 . PHE A 1 90  ? -1.112  4.938   -4.139  1.00 30.48  ? 90  PHE A CD2 1 
ATOM   727  C CE1 . PHE A 1 90  ? -2.487  6.247   -2.152  1.00 37.36  ? 90  PHE A CE1 1 
ATOM   728  C CE2 . PHE A 1 90  ? -1.941  4.225   -3.294  1.00 33.41  ? 90  PHE A CE2 1 
ATOM   729  C CZ  . PHE A 1 90  ? -2.625  4.881   -2.299  1.00 33.65  ? 90  PHE A CZ  1 
ATOM   730  N N   . GLN A 1 91  ? 3.266   7.047   -5.682  1.00 28.79  ? 91  GLN A N   1 
ATOM   731  C CA  . GLN A 1 91  ? 4.081   7.252   -6.881  1.00 32.94  ? 91  GLN A CA  1 
ATOM   732  C C   . GLN A 1 91  ? 3.237   7.223   -8.147  1.00 30.51  ? 91  GLN A C   1 
ATOM   733  O O   . GLN A 1 91  ? 3.514   7.969   -9.083  1.00 27.42  ? 91  GLN A O   1 
ATOM   734  C CB  . GLN A 1 91  ? 5.145   6.149   -7.073  1.00 33.75  ? 91  GLN A CB  1 
ATOM   735  C CG  . GLN A 1 91  ? 6.581   6.528   -6.810  1.00 35.90  ? 91  GLN A CG  1 
ATOM   736  C CD  . GLN A 1 91  ? 7.499   5.338   -7.027  1.00 34.79  ? 91  GLN A CD  1 
ATOM   737  O OE1 . GLN A 1 91  ? 7.274   4.270   -6.457  1.00 34.45  ? 91  GLN A OE1 1 
ATOM   738  N NE2 . GLN A 1 91  ? 8.483   5.493   -7.900  1.00 32.62  ? 91  GLN A NE2 1 
ATOM   739  N N   . TYR A 1 92  ? 2.338   6.242   -8.206  1.00 28.68  ? 92  TYR A N   1 
ATOM   740  C CA  . TYR A 1 92  ? 1.413   6.063   -9.329  1.00 28.86  ? 92  TYR A CA  1 
ATOM   741  C C   . TYR A 1 92  ? 0.319   5.111   -8.846  1.00 29.51  ? 92  TYR A C   1 
ATOM   742  O O   . TYR A 1 92  ? 0.506   4.365   -7.854  1.00 27.60  ? 92  TYR A O   1 
ATOM   743  C CB  . TYR A 1 92  ? 2.124   5.490   -10.591 1.00 27.26  ? 92  TYR A CB  1 
ATOM   744  C CG  . TYR A 1 92  ? 2.259   3.985   -10.511 1.00 27.31  ? 92  TYR A CG  1 
ATOM   745  C CD1 . TYR A 1 92  ? 3.272   3.392   -9.755  1.00 29.41  ? 92  TYR A CD1 1 
ATOM   746  C CD2 . TYR A 1 92  ? 1.303   3.162   -11.065 1.00 24.67  ? 92  TYR A CD2 1 
ATOM   747  C CE1 . TYR A 1 92  ? 3.347   2.004   -9.612  1.00 26.86  ? 92  TYR A CE1 1 
ATOM   748  C CE2 . TYR A 1 92  ? 1.368   1.788   -10.937 1.00 26.37  ? 92  TYR A CE2 1 
ATOM   749  C CZ  . TYR A 1 92  ? 2.375   1.208   -10.167 1.00 27.98  ? 92  TYR A CZ  1 
ATOM   750  O OH  . TYR A 1 92  ? 2.408   -0.165  -10.036 1.00 27.80  ? 92  TYR A OH  1 
ATOM   751  N N   . THR A 1 93  ? -0.810  5.149   -9.542  1.00 28.72  ? 93  THR A N   1 
ATOM   752  C CA  . THR A 1 93  ? -1.827  4.120   -9.489  1.00 29.50  ? 93  THR A CA  1 
ATOM   753  C C   . THR A 1 93  ? -2.221  3.731   -10.907 1.00 30.20  ? 93  THR A C   1 
ATOM   754  O O   . THR A 1 93  ? -2.131  4.512   -11.809 1.00 30.48  ? 93  THR A O   1 
ATOM   755  C CB  . THR A 1 93  ? -3.113  4.556   -8.765  1.00 30.38  ? 93  THR A CB  1 
ATOM   756  O OG1 . THR A 1 93  ? -3.888  5.473   -9.585  1.00 28.04  ? 93  THR A OG1 1 
ATOM   757  C CG2 . THR A 1 93  ? -2.774  5.182   -7.369  1.00 28.60  ? 93  THR A CG2 1 
ATOM   758  N N   . ASN A 1 94  ? -2.636  2.491   -11.061 1.00 28.92  ? 94  ASN A N   1 
ATOM   759  C CA  . ASN A 1 94  ? -3.101  1.962   -12.305 1.00 28.99  ? 94  ASN A CA  1 
ATOM   760  C C   . ASN A 1 94  ? -4.165  0.919   -11.978 1.00 28.16  ? 94  ASN A C   1 
ATOM   761  O O   . ASN A 1 94  ? -3.970  -0.299  -12.102 1.00 29.66  ? 94  ASN A O   1 
ATOM   762  C CB  . ASN A 1 94  ? -1.947  1.356   -13.117 1.00 27.76  ? 94  ASN A CB  1 
ATOM   763  C CG  . ASN A 1 94  ? -2.347  1.090   -14.567 1.00 27.48  ? 94  ASN A CG  1 
ATOM   764  O OD1 . ASN A 1 94  ? -3.239  1.742   -15.072 1.00 27.13  ? 94  ASN A OD1 1 
ATOM   765  N ND2 . ASN A 1 94  ? -1.728  0.116   -15.197 1.00 26.05  ? 94  ASN A ND2 1 
ATOM   766  N N   . LEU A 1 95  ? -5.305  1.414   -11.524 1.00 28.48  ? 95  LEU A N   1 
ATOM   767  C CA  . LEU A 1 95  ? -6.362  0.507   -10.999 1.00 29.14  ? 95  LEU A CA  1 
ATOM   768  C C   . LEU A 1 95  ? -7.410  0.116   -12.059 1.00 29.59  ? 95  LEU A C   1 
ATOM   769  O O   . LEU A 1 95  ? -7.730  0.923   -12.893 1.00 27.38  ? 95  LEU A O   1 
ATOM   770  C CB  . LEU A 1 95  ? -7.091  1.183   -9.871  1.00 27.67  ? 95  LEU A CB  1 
ATOM   771  C CG  . LEU A 1 95  ? -6.286  1.768   -8.711  1.00 27.49  ? 95  LEU A CG  1 
ATOM   772  C CD1 . LEU A 1 95  ? -7.270  2.240   -7.652  1.00 28.46  ? 95  LEU A CD1 1 
ATOM   773  C CD2 . LEU A 1 95  ? -5.326  0.760   -8.113  1.00 27.24  ? 95  LEU A CD2 1 
ATOM   774  N N   . LEU A 1 96  ? -7.930  -1.105  -11.954 1.00 28.83  ? 96  LEU A N   1 
ATOM   775  C CA  . LEU A 1 96  ? -9.084  -1.599  -12.712 1.00 32.53  ? 96  LEU A CA  1 
ATOM   776  C C   . LEU A 1 96  ? -8.853  -1.549  -14.210 1.00 36.49  ? 96  LEU A C   1 
ATOM   777  O O   . LEU A 1 96  ? -9.675  -1.024  -14.939 1.00 37.87  ? 96  LEU A O   1 
ATOM   778  C CB  . LEU A 1 96  ? -10.366 -0.849  -12.325 1.00 29.94  ? 96  LEU A CB  1 
ATOM   779  C CG  . LEU A 1 96  ? -10.696 -0.792  -10.825 1.00 31.06  ? 96  LEU A CG  1 
ATOM   780  C CD1 . LEU A 1 96  ? -11.919 0.082   -10.544 1.00 30.10  ? 96  LEU A CD1 1 
ATOM   781  C CD2 . LEU A 1 96  ? -10.853 -2.198  -10.277 1.00 31.01  ? 96  LEU A CD2 1 
ATOM   782  N N   . THR A 1 97  ? -7.733  -2.120  -14.634 1.00 36.92  ? 97  THR A N   1 
ATOM   783  C CA  . THR A 1 97  ? -7.396  -2.273  -16.039 1.00 38.35  ? 97  THR A CA  1 
ATOM   784  C C   . THR A 1 97  ? -7.811  -3.661  -16.413 1.00 38.34  ? 97  THR A C   1 
ATOM   785  O O   . THR A 1 97  ? -8.265  -4.389  -15.559 1.00 39.11  ? 97  THR A O   1 
ATOM   786  C CB  . THR A 1 97  ? -5.878  -2.118  -16.286 1.00 34.86  ? 97  THR A CB  1 
ATOM   787  O OG1 . THR A 1 97  ? -5.214  -3.288  -15.835 1.00 31.68  ? 97  THR A OG1 1 
ATOM   788  C CG2 . THR A 1 97  ? -5.324  -0.912  -15.558 1.00 37.93  ? 97  THR A CG2 1 
ATOM   789  N N   . ASP A 1 98  ? -7.619  -4.036  -17.675 1.00 40.26  ? 98  ASP A N   1 
ATOM   790  C CA  . ASP A 1 98  ? -7.819  -5.411  -18.138 1.00 43.23  ? 98  ASP A CA  1 
ATOM   791  C C   . ASP A 1 98  ? -6.833  -6.392  -17.560 1.00 40.18  ? 98  ASP A C   1 
ATOM   792  O O   . ASP A 1 98  ? -7.074  -7.589  -17.615 1.00 41.71  ? 98  ASP A O   1 
ATOM   793  C CB  . ASP A 1 98  ? -7.695  -5.520  -19.672 1.00 56.22  ? 98  ASP A CB  1 
ATOM   794  C CG  . ASP A 1 98  ? -8.957  -5.106  -20.415 1.00 65.45  ? 98  ASP A CG  1 
ATOM   795  O OD1 . ASP A 1 98  ? -10.042 -4.966  -19.787 1.00 73.91  ? 98  ASP A OD1 1 
ATOM   796  O OD2 . ASP A 1 98  ? -8.849  -4.931  -21.659 1.00 75.09  ? 98  ASP A OD2 1 
ATOM   797  N N   . ASN A 1 99  ? -5.698  -5.922  -17.051 1.00 40.84  ? 99  ASN A N   1 
ATOM   798  C CA  . ASN A 1 99  ? -4.792  -6.798  -16.309 1.00 40.04  ? 99  ASN A CA  1 
ATOM   799  C C   . ASN A 1 99  ? -4.894  -6.582  -14.769 1.00 38.68  ? 99  ASN A C   1 
ATOM   800  O O   . ASN A 1 99  ? -3.937  -6.837  -14.048 1.00 37.65  ? 99  ASN A O   1 
ATOM   801  C CB  . ASN A 1 99  ? -3.355  -6.535  -16.780 1.00 40.54  ? 99  ASN A CB  1 
ATOM   802  C CG  . ASN A 1 99  ? -2.342  -7.532  -16.209 1.00 39.36  ? 99  ASN A CG  1 
ATOM   803  O OD1 . ASN A 1 99  ? -2.595  -8.728  -16.172 1.00 36.39  ? 99  ASN A OD1 1 
ATOM   804  N ND2 . ASN A 1 99  ? -1.184  -7.033  -15.783 1.00 39.54  ? 99  ASN A ND2 1 
ATOM   805  N N   . GLY A 1 100 ? -6.022  -6.103  -14.274 1.00 35.62  ? 100 GLY A N   1 
ATOM   806  C CA  . GLY A 1 100 ? -6.179  -5.848  -12.847 1.00 34.17  ? 100 GLY A CA  1 
ATOM   807  C C   . GLY A 1 100 ? -5.586  -4.512  -12.428 1.00 35.48  ? 100 GLY A C   1 
ATOM   808  O O   . GLY A 1 100 ? -5.491  -3.592  -13.240 1.00 34.11  ? 100 GLY A O   1 
ATOM   809  N N   . SER A 1 101 ? -5.180  -4.426  -11.154 1.00 30.41  ? 101 SER A N   1 
ATOM   810  C CA  . SER A 1 101 ? -4.826  -3.169  -10.500 1.00 29.80  ? 101 SER A CA  1 
ATOM   811  C C   . SER A 1 101 ? -3.418  -3.241  -9.888  1.00 27.18  ? 101 SER A C   1 
ATOM   812  O O   . SER A 1 101 ? -3.010  -4.267  -9.402  1.00 27.70  ? 101 SER A O   1 
ATOM   813  C CB  . SER A 1 101 ? -5.782  -2.849  -9.353  1.00 28.29  ? 101 SER A CB  1 
ATOM   814  O OG  . SER A 1 101 ? -7.127  -2.734  -9.754  1.00 31.24  ? 101 SER A OG  1 
ATOM   815  N N   . SER A 1 102 ? -2.734  -2.111  -9.880  1.00 27.82  ? 102 SER A N   1 
ATOM   816  C CA  . SER A 1 102 ? -1.473  -1.952  -9.154  1.00 27.84  ? 102 SER A CA  1 
ATOM   817  C C   . SER A 1 102 ? -1.292  -0.512  -8.734  1.00 26.72  ? 102 SER A C   1 
ATOM   818  O O   . SER A 1 102 ? -1.908  0.420   -9.297  1.00 27.74  ? 102 SER A O   1 
ATOM   819  C CB  . SER A 1 102 ? -0.283  -2.393  -10.040 1.00 29.67  ? 102 SER A CB  1 
ATOM   820  O OG  . SER A 1 102 ? 0.129   -1.332  -10.884 1.00 27.74  ? 102 SER A OG  1 
ATOM   821  N N   . TYR A 1 103 ? -0.422  -0.335  -7.752  1.00 25.41  ? 103 TYR A N   1 
ATOM   822  C CA  . TYR A 1 103 ? -0.006  0.979   -7.293  1.00 26.15  ? 103 TYR A CA  1 
ATOM   823  C C   . TYR A 1 103 ? 1.280   0.835   -6.502  1.00 23.56  ? 103 TYR A C   1 
ATOM   824  O O   . TYR A 1 103 ? 1.592   -0.251  -6.103  1.00 23.47  ? 103 TYR A O   1 
ATOM   825  C CB  . TYR A 1 103 ? -1.097  1.705   -6.457  1.00 26.90  ? 103 TYR A CB  1 
ATOM   826  C CG  . TYR A 1 103 ? -1.421  1.115   -5.085  1.00 28.63  ? 103 TYR A CG  1 
ATOM   827  C CD1 . TYR A 1 103 ? -0.537  1.263   -4.003  1.00 31.36  ? 103 TYR A CD1 1 
ATOM   828  C CD2 . TYR A 1 103 ? -2.612  0.438   -4.861  1.00 30.31  ? 103 TYR A CD2 1 
ATOM   829  C CE1 . TYR A 1 103 ? -0.838  0.756   -2.750  1.00 31.57  ? 103 TYR A CE1 1 
ATOM   830  C CE2 . TYR A 1 103 ? -2.932  -0.081  -3.609  1.00 32.03  ? 103 TYR A CE2 1 
ATOM   831  C CZ  . TYR A 1 103 ? -2.047  0.094   -2.548  1.00 33.81  ? 103 TYR A CZ  1 
ATOM   832  O OH  . TYR A 1 103 ? -2.346  -0.420  -1.305  1.00 33.81  ? 103 TYR A OH  1 
ATOM   833  N N   . CYS A 1 104 ? 2.015   1.936   -6.335  1.00 25.37  ? 104 CYS A N   1 
ATOM   834  C CA  . CYS A 1 104 ? 3.133   2.037   -5.377  1.00 26.96  ? 104 CYS A CA  1 
ATOM   835  C C   . CYS A 1 104 ? 2.919   3.279   -4.540  1.00 24.91  ? 104 CYS A C   1 
ATOM   836  O O   . CYS A 1 104 ? 2.622   4.355   -5.057  1.00 28.27  ? 104 CYS A O   1 
ATOM   837  C CB  . CYS A 1 104 ? 4.521   2.049   -6.065  1.00 29.46  ? 104 CYS A CB  1 
ATOM   838  S SG  . CYS A 1 104 ? 4.925   0.486   -6.882  1.00 34.10  ? 104 CYS A SG  1 
ATOM   839  N N   . ALA A 1 105 ? 3.007   3.106   -3.227  1.00 23.45  ? 105 ALA A N   1 
ATOM   840  C CA  . ALA A 1 105 ? 2.857   4.173   -2.260  1.00 24.23  ? 105 ALA A CA  1 
ATOM   841  C C   . ALA A 1 105 ? 4.069   4.229   -1.348  1.00 22.92  ? 105 ALA A C   1 
ATOM   842  O O   . ALA A 1 105 ? 4.765   3.245   -1.214  1.00 23.93  ? 105 ALA A O   1 
ATOM   843  C CB  . ALA A 1 105 ? 1.618   3.928   -1.444  1.00 24.14  ? 105 ALA A CB  1 
ATOM   844  N N   . TYR A 1 106 ? 4.315   5.374   -0.736  1.00 23.48  ? 106 TYR A N   1 
ATOM   845  C CA  . TYR A 1 106 ? 5.526   5.576   0.047   1.00 25.22  ? 106 TYR A CA  1 
ATOM   846  C C   . TYR A 1 106 ? 5.247   6.541   1.145   1.00 24.28  ? 106 TYR A C   1 
ATOM   847  O O   . TYR A 1 106 ? 4.298   7.284   1.091   1.00 20.09  ? 106 TYR A O   1 
ATOM   848  C CB  . TYR A 1 106 ? 6.699   6.076   -0.833  1.00 25.70  ? 106 TYR A CB  1 
ATOM   849  C CG  . TYR A 1 106 ? 6.413   7.419   -1.498  1.00 25.33  ? 106 TYR A CG  1 
ATOM   850  C CD1 . TYR A 1 106 ? 5.774   7.493   -2.772  1.00 25.54  ? 106 TYR A CD1 1 
ATOM   851  C CD2 . TYR A 1 106 ? 6.786   8.604   -0.881  1.00 24.84  ? 106 TYR A CD2 1 
ATOM   852  C CE1 . TYR A 1 106 ? 5.519   8.734   -3.374  1.00 24.52  ? 106 TYR A CE1 1 
ATOM   853  C CE2 . TYR A 1 106 ? 6.530   9.844   -1.468  1.00 25.85  ? 106 TYR A CE2 1 
ATOM   854  C CZ  . TYR A 1 106 ? 5.906   9.908   -2.706  1.00 25.19  ? 106 TYR A CZ  1 
ATOM   855  O OH  . TYR A 1 106 ? 5.665   11.176  -3.249  1.00 27.29  ? 106 TYR A OH  1 
ATOM   856  N N   . ARG A 1 107 ? 6.115   6.484   2.140   1.00 25.26  ? 107 ARG A N   1 
ATOM   857  C CA  . ARG A 1 107 ? 6.114   7.345   3.279   1.00 25.74  ? 107 ARG A CA  1 
ATOM   858  C C   . ARG A 1 107 ? 7.546   7.896   3.457   1.00 29.62  ? 107 ARG A C   1 
ATOM   859  O O   . ARG A 1 107 ? 8.550   7.115   3.470   1.00 28.09  ? 107 ARG A O   1 
ATOM   860  C CB  . ARG A 1 107 ? 5.715   6.526   4.493   1.00 27.73  ? 107 ARG A CB  1 
ATOM   861  C CG  . ARG A 1 107 ? 5.462   7.362   5.734   1.00 30.58  ? 107 ARG A CG  1 
ATOM   862  C CD  . ARG A 1 107 ? 5.309   6.436   6.926   1.00 32.97  ? 107 ARG A CD  1 
ATOM   863  N NE  . ARG A 1 107 ? 5.183   7.183   8.138   1.00 34.91  ? 107 ARG A NE  1 
ATOM   864  C CZ  . ARG A 1 107 ? 5.239   6.659   9.359   1.00 40.98  ? 107 ARG A CZ  1 
ATOM   865  N NH1 . ARG A 1 107 ? 5.400   5.348   9.562   1.00 41.14  ? 107 ARG A NH1 1 
ATOM   866  N NH2 . ARG A 1 107 ? 5.102   7.476   10.389  1.00 42.69  ? 107 ARG A NH2 1 
ATOM   867  N N   . CYS A 1 108 ? 7.649   9.219   3.572   1.00 29.12  ? 108 CYS A N   1 
ATOM   868  C CA  . CYS A 1 108 ? 8.931   9.888   3.703   1.00 32.65  ? 108 CYS A CA  1 
ATOM   869  C C   . CYS A 1 108 ? 9.141   10.422  5.104   1.00 36.37  ? 108 CYS A C   1 
ATOM   870  O O   . CYS A 1 108 ? 8.198   10.737  5.832   1.00 33.89  ? 108 CYS A O   1 
ATOM   871  C CB  . CYS A 1 108 ? 9.017   11.114  2.792   1.00 34.93  ? 108 CYS A CB  1 
ATOM   872  S SG  . CYS A 1 108 ? 8.903   10.840  1.027   1.00 36.83  ? 108 CYS A SG  1 
ATOM   873  N N   . ASN A 1 109 ? 10.413  10.582  5.448   1.00 40.02  ? 109 ASN A N   1 
ATOM   874  C CA  . ASN A 1 109 ? 10.796  11.487  6.527   1.00 42.19  ? 109 ASN A CA  1 
ATOM   875  C C   . ASN A 1 109 ? 11.847  12.429  5.884   1.00 38.99  ? 109 ASN A C   1 
ATOM   876  O O   . ASN A 1 109 ? 13.044  12.099  5.766   1.00 39.36  ? 109 ASN A O   1 
ATOM   877  C CB  . ASN A 1 109 ? 11.308  10.677  7.705   1.00 44.28  ? 109 ASN A CB  1 
ATOM   878  C CG  . ASN A 1 109 ? 11.776  11.533  8.857   1.00 52.41  ? 109 ASN A CG  1 
ATOM   879  O OD1 . ASN A 1 109 ? 12.977  11.666  9.031   1.00 65.69  ? 109 ASN A OD1 1 
ATOM   880  N ND2 . ASN A 1 109 ? 10.859  12.113  9.651   1.00 59.40  ? 109 ASN A ND2 1 
ATOM   881  N N   . GLY A 1 110 ? 11.366  13.568  5.403   1.00 35.00  ? 110 GLY A N   1 
ATOM   882  C CA  . GLY A 1 110 ? 12.200  14.486  4.621   1.00 33.98  ? 110 GLY A CA  1 
ATOM   883  C C   . GLY A 1 110 ? 12.697  13.865  3.339   1.00 31.81  ? 110 GLY A C   1 
ATOM   884  O O   . GLY A 1 110 ? 11.934  13.301  2.551   1.00 33.99  ? 110 GLY A O   1 
ATOM   885  N N   . THR A 1 111 ? 13.995  13.912  3.147   1.00 30.45  ? 111 THR A N   1 
ATOM   886  C CA  . THR A 1 111 ? 14.609  13.371  1.953   1.00 30.92  ? 111 THR A CA  1 
ATOM   887  C C   . THR A 1 111 ? 14.731  11.833  1.931   1.00 30.90  ? 111 THR A C   1 
ATOM   888  O O   . THR A 1 111 ? 15.062  11.242  0.885   1.00 32.55  ? 111 THR A O   1 
ATOM   889  C CB  . THR A 1 111 ? 16.027  13.918  1.816   1.00 33.41  ? 111 THR A CB  1 
ATOM   890  O OG1 . THR A 1 111 ? 16.778  13.525  2.967   1.00 32.47  ? 111 THR A OG1 1 
ATOM   891  C CG2 . THR A 1 111 ? 15.991  15.444  1.730   1.00 34.34  ? 111 THR A CG2 1 
ATOM   892  N N   . GLU A 1 112 ? 14.476  11.192  3.069   1.00 33.48  ? 112 GLU A N   1 
ATOM   893  C CA  . GLU A 1 112 ? 14.671  9.732   3.233   1.00 34.56  ? 112 GLU A CA  1 
ATOM   894  C C   . GLU A 1 112 ? 13.315  9.045   3.093   1.00 31.56  ? 112 GLU A C   1 
ATOM   895  O O   . GLU A 1 112 ? 12.301  9.537   3.622   1.00 28.65  ? 112 GLU A O   1 
ATOM   896  C CB  . GLU A 1 112 ? 15.256  9.409   4.631   1.00 36.46  ? 112 GLU A CB  1 
ATOM   897  C CG  . GLU A 1 112 ? 16.458  10.278  5.028   1.00 41.53  ? 112 GLU A CG  1 
ATOM   898  C CD  . GLU A 1 112 ? 17.668  10.194  4.061   1.00 49.54  ? 112 GLU A CD  1 
ATOM   899  O OE1 . GLU A 1 112 ? 17.993  11.232  3.414   1.00 51.79  ? 112 GLU A OE1 1 
ATOM   900  O OE2 . GLU A 1 112 ? 18.303  9.101   3.935   1.00 46.21  ? 112 GLU A OE2 1 
ATOM   901  N N   . ILE A 1 113 ? 13.322  7.922   2.388   1.00 29.08  ? 113 ILE A N   1 
ATOM   902  C CA  . ILE A 1 113 ? 12.150  7.026   2.339   1.00 30.89  ? 113 ILE A CA  1 
ATOM   903  C C   . ILE A 1 113 ? 12.154  6.020   3.506   1.00 33.58  ? 113 ILE A C   1 
ATOM   904  O O   . ILE A 1 113 ? 13.124  5.259   3.663   1.00 28.62  ? 113 ILE A O   1 
ATOM   905  C CB  . ILE A 1 113 ? 12.004  6.334   0.976   1.00 29.12  ? 113 ILE A CB  1 
ATOM   906  C CG1 . ILE A 1 113 ? 10.667  5.591   0.898   1.00 28.67  ? 113 ILE A CG1 1 
ATOM   907  C CG2 . ILE A 1 113 ? 13.131  5.359   0.674   1.00 33.87  ? 113 ILE A CG2 1 
ATOM   908  C CD1 . ILE A 1 113 ? 10.376  5.092   -0.503  1.00 29.35  ? 113 ILE A CD1 1 
ATOM   909  N N   . ILE A 1 114 ? 11.073  6.018   4.306   1.00 30.97  ? 114 ILE A N   1 
ATOM   910  C CA  . ILE A 1 114 ? 10.984  5.130   5.465   1.00 32.42  ? 114 ILE A CA  1 
ATOM   911  C C   . ILE A 1 114 ? 10.077  3.890   5.318   1.00 32.30  ? 114 ILE A C   1 
ATOM   912  O O   . ILE A 1 114 ? 10.261  2.890   6.022   1.00 27.81  ? 114 ILE A O   1 
ATOM   913  C CB  . ILE A 1 114 ? 10.660  5.892   6.765   1.00 35.25  ? 114 ILE A CB  1 
ATOM   914  C CG1 . ILE A 1 114 ? 9.292   6.593   6.703   1.00 36.32  ? 114 ILE A CG1 1 
ATOM   915  C CG2 . ILE A 1 114 ? 11.824  6.858   7.077   1.00 37.69  ? 114 ILE A CG2 1 
ATOM   916  C CD1 . ILE A 1 114 ? 8.730   6.990   8.053   1.00 35.68  ? 114 ILE A CD1 1 
ATOM   917  N N   . GLU A 1 115 ? 9.095   3.945   4.437   1.00 29.11  ? 115 GLU A N   1 
ATOM   918  C CA  . GLU A 1 115 ? 8.334   2.754   4.103   1.00 26.43  ? 115 GLU A CA  1 
ATOM   919  C C   . GLU A 1 115 ? 7.894   2.850   2.662   1.00 24.99  ? 115 GLU A C   1 
ATOM   920  O O   . GLU A 1 115 ? 7.763   3.943   2.133   1.00 24.56  ? 115 GLU A O   1 
ATOM   921  C CB  . GLU A 1 115 ? 7.167   2.575   5.083   1.00 26.32  ? 115 GLU A CB  1 
ATOM   922  C CG  . GLU A 1 115 ? 6.423   1.232   4.977   1.00 27.69  ? 115 GLU A CG  1 
ATOM   923  C CD  . GLU A 1 115 ? 7.314   0.003   5.147   1.00 27.61  ? 115 GLU A CD  1 
ATOM   924  O OE1 . GLU A 1 115 ? 7.376   -0.519  6.279   1.00 29.32  ? 115 GLU A OE1 1 
ATOM   925  O OE2 . GLU A 1 115 ? 7.915   -0.446  4.133   1.00 25.07  ? 115 GLU A OE2 1 
ATOM   926  N N   . TYR A 1 116 ? 7.686   1.701   2.050   1.00 23.54  ? 116 TYR A N   1 
ATOM   927  C CA  . TYR A 1 116 ? 7.344   1.569   0.640   1.00 25.58  ? 116 TYR A CA  1 
ATOM   928  C C   . TYR A 1 116 ? 6.380   0.400   0.501   1.00 25.98  ? 116 TYR A C   1 
ATOM   929  O O   . TYR A 1 116 ? 6.596   -0.634  1.130   1.00 26.97  ? 116 TYR A O   1 
ATOM   930  C CB  . TYR A 1 116 ? 8.616   1.295   -0.184  1.00 26.18  ? 116 TYR A CB  1 
ATOM   931  C CG  . TYR A 1 116 ? 8.443   1.391   -1.677  1.00 24.90  ? 116 TYR A CG  1 
ATOM   932  C CD1 . TYR A 1 116 ? 8.037   2.560   -2.259  1.00 24.86  ? 116 TYR A CD1 1 
ATOM   933  C CD2 . TYR A 1 116 ? 8.720   0.307   -2.502  1.00 26.64  ? 116 TYR A CD2 1 
ATOM   934  C CE1 . TYR A 1 116 ? 7.883   2.676   -3.636  1.00 25.14  ? 116 TYR A CE1 1 
ATOM   935  C CE2 . TYR A 1 116 ? 8.586   0.412   -3.884  1.00 27.55  ? 116 TYR A CE2 1 
ATOM   936  C CZ  . TYR A 1 116 ? 8.159   1.627   -4.435  1.00 26.35  ? 116 TYR A CZ  1 
ATOM   937  O OH  . TYR A 1 116 ? 7.984   1.753   -5.781  1.00 27.60  ? 116 TYR A OH  1 
ATOM   938  N N   . LYS A 1 117 ? 5.309   0.572   -0.289  1.00 25.34  ? 117 LYS A N   1 
ATOM   939  C CA  . LYS A 1 117 ? 4.262   -0.448  -0.474  1.00 24.54  ? 117 LYS A CA  1 
ATOM   940  C C   . LYS A 1 117 ? 3.863   -0.453  -1.949  1.00 25.33  ? 117 LYS A C   1 
ATOM   941  O O   . LYS A 1 117 ? 3.136   0.440   -2.377  1.00 26.57  ? 117 LYS A O   1 
ATOM   942  C CB  . LYS A 1 117 ? 3.009   -0.097  0.374   1.00 28.08  ? 117 LYS A CB  1 
ATOM   943  C CG  . LYS A 1 117 ? 3.043   -0.372  1.887   1.00 29.32  ? 117 LYS A CG  1 
ATOM   944  C CD  . LYS A 1 117 ? 1.854   0.244   2.641   1.00 31.67  ? 117 LYS A CD  1 
ATOM   945  C CE  . LYS A 1 117 ? 1.926   -0.055  4.163   1.00 34.47  ? 117 LYS A CE  1 
ATOM   946  N NZ  . LYS A 1 117 ? 1.060   0.724   5.121   1.00 35.09  ? 117 LYS A NZ  1 
ATOM   947  N N   . CYS A 1 118 ? 4.320   -1.433  -2.719  1.00 25.76  ? 118 CYS A N   1 
ATOM   948  C CA  . CYS A 1 118 ? 3.849   -1.677  -4.068  1.00 27.46  ? 118 CYS A CA  1 
ATOM   949  C C   . CYS A 1 118 ? 2.877   -2.832  -3.992  1.00 28.58  ? 118 CYS A C   1 
ATOM   950  O O   . CYS A 1 118 ? 3.247   -3.935  -3.590  1.00 25.65  ? 118 CYS A O   1 
ATOM   951  C CB  . CYS A 1 118 ? 4.976   -2.068  -5.029  1.00 31.12  ? 118 CYS A CB  1 
ATOM   952  S SG  . CYS A 1 118 ? 6.002   -0.681  -5.494  1.00 35.94  ? 118 CYS A SG  1 
ATOM   953  N N   . ALA A 1 119 ? 1.649   -2.578  -4.409  1.00 24.87  ? 119 ALA A N   1 
ATOM   954  C CA  . ALA A 1 119 ? 0.581   -3.540  -4.259  1.00 27.84  ? 119 ALA A CA  1 
ATOM   955  C C   . ALA A 1 119 ? 0.014   -3.907  -5.625  1.00 24.48  ? 119 ALA A C   1 
ATOM   956  O O   . ALA A 1 119 ? 0.066   -3.110  -6.522  1.00 25.45  ? 119 ALA A O   1 
ATOM   957  C CB  . ALA A 1 119 ? -0.507  -2.932  -3.382  1.00 26.55  ? 119 ALA A CB  1 
ATOM   958  N N   . SER A 1 120 ? -0.559  -5.089  -5.746  1.00 24.69  ? 120 SER A N   1 
ATOM   959  C CA  . SER A 1 120 ? -1.246  -5.483  -6.968  1.00 25.38  ? 120 SER A CA  1 
ATOM   960  C C   . SER A 1 120 ? -2.151  -6.656  -6.709  1.00 25.75  ? 120 SER A C   1 
ATOM   961  O O   . SER A 1 120 ? -2.048  -7.305  -5.683  1.00 27.31  ? 120 SER A O   1 
ATOM   962  C CB  . SER A 1 120 ? -0.261  -5.861  -8.093  1.00 24.81  ? 120 SER A CB  1 
ATOM   963  O OG  . SER A 1 120 ? 0.094   -7.257  -8.053  1.00 24.58  ? 120 SER A OG  1 
ATOM   964  N N   . ASN A 1 121 ? -3.012  -6.927  -7.687  1.00 28.91  ? 121 ASN A N   1 
ATOM   965  C CA  . ASN A 1 121 ? -3.782  -8.153  -7.766  1.00 28.79  ? 121 ASN A CA  1 
ATOM   966  C C   . ASN A 1 121 ? -3.523  -8.906  -9.067  1.00 31.37  ? 121 ASN A C   1 
ATOM   967  O O   . ASN A 1 121 ? -4.366  -9.692  -9.495  1.00 32.24  ? 121 ASN A O   1 
ATOM   968  C CB  . ASN A 1 121 ? -5.291  -7.884  -7.576  1.00 28.20  ? 121 ASN A CB  1 
ATOM   969  C CG  . ASN A 1 121 ? -5.877  -6.937  -8.606  1.00 28.97  ? 121 ASN A CG  1 
ATOM   970  O OD1 . ASN A 1 121 ? -5.322  -6.744  -9.703  1.00 27.29  ? 121 ASN A OD1 1 
ATOM   971  N ND2 . ASN A 1 121 ? -7.004  -6.304  -8.246  1.00 26.64  ? 121 ASN A ND2 1 
ATOM   972  N N   . ASN A 1 122 ? -2.342  -8.700  -9.649  1.00 33.00  ? 122 ASN A N   1 
ATOM   973  C CA  . ASN A 1 122 ? -1.914  -9.353  -10.889 1.00 33.12  ? 122 ASN A CA  1 
ATOM   974  C C   . ASN A 1 122 ? -0.488  -9.884  -10.788 1.00 35.12  ? 122 ASN A C   1 
ATOM   975  O O   . ASN A 1 122 ? 0.234   -9.918  -11.770 1.00 38.92  ? 122 ASN A O   1 
ATOM   976  C CB  . ASN A 1 122 ? -2.033  -8.370  -12.075 1.00 32.72  ? 122 ASN A CB  1 
ATOM   977  C CG  . ASN A 1 122 ? -1.240  -7.097  -11.880 1.00 31.39  ? 122 ASN A CG  1 
ATOM   978  O OD1 . ASN A 1 122 ? -0.194  -7.091  -11.240 1.00 35.55  ? 122 ASN A OD1 1 
ATOM   979  N ND2 . ASN A 1 122 ? -1.738  -6.004  -12.422 1.00 32.50  ? 122 ASN A ND2 1 
ATOM   980  N N   . ASN A 1 123 ? -0.085  -10.264 -9.586  1.00 33.80  ? 123 ASN A N   1 
ATOM   981  C CA  . ASN A 1 123 ? 1.234   -10.808 -9.303  1.00 35.79  ? 123 ASN A CA  1 
ATOM   982  C C   . ASN A 1 123 ? 2.426   -9.990  -9.806  1.00 36.67  ? 123 ASN A C   1 
ATOM   983  O O   . ASN A 1 123 ? 3.435   -10.558 -10.194 1.00 35.80  ? 123 ASN A O   1 
ATOM   984  C CB  . ASN A 1 123 ? 1.349   -12.259 -9.814  1.00 38.74  ? 123 ASN A CB  1 
ATOM   985  C CG  . ASN A 1 123 ? 2.492   -13.011 -9.167  1.00 40.48  ? 123 ASN A CG  1 
ATOM   986  O OD1 . ASN A 1 123 ? 2.819   -12.748 -8.006  1.00 36.96  ? 123 ASN A OD1 1 
ATOM   987  N ND2 . ASN A 1 123 ? 3.117   -13.951 -9.911  1.00 47.31  ? 123 ASN A ND2 1 
ATOM   988  N N   . GLY A 1 124 ? 2.313   -8.668  -9.769  1.00 36.81  ? 124 GLY A N   1 
ATOM   989  C CA  . GLY A 1 124 ? 3.432   -7.801  -10.074 1.00 35.98  ? 124 GLY A CA  1 
ATOM   990  C C   . GLY A 1 124 ? 3.711   -7.659  -11.556 1.00 38.07  ? 124 GLY A C   1 
ATOM   991  O O   . GLY A 1 124 ? 4.781   -7.207  -11.917 1.00 38.17  ? 124 GLY A O   1 
ATOM   992  N N   . THR A 1 125 ? 2.746   -7.974  -12.421 1.00 35.99  ? 125 THR A N   1 
ATOM   993  C CA  . THR A 1 125 ? 2.993   -7.988  -13.874 1.00 36.55  ? 125 THR A CA  1 
ATOM   994  C C   . THR A 1 125 ? 2.713   -6.674  -14.595 1.00 34.95  ? 125 THR A C   1 
ATOM   995  O O   . THR A 1 125 ? 2.856   -6.628  -15.782 1.00 39.32  ? 125 THR A O   1 
ATOM   996  C CB  . THR A 1 125 ? 2.156   -9.089  -14.563 1.00 36.46  ? 125 THR A CB  1 
ATOM   997  O OG1 . THR A 1 125 ? 0.771   -8.891  -14.234 1.00 37.14  ? 125 THR A OG1 1 
ATOM   998  C CG2 . THR A 1 125 ? 2.613   -10.476 -14.104 1.00 34.39  ? 125 THR A CG2 1 
ATOM   999  N N   . ASP A 1 126 ? 2.275   -5.627  -13.904 1.00 36.24  ? 126 ASP A N   1 
ATOM   1000 C CA  . ASP A 1 126 ? 2.149   -4.284  -14.486 1.00 36.48  ? 126 ASP A CA  1 
ATOM   1001 C C   . ASP A 1 126 ? 3.566   -3.669  -14.659 1.00 38.28  ? 126 ASP A C   1 
ATOM   1002 O O   . ASP A 1 126 ? 4.262   -3.438  -13.665 1.00 39.97  ? 126 ASP A O   1 
ATOM   1003 C CB  . ASP A 1 126 ? 1.252   -3.428  -13.575 1.00 35.07  ? 126 ASP A CB  1 
ATOM   1004 C CG  . ASP A 1 126 ? 0.900   -2.058  -14.139 1.00 35.46  ? 126 ASP A CG  1 
ATOM   1005 O OD1 . ASP A 1 126 ? 1.571   -1.562  -15.080 1.00 33.70  ? 126 ASP A OD1 1 
ATOM   1006 O OD2 . ASP A 1 126 ? -0.068  -1.438  -13.594 1.00 34.55  ? 126 ASP A OD2 1 
ATOM   1007 N N   . PRO A 1 127 ? 3.996   -3.400  -15.910 1.00 39.89  ? 127 PRO A N   1 
ATOM   1008 C CA  . PRO A 1 127 ? 5.321   -2.800  -16.150 1.00 39.19  ? 127 PRO A CA  1 
ATOM   1009 C C   . PRO A 1 127 ? 5.578   -1.559  -15.327 1.00 35.93  ? 127 PRO A C   1 
ATOM   1010 O O   . PRO A 1 127 ? 6.694   -1.361  -14.889 1.00 34.05  ? 127 PRO A O   1 
ATOM   1011 C CB  . PRO A 1 127 ? 5.275   -2.425  -17.635 1.00 43.04  ? 127 PRO A CB  1 
ATOM   1012 C CG  . PRO A 1 127 ? 4.312   -3.399  -18.242 1.00 43.36  ? 127 PRO A CG  1 
ATOM   1013 C CD  . PRO A 1 127 ? 3.251   -3.570  -17.177 1.00 43.64  ? 127 PRO A CD  1 
ATOM   1014 N N   . LEU A 1 128 ? 4.556   -0.738  -15.092 1.00 33.79  ? 128 LEU A N   1 
ATOM   1015 C CA  . LEU A 1 128 ? 4.696   0.436   -14.215 1.00 34.90  ? 128 LEU A CA  1 
ATOM   1016 C C   . LEU A 1 128 ? 5.216   0.140   -12.791 1.00 31.62  ? 128 LEU A C   1 
ATOM   1017 O O   . LEU A 1 128 ? 5.803   1.018   -12.170 1.00 33.60  ? 128 LEU A O   1 
ATOM   1018 C CB  . LEU A 1 128 ? 3.359   1.188   -14.068 1.00 38.29  ? 128 LEU A CB  1 
ATOM   1019 C CG  . LEU A 1 128 ? 2.723   1.804   -15.316 1.00 41.73  ? 128 LEU A CG  1 
ATOM   1020 C CD1 . LEU A 1 128 ? 1.374   2.393   -14.946 1.00 43.49  ? 128 LEU A CD1 1 
ATOM   1021 C CD2 . LEU A 1 128 ? 3.626   2.866   -15.912 1.00 43.88  ? 128 LEU A CD2 1 
ATOM   1022 N N   . GLN A 1 129 ? 4.951   -1.053  -12.271 1.00 29.14  ? 129 GLN A N   1 
ATOM   1023 C CA  . GLN A 1 129 ? 5.305   -1.368  -10.912 1.00 31.96  ? 129 GLN A CA  1 
ATOM   1024 C C   . GLN A 1 129 ? 6.819   -1.619  -10.792 1.00 33.18  ? 129 GLN A C   1 
ATOM   1025 O O   . GLN A 1 129 ? 7.470   -0.994  -9.942  1.00 32.13  ? 129 GLN A O   1 
ATOM   1026 C CB  . GLN A 1 129 ? 4.526   -2.578  -10.424 1.00 29.77  ? 129 GLN A CB  1 
ATOM   1027 C CG  . GLN A 1 129 ? 4.692   -2.862  -8.951  1.00 29.01  ? 129 GLN A CG  1 
ATOM   1028 C CD  . GLN A 1 129 ? 3.404   -3.415  -8.344  1.00 29.27  ? 129 GLN A CD  1 
ATOM   1029 O OE1 . GLN A 1 129 ? 3.054   -4.580  -8.541  1.00 30.87  ? 129 GLN A OE1 1 
ATOM   1030 N NE2 . GLN A 1 129 ? 2.687   -2.561  -7.639  1.00 26.71  ? 129 GLN A NE2 1 
ATOM   1031 N N   . HIS A 1 130 ? 7.380   -2.468  -11.662 1.00 36.21  ? 130 HIS A N   1 
ATOM   1032 C CA  . HIS A 1 130 ? 8.839   -2.669  -11.658 1.00 42.25  ? 130 HIS A CA  1 
ATOM   1033 C C   . HIS A 1 130 ? 9.551   -1.329  -11.861 1.00 39.91  ? 130 HIS A C   1 
ATOM   1034 O O   . HIS A 1 130 ? 10.495  -0.976  -11.134 1.00 39.93  ? 130 HIS A O   1 
ATOM   1035 C CB  . HIS A 1 130 ? 9.325   -3.719  -12.676 1.00 47.40  ? 130 HIS A CB  1 
ATOM   1036 C CG  . HIS A 1 130 ? 10.774  -4.100  -12.490 1.00 56.09  ? 130 HIS A CG  1 
ATOM   1037 N ND1 . HIS A 1 130 ? 11.804  -3.492  -13.182 1.00 58.39  ? 130 HIS A ND1 1 
ATOM   1038 C CD2 . HIS A 1 130 ? 11.363  -4.994  -11.656 1.00 56.61  ? 130 HIS A CD2 1 
ATOM   1039 C CE1 . HIS A 1 130 ? 12.958  -4.018  -12.807 1.00 56.94  ? 130 HIS A CE1 1 
ATOM   1040 N NE2 . HIS A 1 130 ? 12.719  -4.924  -11.874 1.00 59.06  ? 130 HIS A NE2 1 
ATOM   1041 N N   . GLN A 1 131 ? 9.029   -0.556  -12.796 1.00 36.77  ? 131 GLN A N   1 
ATOM   1042 C CA  . GLN A 1 131 ? 9.608   0.713   -13.150 1.00 37.37  ? 131 GLN A CA  1 
ATOM   1043 C C   . GLN A 1 131 ? 9.594   1.656   -11.947 1.00 36.05  ? 131 GLN A C   1 
ATOM   1044 O O   . GLN A 1 131 ? 10.627  2.251   -11.625 1.00 34.13  ? 131 GLN A O   1 
ATOM   1045 C CB  . GLN A 1 131 ? 8.860   1.274   -14.366 1.00 40.46  ? 131 GLN A CB  1 
ATOM   1046 C CG  . GLN A 1 131 ? 9.326   2.609   -14.884 1.00 48.01  ? 131 GLN A CG  1 
ATOM   1047 C CD  . GLN A 1 131 ? 8.446   3.173   -16.001 1.00 50.30  ? 131 GLN A CD  1 
ATOM   1048 O OE1 . GLN A 1 131 ? 7.335   2.716   -16.250 1.00 53.32  ? 131 GLN A OE1 1 
ATOM   1049 N NE2 . GLN A 1 131 ? 8.955   4.192   -16.666 1.00 52.94  ? 131 GLN A NE2 1 
ATOM   1050 N N   . ALA A 1 132 ? 8.455   1.776   -11.259 1.00 33.69  ? 132 ALA A N   1 
ATOM   1051 C CA  . ALA A 1 132 ? 8.355   2.664   -10.072 1.00 31.35  ? 132 ALA A CA  1 
ATOM   1052 C C   . ALA A 1 132 ? 9.273   2.197   -8.923  1.00 29.19  ? 132 ALA A C   1 
ATOM   1053 O O   . ALA A 1 132 ? 9.816   3.015   -8.188  1.00 28.14  ? 132 ALA A O   1 
ATOM   1054 C CB  . ALA A 1 132 ? 6.905   2.748   -9.575  1.00 32.65  ? 132 ALA A CB  1 
ATOM   1055 N N   . MET A 1 133 ? 9.410   0.893   -8.769  1.00 27.53  ? 133 MET A N   1 
ATOM   1056 C CA  . MET A 1 133 ? 10.306  0.317   -7.745  1.00 33.04  ? 133 MET A CA  1 
ATOM   1057 C C   . MET A 1 133 ? 11.778  0.696   -8.022  1.00 33.80  ? 133 MET A C   1 
ATOM   1058 O O   . MET A 1 133 ? 12.514  1.075   -7.100  1.00 32.93  ? 133 MET A O   1 
ATOM   1059 C CB  . MET A 1 133 ? 10.136  -1.196  -7.699  1.00 34.02  ? 133 MET A CB  1 
ATOM   1060 C CG  . MET A 1 133 ? 11.035  -1.948  -6.728  1.00 42.43  ? 133 MET A CG  1 
ATOM   1061 S SD  . MET A 1 133 ? 12.561  -2.598  -7.420  1.00 45.70  ? 133 MET A SD  1 
ATOM   1062 C CE  . MET A 1 133 ? 11.985  -3.599  -8.770  1.00 42.26  ? 133 MET A CE  1 
ATOM   1063 N N   . GLU A 1 134 ? 12.182  0.643   -9.288  1.00 36.09  ? 134 GLU A N   1 
ATOM   1064 C CA  . GLU A 1 134 ? 13.576  1.004   -9.664  1.00 36.34  ? 134 GLU A CA  1 
ATOM   1065 C C   . GLU A 1 134 ? 13.856  2.462   -9.402  1.00 35.29  ? 134 GLU A C   1 
ATOM   1066 O O   . GLU A 1 134 ? 14.976  2.832   -9.020  1.00 36.28  ? 134 GLU A O   1 
ATOM   1067 C CB  . GLU A 1 134 ? 13.876  0.645   -11.118 1.00 39.15  ? 134 GLU A CB  1 
ATOM   1068 C CG  . GLU A 1 134 ? 13.900  -0.862  -11.352 1.00 44.91  ? 134 GLU A CG  1 
ATOM   1069 C CD  . GLU A 1 134 ? 15.108  -1.562  -10.722 1.00 51.66  ? 134 GLU A CD  1 
ATOM   1070 O OE1 . GLU A 1 134 ? 16.192  -1.545  -11.333 1.00 55.00  ? 134 GLU A OE1 1 
ATOM   1071 O OE2 . GLU A 1 134 ? 14.970  -2.168  -9.635  1.00 59.02  ? 134 GLU A OE2 1 
ATOM   1072 N N   . VAL A 1 135 ? 12.829  3.296   -9.543  1.00 31.58  ? 135 VAL A N   1 
ATOM   1073 C CA  . VAL A 1 135 ? 12.958  4.700   -9.195  1.00 29.57  ? 135 VAL A CA  1 
ATOM   1074 C C   . VAL A 1 135 ? 13.049  4.910   -7.687  1.00 30.29  ? 135 VAL A C   1 
ATOM   1075 O O   . VAL A 1 135 ? 13.860  5.726   -7.195  1.00 30.44  ? 135 VAL A O   1 
ATOM   1076 C CB  . VAL A 1 135 ? 11.783  5.539   -9.772  1.00 31.15  ? 135 VAL A CB  1 
ATOM   1077 C CG1 . VAL A 1 135 ? 11.809  6.955   -9.234  1.00 31.30  ? 135 VAL A CG1 1 
ATOM   1078 C CG2 . VAL A 1 135 ? 11.828  5.576   -11.300 1.00 32.21  ? 135 VAL A CG2 1 
ATOM   1079 N N   . ALA A 1 136 ? 12.191  4.243   -6.921  1.00 29.61  ? 136 ALA A N   1 
ATOM   1080 C CA  . ALA A 1 136 ? 12.206  4.483   -5.488  1.00 31.09  ? 136 ALA A CA  1 
ATOM   1081 C C   . ALA A 1 136 ? 13.505  3.972   -4.829  1.00 28.08  ? 136 ALA A C   1 
ATOM   1082 O O   . ALA A 1 136 ? 13.928  4.539   -3.838  1.00 25.15  ? 136 ALA A O   1 
ATOM   1083 C CB  . ALA A 1 136 ? 10.973  3.887   -4.811  1.00 32.55  ? 136 ALA A CB  1 
ATOM   1084 N N   . LYS A 1 137 ? 14.110  2.916   -5.375  1.00 30.69  ? 137 LYS A N   1 
ATOM   1085 C CA  . LYS A 1 137 ? 15.416  2.394   -4.888  1.00 34.27  ? 137 LYS A CA  1 
ATOM   1086 C C   . LYS A 1 137 ? 16.470  3.487   -4.927  1.00 33.90  ? 137 LYS A C   1 
ATOM   1087 O O   . LYS A 1 137 ? 17.366  3.470   -4.102  1.00 33.56  ? 137 LYS A O   1 
ATOM   1088 C CB  . LYS A 1 137 ? 15.955  1.236   -5.732  1.00 36.77  ? 137 LYS A CB  1 
ATOM   1089 C CG  . LYS A 1 137 ? 15.085  0.005   -5.742  1.00 47.56  ? 137 LYS A CG  1 
ATOM   1090 C CD  . LYS A 1 137 ? 15.756  -1.154  -5.048  1.00 57.93  ? 137 LYS A CD  1 
ATOM   1091 C CE  . LYS A 1 137 ? 14.992  -2.472  -5.076  1.00 62.48  ? 137 LYS A CE  1 
ATOM   1092 N NZ  . LYS A 1 137 ? 15.065  -3.236  -6.355  1.00 67.31  ? 137 LYS A NZ  1 
ATOM   1093 N N   . THR A 1 138 ? 16.342  4.439   -5.865  1.00 33.60  ? 138 THR A N   1 
ATOM   1094 C CA  . THR A 1 138 ? 17.319  5.523   -6.020  1.00 33.26  ? 138 THR A CA  1 
ATOM   1095 C C   . THR A 1 138 ? 17.248  6.631   -4.995  1.00 33.78  ? 138 THR A C   1 
ATOM   1096 O O   . THR A 1 138 ? 18.179  7.442   -4.956  1.00 36.83  ? 138 THR A O   1 
ATOM   1097 C CB  . THR A 1 138 ? 17.275  6.204   -7.424  1.00 34.59  ? 138 THR A CB  1 
ATOM   1098 O OG1 . THR A 1 138 ? 16.157  7.111   -7.514  1.00 32.78  ? 138 THR A OG1 1 
ATOM   1099 C CG2 . THR A 1 138 ? 17.238  5.202   -8.530  1.00 32.12  ? 138 THR A CG2 1 
ATOM   1100 N N   . VAL A 1 139 ? 16.194  6.716   -4.173  1.00 29.62  ? 139 VAL A N   1 
ATOM   1101 C CA  . VAL A 1 139 ? 16.158  7.757   -3.159  1.00 30.47  ? 139 VAL A CA  1 
ATOM   1102 C C   . VAL A 1 139 ? 16.831  7.268   -1.873  1.00 34.98  ? 139 VAL A C   1 
ATOM   1103 O O   . VAL A 1 139 ? 16.975  6.051   -1.688  1.00 32.91  ? 139 VAL A O   1 
ATOM   1104 C CB  . VAL A 1 139 ? 14.729  8.338   -2.844  1.00 31.57  ? 139 VAL A CB  1 
ATOM   1105 C CG1 . VAL A 1 139 ? 13.863  8.490   -4.112  1.00 33.25  ? 139 VAL A CG1 1 
ATOM   1106 C CG2 . VAL A 1 139 ? 13.999  7.569   -1.780  1.00 30.43  ? 139 VAL A CG2 1 
ATOM   1107 N N   . PRO A 1 140 ? 17.196  8.202   -0.964  1.00 36.00  ? 140 PRO A N   1 
ATOM   1108 C CA  . PRO A 1 140 ? 17.937  7.795   0.233   1.00 37.20  ? 140 PRO A CA  1 
ATOM   1109 C C   . PRO A 1 140 ? 17.164  6.827   1.082   1.00 35.40  ? 140 PRO A C   1 
ATOM   1110 O O   . PRO A 1 140 ? 16.014  7.107   1.421   1.00 34.33  ? 140 PRO A O   1 
ATOM   1111 C CB  . PRO A 1 140 ? 18.156  9.119   0.975   1.00 38.49  ? 140 PRO A CB  1 
ATOM   1112 C CG  . PRO A 1 140 ? 18.222  10.123  -0.093  1.00 41.97  ? 140 PRO A CG  1 
ATOM   1113 C CD  . PRO A 1 140 ? 17.199  9.665   -1.110  1.00 39.78  ? 140 PRO A CD  1 
ATOM   1114 N N   . ASN A 1 141 ? 17.813  5.703   1.411   1.00 35.50  ? 141 ASN A N   1 
ATOM   1115 C CA  . ASN A 1 141 ? 17.252  4.562   2.198   1.00 31.68  ? 141 ASN A CA  1 
ATOM   1116 C C   . ASN A 1 141 ? 16.364  3.620   1.373   1.00 29.99  ? 141 ASN A C   1 
ATOM   1117 O O   . ASN A 1 141 ? 15.771  2.667   1.911   1.00 28.87  ? 141 ASN A O   1 
ATOM   1118 C CB  . ASN A 1 141 ? 16.512  5.003   3.454   1.00 32.64  ? 141 ASN A CB  1 
ATOM   1119 C CG  . ASN A 1 141 ? 16.419  3.880   4.498   1.00 36.35  ? 141 ASN A CG  1 
ATOM   1120 O OD1 . ASN A 1 141 ? 17.411  3.173   4.743   1.00 38.07  ? 141 ASN A OD1 1 
ATOM   1121 N ND2 . ASN A 1 141 ? 15.246  3.707   5.096   1.00 33.91  ? 141 ASN A ND2 1 
ATOM   1122 N N   . GLY A 1 142 ? 16.310  3.877   0.070   1.00 26.73  ? 142 GLY A N   1 
ATOM   1123 C CA  . GLY A 1 142 ? 15.570  3.097   -0.869  1.00 28.52  ? 142 GLY A CA  1 
ATOM   1124 C C   . GLY A 1 142 ? 16.249  1.799   -1.182  1.00 29.90  ? 142 GLY A C   1 
ATOM   1125 O O   . GLY A 1 142 ? 15.630  0.883   -1.750  1.00 27.46  ? 142 GLY A O   1 
ATOM   1126 N N   . ASP A 1 143 ? 17.535  1.707   -0.829  1.00 30.53  ? 143 ASP A N   1 
ATOM   1127 C CA  . ASP A 1 143 ? 18.268  0.433   -0.886  1.00 29.37  ? 143 ASP A CA  1 
ATOM   1128 C C   . ASP A 1 143 ? 17.620  -0.681  -0.068  1.00 28.55  ? 143 ASP A C   1 
ATOM   1129 O O   . ASP A 1 143 ? 17.834  -1.829  -0.381  1.00 30.70  ? 143 ASP A O   1 
ATOM   1130 C CB  . ASP A 1 143 ? 19.701  0.621   -0.374  1.00 31.35  ? 143 ASP A CB  1 
ATOM   1131 C CG  . ASP A 1 143 ? 19.741  1.161   1.034   1.00 30.62  ? 143 ASP A CG  1 
ATOM   1132 O OD1 . ASP A 1 143 ? 19.560  2.378   1.188   1.00 33.23  ? 143 ASP A OD1 1 
ATOM   1133 O OD2 . ASP A 1 143 ? 19.959  0.387   2.004   1.00 37.51  ? 143 ASP A OD2 1 
ATOM   1134 N N   . LYS A 1 144 ? 16.847  -0.348  0.967   1.00 28.65  ? 144 LYS A N   1 
ATOM   1135 C CA  . LYS A 1 144 ? 16.093  -1.365  1.713   1.00 30.62  ? 144 LYS A CA  1 
ATOM   1136 C C   . LYS A 1 144 ? 14.958  -2.031  0.939   1.00 34.01  ? 144 LYS A C   1 
ATOM   1137 O O   . LYS A 1 144 ? 14.452  -3.081  1.376   1.00 35.07  ? 144 LYS A O   1 
ATOM   1138 C CB  . LYS A 1 144 ? 15.532  -0.806  3.002   1.00 31.06  ? 144 LYS A CB  1 
ATOM   1139 C CG  . LYS A 1 144 ? 16.525  -0.152  3.943   1.00 34.66  ? 144 LYS A CG  1 
ATOM   1140 C CD  . LYS A 1 144 ? 17.716  -1.043  4.312   1.00 38.41  ? 144 LYS A CD  1 
ATOM   1141 C CE  . LYS A 1 144 ? 18.700  -0.318  5.254   1.00 42.39  ? 144 LYS A CE  1 
ATOM   1142 N NZ  . LYS A 1 144 ? 19.508  0.789   4.604   1.00 41.05  ? 144 LYS A NZ  1 
ATOM   1143 N N   . ILE A 1 145 ? 14.550  -1.464  -0.198  1.00 32.42  ? 145 ILE A N   1 
ATOM   1144 C CA  . ILE A 1 145 ? 13.359  -1.947  -0.884  1.00 30.06  ? 145 ILE A CA  1 
ATOM   1145 C C   . ILE A 1 145 ? 13.591  -3.301  -1.492  1.00 30.70  ? 145 ILE A C   1 
ATOM   1146 O O   . ILE A 1 145 ? 14.577  -3.529  -2.193  1.00 32.62  ? 145 ILE A O   1 
ATOM   1147 C CB  . ILE A 1 145 ? 12.833  -0.931  -1.934  1.00 30.24  ? 145 ILE A CB  1 
ATOM   1148 C CG1 . ILE A 1 145 ? 12.266  0.286   -1.186  1.00 30.06  ? 145 ILE A CG1 1 
ATOM   1149 C CG2 . ILE A 1 145 ? 11.782  -1.563  -2.837  1.00 28.85  ? 145 ILE A CG2 1 
ATOM   1150 C CD1 . ILE A 1 145 ? 12.079  1.513   -2.057  1.00 31.40  ? 145 ILE A CD1 1 
ATOM   1151 N N   . HIS A 1 146 ? 12.656  -4.217  -1.254  1.00 28.76  ? 146 HIS A N   1 
ATOM   1152 C CA  . HIS A 1 146 ? 12.881  -5.590  -1.687  1.00 29.60  ? 146 HIS A CA  1 
ATOM   1153 C C   . HIS A 1 146 ? 11.559  -6.318  -1.992  1.00 29.09  ? 146 HIS A C   1 
ATOM   1154 O O   . HIS A 1 146 ? 10.477  -5.858  -1.624  1.00 24.72  ? 146 HIS A O   1 
ATOM   1155 C CB  . HIS A 1 146 ? 13.710  -6.312  -0.596  1.00 26.85  ? 146 HIS A CB  1 
ATOM   1156 C CG  . HIS A 1 146 ? 12.997  -6.446  0.717   1.00 24.87  ? 146 HIS A CG  1 
ATOM   1157 N ND1 . HIS A 1 146 ? 12.878  -5.410  1.625   1.00 24.17  ? 146 HIS A ND1 1 
ATOM   1158 C CD2 . HIS A 1 146 ? 12.318  -7.490  1.249   1.00 24.19  ? 146 HIS A CD2 1 
ATOM   1159 C CE1 . HIS A 1 146 ? 12.161  -5.817  2.660   1.00 23.77  ? 146 HIS A CE1 1 
ATOM   1160 N NE2 . HIS A 1 146 ? 11.815  -7.080  2.458   1.00 20.98  ? 146 HIS A NE2 1 
ATOM   1161 N N   . TYR A 1 147 ? 11.689  -7.479  -2.638  1.00 29.69  ? 147 TYR A N   1 
ATOM   1162 C CA  . TYR A 1 147 ? 10.564  -8.344  -2.964  1.00 28.91  ? 147 TYR A CA  1 
ATOM   1163 C C   . TYR A 1 147 ? 9.887   -8.845  -1.687  1.00 30.71  ? 147 TYR A C   1 
ATOM   1164 O O   . TYR A 1 147 ? 10.543  -9.296  -0.742  1.00 27.93  ? 147 TYR A O   1 
ATOM   1165 C CB  . TYR A 1 147 ? 11.047  -9.515  -3.804  1.00 31.57  ? 147 TYR A CB  1 
ATOM   1166 C CG  . TYR A 1 147 ? 9.944   -10.411 -4.326  1.00 30.85  ? 147 TYR A CG  1 
ATOM   1167 C CD1 . TYR A 1 147 ? 8.917   -9.900  -5.080  1.00 32.30  ? 147 TYR A CD1 1 
ATOM   1168 C CD2 . TYR A 1 147 ? 9.938   -11.766 -4.060  1.00 32.23  ? 147 TYR A CD2 1 
ATOM   1169 C CE1 . TYR A 1 147 ? 7.900   -10.720 -5.551  1.00 31.68  ? 147 TYR A CE1 1 
ATOM   1170 C CE2 . TYR A 1 147 ? 8.936   -12.599 -4.533  1.00 31.79  ? 147 TYR A CE2 1 
ATOM   1171 C CZ  . TYR A 1 147 ? 7.931   -12.077 -5.291  1.00 31.08  ? 147 TYR A CZ  1 
ATOM   1172 O OH  . TYR A 1 147 ? 6.930   -12.891 -5.736  1.00 31.07  ? 147 TYR A OH  1 
ATOM   1173 N N   . ALA A 1 148 ? 8.556   -8.759  -1.654  1.00 30.67  ? 148 ALA A N   1 
ATOM   1174 C CA  . ALA A 1 148 ? 7.780   -9.036  -0.424  1.00 28.57  ? 148 ALA A CA  1 
ATOM   1175 C C   . ALA A 1 148 ? 7.410   -10.504 -0.237  1.00 26.21  ? 148 ALA A C   1 
ATOM   1176 O O   . ALA A 1 148 ? 6.962   -10.892 0.833   1.00 24.38  ? 148 ALA A O   1 
ATOM   1177 C CB  . ALA A 1 148 ? 6.506   -8.211  -0.449  1.00 29.94  ? 148 ALA A CB  1 
ATOM   1178 N N   . LYS A 1 149 ? 7.542   -11.312 -1.291  1.00 29.34  ? 149 LYS A N   1 
ATOM   1179 C CA  . LYS A 1 149 ? 7.000   -12.681 -1.302  1.00 32.39  ? 149 LYS A CA  1 
ATOM   1180 C C   . LYS A 1 149 ? 8.030   -13.801 -1.500  1.00 32.79  ? 149 LYS A C   1 
ATOM   1181 O O   . LYS A 1 149 ? 7.695   -14.859 -2.001  1.00 31.45  ? 149 LYS A O   1 
ATOM   1182 C CB  . LYS A 1 149 ? 5.858   -12.789 -2.304  1.00 31.64  ? 149 LYS A CB  1 
ATOM   1183 C CG  . LYS A 1 149 ? 4.676   -11.885 -1.921  1.00 33.64  ? 149 LYS A CG  1 
ATOM   1184 C CD  . LYS A 1 149 ? 3.456   -12.193 -2.779  1.00 32.60  ? 149 LYS A CD  1 
ATOM   1185 C CE  . LYS A 1 149 ? 3.571   -11.512 -4.106  1.00 36.92  ? 149 LYS A CE  1 
ATOM   1186 N NZ  . LYS A 1 149 ? 2.465   -11.881 -5.022  1.00 40.09  ? 149 LYS A NZ  1 
ATOM   1187 N N   . SER A 1 150 ? 9.257   -13.586 -1.064  1.00 34.37  ? 150 SER A N   1 
ATOM   1188 C CA  . SER A 1 150 ? 10.302  -14.617 -1.242  1.00 37.15  ? 150 SER A CA  1 
ATOM   1189 C C   . SER A 1 150 ? 10.140  -15.832 -0.278  1.00 38.63  ? 150 SER A C   1 
ATOM   1190 O O   . SER A 1 150 ? 10.579  -16.940 -0.584  1.00 40.26  ? 150 SER A O   1 
ATOM   1191 C CB  . SER A 1 150 ? 11.691  -13.983 -1.093  1.00 34.62  ? 150 SER A CB  1 
ATOM   1192 O OG  . SER A 1 150 ? 11.879  -13.623 0.258   1.00 37.32  ? 150 SER A OG  1 
ATOM   1193 N N   . ASN A 1 151 ? 9.496   -15.627 0.868   1.00 38.51  ? 151 ASN A N   1 
ATOM   1194 C CA  . ASN A 1 151 ? 9.419   -16.660 1.883   1.00 39.61  ? 151 ASN A CA  1 
ATOM   1195 C C   . ASN A 1 151 ? 8.075   -16.735 2.647   1.00 38.28  ? 151 ASN A C   1 
ATOM   1196 O O   . ASN A 1 151 ? 8.061   -16.691 3.868   1.00 37.02  ? 151 ASN A O   1 
ATOM   1197 C CB  . ASN A 1 151 ? 10.589  -16.464 2.867   1.00 40.31  ? 151 ASN A CB  1 
ATOM   1198 C CG  . ASN A 1 151 ? 10.821  -17.682 3.737   1.00 39.38  ? 151 ASN A CG  1 
ATOM   1199 O OD1 . ASN A 1 151 ? 10.523  -18.802 3.320   1.00 36.86  ? 151 ASN A OD1 1 
ATOM   1200 N ND2 . ASN A 1 151 ? 11.300  -17.465 4.962   1.00 38.24  ? 151 ASN A ND2 1 
ATOM   1201 N N   . CYS A 1 152 ? 6.957   -16.893 1.937   1.00 37.12  ? 152 CYS A N   1 
ATOM   1202 C CA  . CYS A 1 152 ? 5.645   -16.838 2.611   1.00 38.56  ? 152 CYS A CA  1 
ATOM   1203 C C   . CYS A 1 152 ? 5.174   -18.229 2.996   1.00 35.18  ? 152 CYS A C   1 
ATOM   1204 O O   . CYS A 1 152 ? 5.498   -19.184 2.310   1.00 35.24  ? 152 CYS A O   1 
ATOM   1205 C CB  . CYS A 1 152 ? 4.624   -16.150 1.729   1.00 42.23  ? 152 CYS A CB  1 
ATOM   1206 S SG  . CYS A 1 152 ? 5.136   -14.460 1.304   1.00 40.58  ? 152 CYS A SG  1 
ATOM   1207 N N   . PRO A 1 153 ? 4.443   -18.353 4.110   1.00 33.62  ? 153 PRO A N   1 
ATOM   1208 C CA  . PRO A 1 153 ? 3.952   -19.672 4.495   1.00 35.27  ? 153 PRO A CA  1 
ATOM   1209 C C   . PRO A 1 153 ? 3.079   -20.301 3.452   1.00 35.87  ? 153 PRO A C   1 
ATOM   1210 O O   . PRO A 1 153 ? 2.482   -19.590 2.607   1.00 37.07  ? 153 PRO A O   1 
ATOM   1211 C CB  . PRO A 1 153 ? 3.122   -19.387 5.729   1.00 34.91  ? 153 PRO A CB  1 
ATOM   1212 C CG  . PRO A 1 153 ? 3.764   -18.184 6.338   1.00 35.71  ? 153 PRO A CG  1 
ATOM   1213 C CD  . PRO A 1 153 ? 4.127   -17.345 5.140   1.00 37.33  ? 153 PRO A CD  1 
ATOM   1214 N N   . GLU A 1 154 ? 2.982   -21.618 3.526   1.00 38.71  ? 154 GLU A N   1 
ATOM   1215 C CA  A GLU A 1 154 ? 2.133   -22.328 2.567   0.50 41.75  ? 154 GLU A CA  1 
ATOM   1216 C CA  B GLU A 1 154 ? 2.141   -22.406 2.637   0.50 42.54  ? 154 GLU A CA  1 
ATOM   1217 C C   . GLU A 1 154 ? 0.666   -22.086 2.892   1.00 38.37  ? 154 GLU A C   1 
ATOM   1218 O O   . GLU A 1 154 ? 0.299   -21.768 4.040   1.00 34.63  ? 154 GLU A O   1 
ATOM   1219 C CB  A GLU A 1 154 ? 2.450   -23.832 2.457   0.50 45.43  ? 154 GLU A CB  1 
ATOM   1220 C CB  B GLU A 1 154 ? 2.415   -23.907 2.867   0.50 46.65  ? 154 GLU A CB  1 
ATOM   1221 C CG  A GLU A 1 154 ? 3.229   -24.166 1.184   0.50 45.51  ? 154 GLU A CG  1 
ATOM   1222 C CG  B GLU A 1 154 ? 3.887   -24.297 2.674   0.50 49.59  ? 154 GLU A CG  1 
ATOM   1223 C CD  A GLU A 1 154 ? 2.850   -23.259 0.032   0.50 47.81  ? 154 GLU A CD  1 
ATOM   1224 C CD  B GLU A 1 154 ? 4.072   -25.705 2.148   0.50 50.04  ? 154 GLU A CD  1 
ATOM   1225 O OE1 A GLU A 1 154 ? 1.639   -23.010 -0.169  0.50 48.91  ? 154 GLU A OE1 1 
ATOM   1226 O OE1 B GLU A 1 154 ? 3.676   -26.662 2.849   0.50 52.21  ? 154 GLU A OE1 1 
ATOM   1227 O OE2 A GLU A 1 154 ? 3.768   -22.782 -0.663  0.50 46.12  ? 154 GLU A OE2 1 
ATOM   1228 O OE2 B GLU A 1 154 ? 4.622   -25.846 1.037   0.50 49.60  ? 154 GLU A OE2 1 
ATOM   1229 N N   . THR A 1 155 ? -0.152  -22.201 1.847   1.00 37.94  ? 155 THR A N   1 
ATOM   1230 C CA  . THR A 1 155 ? -1.586  -22.014 1.975   1.00 41.84  ? 155 THR A CA  1 
ATOM   1231 C C   . THR A 1 155 ? -2.259  -23.273 2.526   1.00 40.53  ? 155 THR A C   1 
ATOM   1232 O O   . THR A 1 155 ? -1.681  -24.350 2.517   1.00 36.48  ? 155 THR A O   1 
ATOM   1233 C CB  . THR A 1 155 ? -2.240  -21.657 0.634   1.00 46.30  ? 155 THR A CB  1 
ATOM   1234 O OG1 . THR A 1 155 ? -2.334  -22.827 -0.180  1.00 46.69  ? 155 THR A OG1 1 
ATOM   1235 C CG2 . THR A 1 155 ? -1.435  -20.576 -0.090  1.00 51.08  ? 155 THR A CG2 1 
ATOM   1236 N N   . HIS A 1 156 ? -3.489  -23.110 2.992   1.00 34.34  ? 156 HIS A N   1 
ATOM   1237 C CA  . HIS A 1 156 ? -4.328  -24.219 3.412   1.00 33.72  ? 156 HIS A CA  1 
ATOM   1238 C C   . HIS A 1 156 ? -5.684  -24.056 2.757   1.00 32.72  ? 156 HIS A C   1 
ATOM   1239 O O   . HIS A 1 156 ? -6.752  -24.065 3.448   1.00 33.53  ? 156 HIS A O   1 
ATOM   1240 C CB  . HIS A 1 156 ? -4.476  -24.227 4.924   1.00 35.27  ? 156 HIS A CB  1 
ATOM   1241 C CG  . HIS A 1 156 ? -3.261  -24.691 5.653   1.00 40.11  ? 156 HIS A CG  1 
ATOM   1242 N ND1 . HIS A 1 156 ? -2.181  -23.873 5.898   1.00 46.95  ? 156 HIS A ND1 1 
ATOM   1243 C CD2 . HIS A 1 156 ? -2.978  -25.876 6.243   1.00 47.48  ? 156 HIS A CD2 1 
ATOM   1244 C CE1 . HIS A 1 156 ? -1.276  -24.540 6.590   1.00 49.90  ? 156 HIS A CE1 1 
ATOM   1245 N NE2 . HIS A 1 156 ? -1.728  -25.763 6.801   1.00 51.09  ? 156 HIS A NE2 1 
ATOM   1246 N N   . GLY A 1 157 ? -5.639  -23.889 1.436   1.00 30.46  ? 157 GLY A N   1 
ATOM   1247 C CA  . GLY A 1 157 ? -6.840  -23.878 0.598   1.00 34.22  ? 157 GLY A CA  1 
ATOM   1248 C C   . GLY A 1 157 ? -7.474  -22.515 0.300   1.00 34.16  ? 157 GLY A C   1 
ATOM   1249 O O   . GLY A 1 157 ? -8.433  -22.456 -0.449  1.00 33.71  ? 157 GLY A O   1 
ATOM   1250 N N   . CYS A 1 158 ? -6.966  -21.426 0.874   1.00 32.73  ? 158 CYS A N   1 
ATOM   1251 C CA  . CYS A 1 158 ? -7.323  -20.073 0.397   1.00 31.11  ? 158 CYS A CA  1 
ATOM   1252 C C   . CYS A 1 158 ? -6.224  -19.509 -0.517  1.00 31.49  ? 158 CYS A C   1 
ATOM   1253 O O   . CYS A 1 158 ? -5.212  -20.186 -0.816  1.00 29.80  ? 158 CYS A O   1 
ATOM   1254 C CB  . CYS A 1 158 ? -7.571  -19.153 1.576   1.00 31.07  ? 158 CYS A CB  1 
ATOM   1255 S SG  . CYS A 1 158 ? -8.815  -19.877 2.662   1.00 31.24  ? 158 CYS A SG  1 
ATOM   1256 N N   . PHE A 1 159 ? -6.434  -18.288 -0.984  1.00 29.96  ? 159 PHE A N   1 
ATOM   1257 C CA  . PHE A 1 159 ? -5.538  -17.688 -1.977  1.00 31.10  ? 159 PHE A CA  1 
ATOM   1258 C C   . PHE A 1 159 ? -4.890  -16.354 -1.632  1.00 28.43  ? 159 PHE A C   1 
ATOM   1259 O O   . PHE A 1 159 ? -3.818  -16.060 -2.122  1.00 29.62  ? 159 PHE A O   1 
ATOM   1260 C CB  . PHE A 1 159 ? -6.269  -17.626 -3.330  1.00 32.83  ? 159 PHE A CB  1 
ATOM   1261 C CG  . PHE A 1 159 ? -6.527  -18.996 -3.901  1.00 35.72  ? 159 PHE A CG  1 
ATOM   1262 C CD1 . PHE A 1 159 ? -7.643  -19.740 -3.487  1.00 36.90  ? 159 PHE A CD1 1 
ATOM   1263 C CD2 . PHE A 1 159 ? -5.584  -19.606 -4.748  1.00 35.68  ? 159 PHE A CD2 1 
ATOM   1264 C CE1 . PHE A 1 159 ? -7.833  -21.031 -3.958  1.00 40.93  ? 159 PHE A CE1 1 
ATOM   1265 C CE2 . PHE A 1 159 ? -5.778  -20.896 -5.225  1.00 37.04  ? 159 PHE A CE2 1 
ATOM   1266 C CZ  . PHE A 1 159 ? -6.896  -21.612 -4.822  1.00 39.30  ? 159 PHE A CZ  1 
ATOM   1267 N N   . ALA A 1 160 ? -5.548  -15.541 -0.823  1.00 28.81  ? 160 ALA A N   1 
ATOM   1268 C CA  . ALA A 1 160 ? -4.995  -14.265 -0.350  1.00 26.84  ? 160 ALA A CA  1 
ATOM   1269 C C   . ALA A 1 160 ? -4.804  -14.265 1.156   1.00 27.37  ? 160 ALA A C   1 
ATOM   1270 O O   . ALA A 1 160 ? -4.570  -13.184 1.736   1.00 26.81  ? 160 ALA A O   1 
ATOM   1271 C CB  . ALA A 1 160 ? -5.952  -13.148 -0.720  1.00 28.25  ? 160 ALA A CB  1 
ATOM   1272 N N   . PHE A 1 161 ? -4.954  -15.443 1.788   1.00 25.63  ? 161 PHE A N   1 
ATOM   1273 C CA  . PHE A 1 161 ? -4.862  -15.603 3.242   1.00 26.70  ? 161 PHE A CA  1 
ATOM   1274 C C   . PHE A 1 161 ? -4.164  -16.940 3.541   1.00 27.64  ? 161 PHE A C   1 
ATOM   1275 O O   . PHE A 1 161 ? -4.175  -17.861 2.715   1.00 30.68  ? 161 PHE A O   1 
ATOM   1276 C CB  . PHE A 1 161 ? -6.247  -15.441 3.941   1.00 25.92  ? 161 PHE A CB  1 
ATOM   1277 C CG  . PHE A 1 161 ? -6.964  -14.153 3.573   1.00 25.01  ? 161 PHE A CG  1 
ATOM   1278 C CD1 . PHE A 1 161 ? -6.620  -12.949 4.175   1.00 24.43  ? 161 PHE A CD1 1 
ATOM   1279 C CD2 . PHE A 1 161 ? -7.879  -14.127 2.540   1.00 24.84  ? 161 PHE A CD2 1 
ATOM   1280 C CE1 . PHE A 1 161 ? -7.235  -11.764 3.792   1.00 26.48  ? 161 PHE A CE1 1 
ATOM   1281 C CE2 . PHE A 1 161 ? -8.501  -12.956 2.153   1.00 24.40  ? 161 PHE A CE2 1 
ATOM   1282 C CZ  . PHE A 1 161 ? -8.176  -11.762 2.771   1.00 25.10  ? 161 PHE A CZ  1 
ATOM   1283 N N   . TYR A 1 162 ? -3.507  -17.002 4.700   1.00 28.08  ? 162 TYR A N   1 
ATOM   1284 C CA  . TYR A 1 162 ? -2.757  -18.187 5.137   1.00 27.90  ? 162 TYR A CA  1 
ATOM   1285 C C   . TYR A 1 162 ? -2.665  -18.277 6.656   1.00 29.42  ? 162 TYR A C   1 
ATOM   1286 O O   . TYR A 1 162 ? -3.055  -17.368 7.441   1.00 30.41  ? 162 TYR A O   1 
ATOM   1287 C CB  . TYR A 1 162 ? -1.350  -18.229 4.521   1.00 27.86  ? 162 TYR A CB  1 
ATOM   1288 C CG  . TYR A 1 162 ? -0.480  -17.030 4.862   1.00 27.29  ? 162 TYR A CG  1 
ATOM   1289 C CD1 . TYR A 1 162 ? 0.227   -16.992 6.074   1.00 24.74  ? 162 TYR A CD1 1 
ATOM   1290 C CD2 . TYR A 1 162 ? -0.328  -15.946 3.958   1.00 25.53  ? 162 TYR A CD2 1 
ATOM   1291 C CE1 . TYR A 1 162 ? 1.001   -15.905 6.416   1.00 25.09  ? 162 TYR A CE1 1 
ATOM   1292 C CE2 . TYR A 1 162 ? 0.468   -14.840 4.294   1.00 25.61  ? 162 TYR A CE2 1 
ATOM   1293 C CZ  . TYR A 1 162 ? 1.128   -14.831 5.531   1.00 25.76  ? 162 TYR A CZ  1 
ATOM   1294 O OH  . TYR A 1 162 ? 1.906   -13.777 5.952   1.00 26.29  ? 162 TYR A OH  1 
ATOM   1295 O OXT . TYR A 1 162 ? -2.186  -19.325 7.081   1.00 27.73  ? 162 TYR A OXT 1 
HETATM 1296 C C1  . NAG B 2 .   ? 4.204   -14.800 -9.417  1.00 58.45  ? 1   NAG B C1  1 
HETATM 1297 C C2  . NAG B 2 .   ? 3.984   -16.274 -9.842  1.00 68.53  ? 1   NAG B C2  1 
HETATM 1298 C C3  . NAG B 2 .   ? 5.015   -17.238 -9.235  1.00 74.62  ? 1   NAG B C3  1 
HETATM 1299 C C4  . NAG B 2 .   ? 6.388   -16.741 -9.670  1.00 75.34  ? 1   NAG B C4  1 
HETATM 1300 C C5  . NAG B 2 .   ? 6.601   -15.233 -9.398  1.00 74.67  ? 1   NAG B C5  1 
HETATM 1301 C C6  . NAG B 2 .   ? 7.926   -14.880 -10.081 1.00 75.91  ? 1   NAG B C6  1 
HETATM 1302 C C7  . NAG B 2 .   ? 1.674   -16.933 -10.393 1.00 72.30  ? 1   NAG B C7  1 
HETATM 1303 C C8  . NAG B 2 .   ? 0.344   -17.325 -9.808  1.00 71.40  ? 1   NAG B C8  1 
HETATM 1304 N N2  . NAG B 2 .   ? 2.631   -16.686 -9.488  1.00 70.64  ? 1   NAG B N2  1 
HETATM 1305 O O3  . NAG B 2 .   ? 4.839   -18.625 -9.643  1.00 78.67  ? 1   NAG B O3  1 
HETATM 1306 O O4  . NAG B 2 .   ? 7.429   -17.501 -9.023  1.00 79.42  ? 1   NAG B O4  1 
HETATM 1307 O O5  . NAG B 2 .   ? 5.510   -14.356 -9.801  1.00 62.22  ? 1   NAG B O5  1 
HETATM 1308 O O6  . NAG B 2 .   ? 7.908   -13.601 -10.741 1.00 82.43  ? 1   NAG B O6  1 
HETATM 1309 O O7  . NAG B 2 .   ? 1.849   -16.845 -11.605 1.00 69.14  ? 1   NAG B O7  1 
HETATM 1310 C C1  . FUC B 2 .   ? 8.825   -12.679 -10.104 1.00 93.89  ? 2   FUC B C1  1 
HETATM 1311 C C2  . FUC B 2 .   ? 10.296  -13.036 -10.372 1.00 96.44  ? 2   FUC B C2  1 
HETATM 1312 C C3  . FUC B 2 .   ? 11.150  -12.370 -9.307  1.00 93.71  ? 2   FUC B C3  1 
HETATM 1313 C C4  . FUC B 2 .   ? 10.670  -10.951 -8.934  1.00 90.77  ? 2   FUC B C4  1 
HETATM 1314 C C5  . FUC B 2 .   ? 9.455   -10.370 -9.742  1.00 91.61  ? 2   FUC B C5  1 
HETATM 1315 C C6  . FUC B 2 .   ? 8.471   -9.556  -8.898  1.00 91.26  ? 2   FUC B C6  1 
HETATM 1316 O O2  . FUC B 2 .   ? 10.728  -12.598 -11.666 1.00 110.26 ? 2   FUC B O2  1 
HETATM 1317 O O3  . FUC B 2 .   ? 11.144  -13.229 -8.151  1.00 84.39  ? 2   FUC B O3  1 
HETATM 1318 O O4  . FUC B 2 .   ? 10.443  -10.987 -7.523  1.00 78.54  ? 2   FUC B O4  1 
HETATM 1319 O O5  . FUC B 2 .   ? 8.652   -11.311 -10.490 1.00 90.41  ? 2   FUC B O5  1 
HETATM 1320 C C   . CYN C 3 .   ? -3.859  4.570   1.896   1.00 47.72  ? 201 CYN A C   1 
HETATM 1321 N N   . CYN C 3 .   ? -4.246  4.109   0.688   1.00 49.16  ? 201 CYN A N   1 
HETATM 1322 C C1  . NAG D 4 .   ? 11.341  12.892  10.788  1.00 81.24  ? 204 NAG A C1  1 
HETATM 1323 C C2  . NAG D 4 .   ? 10.339  13.482  11.831  1.00 95.42  ? 204 NAG A C2  1 
HETATM 1324 C C3  . NAG D 4 .   ? 10.967  13.509  13.258  1.00 93.94  ? 204 NAG A C3  1 
HETATM 1325 C C4  . NAG D 4 .   ? 11.690  12.226  13.706  1.00 86.61  ? 204 NAG A C4  1 
HETATM 1326 C C5  . NAG D 4 .   ? 12.115  11.329  12.543  1.00 80.84  ? 204 NAG A C5  1 
HETATM 1327 C C6  . NAG D 4 .   ? 11.092  10.242  12.177  1.00 84.11  ? 204 NAG A C6  1 
HETATM 1328 C C7  . NAG D 4 .   ? 8.770   15.459  11.952  1.00 105.04 ? 204 NAG A C7  1 
HETATM 1329 C C8  . NAG D 4 .   ? 8.476   16.855  11.461  1.00 94.09  ? 204 NAG A C8  1 
HETATM 1330 N N2  . NAG D 4 .   ? 9.876   14.844  11.466  1.00 107.96 ? 204 NAG A N2  1 
HETATM 1331 O O3  . NAG D 4 .   ? 9.989   13.793  14.270  1.00 97.25  ? 204 NAG A O3  1 
HETATM 1332 O O4  . NAG D 4 .   ? 12.866  12.595  14.442  1.00 82.94  ? 204 NAG A O4  1 
HETATM 1333 O O5  . NAG D 4 .   ? 12.427  12.183  11.435  1.00 71.04  ? 204 NAG A O5  1 
HETATM 1334 O O6  . NAG D 4 .   ? 10.764  9.470   13.331  1.00 87.18  ? 204 NAG A O6  1 
HETATM 1335 O O7  . NAG D 4 .   ? 8.020   14.929  12.756  1.00 112.54 ? 204 NAG A O7  1 
HETATM 1336 O O   . HOH E 5 .   ? 6.738   0.608   8.222   1.00 40.55  ? 301 HOH A O   1 
HETATM 1337 O O   . HOH E 5 .   ? 0.651   -8.551  -5.896  1.00 26.39  ? 302 HOH A O   1 
HETATM 1338 O O   . HOH E 5 .   ? -3.127  8.268   -9.764  1.00 30.03  ? 303 HOH A O   1 
HETATM 1339 O O   . HOH E 5 .   ? 7.484   -4.740  11.907  1.00 53.83  ? 304 HOH A O   1 
HETATM 1340 O O   . HOH E 5 .   ? -5.736  15.182  -6.813  1.00 33.35  ? 305 HOH A O   1 
HETATM 1341 O O   . HOH E 5 .   ? -1.753  -21.405 5.649   1.00 39.89  ? 306 HOH A O   1 
HETATM 1342 O O   . HOH E 5 .   ? -6.631  9.090   16.859  1.00 39.05  ? 307 HOH A O   1 
HETATM 1343 O O   . HOH E 5 .   ? 10.032  12.767  -9.343  1.00 39.00  ? 308 HOH A O   1 
HETATM 1344 O O   . HOH E 5 .   ? 5.853   -8.970  10.649  1.00 44.99  ? 309 HOH A O   1 
HETATM 1345 O O   . HOH E 5 .   ? 8.971   -11.921 -13.397 1.00 53.72  ? 310 HOH A O   1 
HETATM 1346 O O   . HOH E 5 .   ? 5.310   -11.825 -7.418  1.00 37.72  ? 311 HOH A O   1 
HETATM 1347 O O   . HOH E 5 .   ? -14.780 1.351   -8.887  1.00 29.74  ? 312 HOH A O   1 
HETATM 1348 O O   . HOH E 5 .   ? 4.201   15.273  3.898   1.00 42.66  ? 313 HOH A O   1 
HETATM 1349 O O   . HOH E 5 .   ? -9.207  3.307   -12.552 1.00 45.89  ? 314 HOH A O   1 
HETATM 1350 O O   . HOH E 5 .   ? -1.208  -4.458  -15.533 1.00 46.66  ? 315 HOH A O   1 
HETATM 1351 O O   . HOH E 5 .   ? 18.549  7.204   5.685   1.00 33.08  ? 316 HOH A O   1 
HETATM 1352 O O   . HOH E 5 .   ? 1.519   19.925  1.651   1.00 41.11  ? 317 HOH A O   1 
HETATM 1353 O O   . HOH E 5 .   ? -9.670  2.559   16.922  1.00 26.37  ? 318 HOH A O   1 
HETATM 1354 O O   . HOH E 5 .   ? 0.879   16.751  1.662   1.00 30.88  ? 319 HOH A O   1 
HETATM 1355 O O   . HOH E 5 .   ? -1.025  -12.754 -6.064  1.00 44.59  ? 320 HOH A O   1 
HETATM 1356 O O   . HOH E 5 .   ? 1.686   -12.970 11.158  1.00 36.43  ? 321 HOH A O   1 
HETATM 1357 O O   . HOH E 5 .   ? 0.029   10.895  -3.883  1.00 23.19  ? 322 HOH A O   1 
HETATM 1358 O O   . HOH E 5 .   ? 8.182   -10.995 7.250   1.00 31.65  ? 323 HOH A O   1 
HETATM 1359 O O   . HOH E 5 .   ? 0.820   -0.765  -17.456 1.00 40.30  ? 324 HOH A O   1 
HETATM 1360 O O   . HOH E 5 .   ? 17.113  -4.164  -2.013  1.00 44.36  ? 325 HOH A O   1 
HETATM 1361 O O   . HOH E 5 .   ? 10.369  -11.272 0.972   1.00 43.25  ? 326 HOH A O   1 
HETATM 1362 O O   . HOH E 5 .   ? -0.945  7.925   19.123  1.00 57.32  ? 327 HOH A O   1 
HETATM 1363 O O   . HOH E 5 .   ? -1.830  -12.408 4.731   1.00 28.21  ? 328 HOH A O   1 
HETATM 1364 O O   . HOH E 5 .   ? 6.906   15.666  -5.292  1.00 42.75  ? 329 HOH A O   1 
HETATM 1365 O O   . HOH E 5 .   ? -4.723  -1.753  13.975  1.00 26.82  ? 330 HOH A O   1 
HETATM 1366 O O   . HOH E 5 .   ? 6.040   -10.976 -10.155 1.00 56.64  ? 331 HOH A O   1 
HETATM 1367 O O   . HOH E 5 .   ? -0.376  -8.970  16.056  1.00 42.59  ? 332 HOH A O   1 
HETATM 1368 O O   . HOH E 5 .   ? -14.246 5.441   9.737   1.00 23.09  ? 333 HOH A O   1 
HETATM 1369 O O   . HOH E 5 .   ? 14.049  -3.818  5.561   1.00 33.43  ? 334 HOH A O   1 
HETATM 1370 O O   . HOH E 5 .   ? 8.763   14.015  5.190   1.00 38.00  ? 335 HOH A O   1 
HETATM 1371 O O   . HOH E 5 .   ? 6.995   -17.169 -0.886  1.00 42.59  ? 336 HOH A O   1 
HETATM 1372 O O   . HOH E 5 .   ? -1.651  -14.376 0.374   1.00 33.38  ? 337 HOH A O   1 
HETATM 1373 O O   . HOH E 5 .   ? 9.523   14.421  2.402   1.00 35.22  ? 338 HOH A O   1 
HETATM 1374 O O   . HOH E 5 .   ? -1.697  -17.684 9.715   1.00 53.50  ? 339 HOH A O   1 
HETATM 1375 O O   . HOH E 5 .   ? 7.199   12.969  -1.999  1.00 32.05  ? 340 HOH A O   1 
HETATM 1376 O O   . HOH E 5 .   ? 6.383   -4.883  -12.925 1.00 46.37  ? 341 HOH A O   1 
HETATM 1377 O O   . HOH E 5 .   ? 12.499  2.938   -13.417 1.00 40.49  ? 342 HOH A O   1 
HETATM 1378 O O   . HOH E 5 .   ? -5.351  12.647  -4.556  1.00 42.27  ? 343 HOH A O   1 
HETATM 1379 O O   . HOH E 5 .   ? -11.674 7.788   11.689  1.00 29.47  ? 344 HOH A O   1 
HETATM 1380 O O   . HOH E 5 .   ? 0.598   -15.068 -3.167  1.00 50.22  ? 345 HOH A O   1 
HETATM 1381 O O   . HOH E 5 .   ? 5.312   7.662   -11.060 1.00 45.46  ? 346 HOH A O   1 
HETATM 1382 O O   . HOH E 5 .   ? -0.932  -12.530 2.079   1.00 25.11  ? 347 HOH A O   1 
HETATM 1383 O O   . HOH E 5 .   ? 5.291   10.543  3.441   1.00 42.72  ? 348 HOH A O   1 
HETATM 1384 O O   . HOH E 5 .   ? 2.471   9.437   -11.105 1.00 46.66  ? 349 HOH A O   1 
HETATM 1385 O O   . HOH E 5 .   ? -14.536 -3.858  1.449   1.00 25.72  ? 350 HOH A O   1 
HETATM 1386 O O   . HOH E 5 .   ? 11.417  -5.802  12.408  1.00 41.66  ? 351 HOH A O   1 
HETATM 1387 O O   . HOH E 5 .   ? -15.364 -1.878  -10.584 1.00 44.29  ? 352 HOH A O   1 
HETATM 1388 O O   . HOH E 5 .   ? 16.116  7.807   -10.133 1.00 50.51  ? 353 HOH A O   1 
HETATM 1389 O O   . HOH E 5 .   ? 20.963  8.869   3.463   1.00 32.49  ? 354 HOH A O   1 
HETATM 1390 O O   . HOH E 5 .   ? -18.261 -0.476  -8.048  1.00 43.06  ? 355 HOH A O   1 
HETATM 1391 O O   . HOH E 5 .   ? -2.241  -3.009  -13.147 1.00 30.28  ? 356 HOH A O   1 
HETATM 1392 O O   . HOH E 5 .   ? 2.648   1.525   7.198   1.00 36.00  ? 357 HOH A O   1 
HETATM 1393 O O   . HOH E 5 .   ? 21.141  1.067   6.781   1.00 30.58  ? 358 HOH A O   1 
HETATM 1394 O O   . HOH E 5 .   ? 7.235   -3.436  4.819   1.00 27.83  ? 359 HOH A O   1 
HETATM 1395 O O   . HOH E 5 .   ? 1.699   -5.120  -10.977 1.00 28.32  ? 360 HOH A O   1 
HETATM 1396 O O   . HOH E 5 .   ? 9.939   -12.869 4.377   1.00 27.78  ? 361 HOH A O   1 
HETATM 1397 O O   . HOH E 5 .   ? 13.555  -15.090 1.884   1.00 44.34  ? 362 HOH A O   1 
HETATM 1398 O O   . HOH E 5 .   ? 18.883  1.165   -4.043  1.00 37.82  ? 363 HOH A O   1 
HETATM 1399 O O   . HOH E 5 .   ? -16.864 9.270   3.296   1.00 28.19  ? 364 HOH A O   1 
HETATM 1400 O O   . HOH E 5 .   ? -14.367 1.133   7.759   1.00 28.57  ? 365 HOH A O   1 
HETATM 1401 O O   . HOH E 5 .   ? -1.636  11.943  -10.810 1.00 33.84  ? 366 HOH A O   1 
HETATM 1402 O O   . HOH E 5 .   ? -3.385  11.013  10.014  1.00 47.00  ? 367 HOH A O   1 
HETATM 1403 O O   . HOH E 5 .   ? -5.465  4.286   -11.555 1.00 26.02  ? 368 HOH A O   1 
HETATM 1404 O O   . HOH E 5 .   ? 4.319   -14.221 7.291   1.00 30.79  ? 369 HOH A O   1 
HETATM 1405 O O   . HOH E 5 .   ? 7.728   -7.364  11.277  1.00 51.13  ? 370 HOH A O   1 
HETATM 1406 O O   . HOH E 5 .   ? 15.317  12.933  7.167   1.00 55.48  ? 371 HOH A O   1 
HETATM 1407 O O   . HOH E 5 .   ? 5.989   3.701   -12.967 1.00 37.81  ? 372 HOH A O   1 
HETATM 1408 O O   . HOH E 5 .   ? 16.671  17.083  -2.428  1.00 48.48  ? 373 HOH A O   1 
HETATM 1409 O O   . HOH E 5 .   ? -5.703  -16.485 7.765   1.00 39.16  ? 374 HOH A O   1 
HETATM 1410 O O   . HOH E 5 .   ? -8.413  -16.337 -0.495  1.00 22.79  ? 375 HOH A O   1 
HETATM 1411 O O   . HOH E 5 .   ? 20.402  4.863   0.149   1.00 35.12  ? 376 HOH A O   1 
HETATM 1412 O O   . HOH E 5 .   ? 19.570  10.992  -3.319  1.00 54.75  ? 377 HOH A O   1 
HETATM 1413 O O   . HOH E 5 .   ? -7.665  -9.847  -6.436  1.00 22.28  ? 378 HOH A O   1 
HETATM 1414 O O   . HOH E 5 .   ? 0.031   16.579  4.466   1.00 30.72  ? 379 HOH A O   1 
HETATM 1415 O O   . HOH E 5 .   ? -1.272  -10.226 -6.997  1.00 29.65  ? 380 HOH A O   1 
HETATM 1416 O O   . HOH E 5 .   ? 1.126   10.170  15.652  1.00 33.75  ? 381 HOH A O   1 
HETATM 1417 O O   . HOH E 5 .   ? 0.963   16.264  -6.654  1.00 52.43  ? 382 HOH A O   1 
HETATM 1418 O O   . HOH E 5 .   ? 5.071   2.994   7.974   1.00 38.06  ? 383 HOH A O   1 
HETATM 1419 O O   . HOH E 5 .   ? -8.555  -5.175  -10.401 1.00 39.00  ? 384 HOH A O   1 
HETATM 1420 O O   . HOH E 5 .   ? -3.553  -14.321 6.022   1.00 27.83  ? 385 HOH A O   1 
HETATM 1421 O O   . HOH E 5 .   ? 2.678   -9.906  0.053   1.00 27.14  ? 386 HOH A O   1 
HETATM 1422 O O   . HOH E 5 .   ? -4.956  16.527  -2.319  1.00 26.35  ? 387 HOH A O   1 
HETATM 1423 O O   . HOH E 5 .   ? -2.444  -13.435 15.524  1.00 47.41  ? 388 HOH A O   1 
HETATM 1424 O O   . HOH E 5 .   ? -1.286  -6.791  14.373  1.00 42.51  ? 389 HOH A O   1 
HETATM 1425 O O   . HOH E 5 .   ? 9.978   5.810   -14.440 1.00 48.75  ? 390 HOH A O   1 
HETATM 1426 O O   . HOH E 5 .   ? 4.201   10.381  8.479   1.00 28.80  ? 391 HOH A O   1 
HETATM 1427 O O   . HOH E 5 .   ? 8.699   -12.906 2.086   1.00 33.59  ? 392 HOH A O   1 
HETATM 1428 O O   . HOH E 5 .   ? 12.608  2.716   7.807   1.00 37.24  ? 393 HOH A O   1 
HETATM 1429 O O   . HOH E 5 .   ? 20.080  7.148   -2.704  1.00 42.01  ? 394 HOH A O   1 
HETATM 1430 O O   . HOH E 5 .   ? 0.216   -15.462 11.462  1.00 44.09  ? 395 HOH A O   1 
HETATM 1431 O O   . HOH E 5 .   ? 2.008   0.852   10.470  1.00 45.51  ? 396 HOH A O   1 
HETATM 1432 O O   . HOH E 5 .   ? 15.192  1.366   6.958   1.00 43.01  ? 397 HOH A O   1 
HETATM 1433 O O   . HOH E 5 .   ? 1.030   -17.361 1.197   1.00 52.64  ? 398 HOH A O   1 
HETATM 1434 O O   . HOH E 5 .   ? 8.120   7.109   -10.416 1.00 34.27  ? 399 HOH A O   1 
HETATM 1435 O O   . HOH E 5 .   ? -9.639  -4.961  -12.939 1.00 53.58  ? 400 HOH A O   1 
HETATM 1436 O O   . HOH E 5 .   ? -15.103 2.788   9.628   1.00 26.10  ? 401 HOH A O   1 
HETATM 1437 O O   . HOH E 5 .   ? -7.257  9.433   9.495   1.00 40.86  ? 402 HOH A O   1 
HETATM 1438 O O   . HOH E 5 .   ? 8.575   17.894  -5.034  1.00 49.64  ? 403 HOH A O   1 
HETATM 1439 O O   . HOH E 5 .   ? -19.260 4.414   1.165   1.00 42.50  ? 404 HOH A O   1 
HETATM 1440 O O   . HOH E 5 .   ? -0.542  5.186   -14.330 1.00 49.76  ? 405 HOH A O   1 
HETATM 1441 O O   . HOH E 5 .   ? -7.226  -1.569  -19.449 1.00 48.98  ? 406 HOH A O   1 
HETATM 1442 O O   . HOH E 5 .   ? 17.932  -1.815  -3.448  1.00 47.66  ? 407 HOH A O   1 
HETATM 1443 O O   . HOH E 5 .   ? 19.307  9.465   -7.022  1.00 45.16  ? 408 HOH A O   1 
HETATM 1444 O O   . HOH E 5 .   ? -0.577  -12.567 -13.127 1.00 45.13  ? 409 HOH A O   1 
HETATM 1445 O O   . HOH E 5 .   ? -18.116 -2.562  -2.476  1.00 30.18  ? 410 HOH A O   1 
HETATM 1446 O O   . HOH E 5 .   ? 14.435  -8.336  -3.783  1.00 37.42  ? 411 HOH A O   1 
HETATM 1447 O O   . HOH E 5 .   ? -0.649  7.578   -11.458 1.00 31.47  ? 412 HOH A O   1 
HETATM 1448 O O   . HOH E 5 .   ? -2.121  -1.402  -17.868 1.00 45.39  ? 413 HOH A O   1 
HETATM 1449 O O   . HOH E 5 .   ? 3.501   14.189  -9.299  1.00 48.23  ? 414 HOH A O   1 
HETATM 1450 O O   . HOH E 5 .   ? -6.655  5.026   -1.101  1.00 34.77  ? 415 HOH A O   1 
HETATM 1451 O O   . HOH E 5 .   ? -0.030  -6.767  9.458   1.00 38.92  ? 416 HOH A O   1 
HETATM 1452 O O   . HOH E 5 .   ? 2.879   22.687  -3.416  1.00 47.63  ? 417 HOH A O   1 
HETATM 1453 O O   . HOH E 5 .   ? -22.372 8.670   12.127  1.00 46.08  ? 418 HOH A O   1 
HETATM 1454 O O   . HOH E 5 .   ? -5.733  -27.174 3.071   1.00 45.72  ? 419 HOH A O   1 
HETATM 1455 O O   . HOH E 5 .   ? -4.248  -2.445  20.255  1.00 53.32  ? 420 HOH A O   1 
HETATM 1456 O O   . HOH E 5 .   ? 8.489   5.050   -12.430 1.00 41.35  ? 421 HOH A O   1 
HETATM 1457 O O   . HOH E 5 .   ? 7.056   13.881  0.473   1.00 46.11  ? 422 HOH A O   1 
HETATM 1458 O O   . HOH E 5 .   ? 1.464   -12.383 0.318   1.00 30.34  ? 423 HOH A O   1 
HETATM 1459 O O   . HOH E 5 .   ? -7.246  13.275  -6.275  1.00 40.54  ? 424 HOH A O   1 
HETATM 1460 O O   . HOH E 5 .   ? 1.374   14.981  -10.138 1.00 53.14  ? 425 HOH A O   1 
HETATM 1461 O O   . HOH E 5 .   ? 16.856  8.781   7.419   1.00 34.22  ? 426 HOH A O   1 
HETATM 1462 O O   . HOH E 5 .   ? 1.918   -14.960 -0.457  1.00 43.81  ? 427 HOH A O   1 
HETATM 1463 O O   . HOH E 5 .   ? 6.440   -12.955 6.416   1.00 39.95  ? 428 HOH A O   1 
HETATM 1464 O O   . HOH E 5 .   ? -1.002  18.608  5.886   1.00 50.32  ? 429 HOH A O   1 
HETATM 1465 O O   . HOH E 5 .   ? 0.927   -7.259  11.528  1.00 41.95  ? 430 HOH A O   1 
HETATM 1466 O O   . HOH E 5 .   ? 3.884   -13.888 9.802   1.00 47.32  ? 431 HOH A O   1 
HETATM 1467 O O   . HOH E 5 .   ? -9.656  9.440   10.442  1.00 38.71  ? 432 HOH A O   1 
HETATM 1468 O O   . HOH E 5 .   ? 21.955  7.168   1.263   1.00 29.83  ? 433 HOH A O   1 
HETATM 1469 O O   . HOH E 5 .   ? 2.489   16.188  5.966   1.00 37.05  ? 434 HOH A O   1 
HETATM 1470 O O   . HOH E 5 .   ? 15.617  6.148   -12.295 1.00 50.25  ? 435 HOH A O   1 
HETATM 1471 O O   . HOH E 5 .   ? 20.327  12.886  -1.636  1.00 51.87  ? 436 HOH A O   1 
HETATM 1472 O O   . HOH E 5 .   ? 18.517  17.214  -0.204  1.00 51.82  ? 437 HOH A O   1 
HETATM 1473 O O   . HOH E 5 .   ? 4.411   5.763   -13.245 1.00 39.98  ? 438 HOH A O   1 
HETATM 1474 O O   . HOH E 5 .   ? 12.438  4.426   10.063  1.00 45.10  ? 439 HOH A O   1 
HETATM 1475 O O   . HOH E 5 .   ? 1.900   6.012   -14.129 1.00 44.16  ? 440 HOH A O   1 
HETATM 1476 O O   . HOH E 5 .   ? 9.338   9.076   -11.297 1.00 40.73  ? 441 HOH A O   1 
# 
